data_4DOJ
#
_entry.id   4DOJ
#
_cell.length_a   117.440
_cell.length_b   129.320
_cell.length_c   184.860
_cell.angle_alpha   90.000
_cell.angle_beta   90.000
_cell.angle_gamma   90.000
#
_symmetry.space_group_name_H-M   'P 21 21 21'
#
loop_
_entity.id
_entity.type
_entity.pdbx_description
1 polymer 'Glycine betaine transporter BetP'
2 non-polymer 'CHLORIDE ION'
3 non-polymer '(1S)-2-{[{[(2R)-2,3-DIHYDROXYPROPYL]OXY}(HYDROXY)PHOSPHORYL]OXY}-1-[(PALMITOYLOXY)METHYL]ETHYL STEARATE'
4 non-polymer 'CHOLINE ION'
5 water water
#
_entity_poly.entity_id   1
_entity_poly.type   'polypeptide(L)'
_entity_poly.pdbx_seq_one_letter_code
;LENPTNLEGKLADAEEEIILEGEDTQASLNWSVIVPALVIVLATVVWGIGFKDSFTNFASSALSAVVDNLGWAFILFGTV
FVFFIVVIAASKFGTIRLGRIDEAPEFRTVSWISMMFAAGMGIDLMFYGTTEPLTFYRNGVPGHDEHNVGVAMSTTMFHW
TLHPWAIYAIVGLAIAYSTFRVGRKQLLSSAFVPLIGEKGAEGWLGKLIDILAIIATVFGTACSLGLGALQIGAGLSAAN
IIEDPSDWTIVGIVSVLTLAFIFSAISGVGKGIQYLSNANMVLAALLAIFVFVVGPTVSILNLLPGSIGNYLSNFFQMAG
RTAMSADGTAGEWLGSWTIFYWAWWISWSPFVGMFLARISRGRSIREFILGVLLVPAGVSTVWFSIFGGTAIVFEQNGES
IWGDGAAEEQLFGLLHALPGGQIMGIIAMILLGTFFITSADSASTVMGTMSQHGQLEANKWVTAAWGVATAAIGLTLLLS
GGDNALSNLQNVTIVAATPFLFVVIGLMFALVKDLSNDVIYLEYREQQRFNARLARERRVHNEHRKRELAAKRRRERKAS
GAGKRR
;
_entity_poly.pdbx_strand_id   A,B,C
#
loop_
_chem_comp.id
_chem_comp.type
_chem_comp.name
_chem_comp.formula
CHT non-polymer 'CHOLINE ION' 'C5 H14 N O 1'
CL non-polymer 'CHLORIDE ION' 'Cl -1'
PGT non-polymer '(1S)-2-{[{[(2R)-2,3-DIHYDROXYPROPYL]OXY}(HYDROXY)PHOSPHORYL]OXY}-1-[(PALMITOYLOXY)METHYL]ETHYL STEARATE' 'C40 H79 O10 P'
#
# COMPACT_ATOMS: atom_id res chain seq x y z
N SER A 28 14.73 19.06 45.67
CA SER A 28 14.15 20.38 45.48
C SER A 28 12.73 20.28 44.93
N LEU A 29 11.94 21.34 45.12
CA LEU A 29 10.59 21.39 44.58
C LEU A 29 10.36 22.66 43.75
N ASN A 30 9.56 22.54 42.71
CA ASN A 30 9.24 23.66 41.84
C ASN A 30 7.98 24.38 42.27
N TRP A 31 8.11 25.27 43.26
CA TRP A 31 6.97 26.04 43.74
C TRP A 31 6.67 27.22 42.82
N SER A 32 6.86 27.00 41.52
CA SER A 32 6.55 28.01 40.52
C SER A 32 5.73 27.39 39.39
N VAL A 33 5.84 26.08 39.25
CA VAL A 33 5.08 25.33 38.26
C VAL A 33 3.93 24.59 38.93
N ILE A 34 4.10 24.29 40.21
CA ILE A 34 3.10 23.56 40.97
C ILE A 34 2.09 24.52 41.60
N VAL A 35 2.50 25.76 41.79
CA VAL A 35 1.62 26.79 42.34
C VAL A 35 0.48 27.09 41.36
N PRO A 36 0.82 27.38 40.09
CA PRO A 36 -0.23 27.58 39.10
C PRO A 36 -0.89 26.25 38.74
N ALA A 37 -0.44 25.17 39.38
CA ALA A 37 -0.96 23.84 39.09
C ALA A 37 -2.26 23.55 39.83
N LEU A 38 -2.14 23.20 41.11
CA LEU A 38 -3.30 22.84 41.92
C LEU A 38 -4.32 23.98 42.03
N VAL A 39 -3.89 25.19 41.68
CA VAL A 39 -4.78 26.35 41.73
C VAL A 39 -5.90 26.24 40.72
N ILE A 40 -5.63 25.55 39.61
CA ILE A 40 -6.66 25.33 38.58
C ILE A 40 -7.06 23.86 38.51
N VAL A 41 -6.20 22.99 39.04
CA VAL A 41 -6.54 21.57 39.16
C VAL A 41 -7.81 21.45 39.99
N LEU A 42 -7.92 22.29 41.02
CA LEU A 42 -9.07 22.28 41.90
C LEU A 42 -10.10 23.34 41.48
N ALA A 43 -9.64 24.35 40.75
CA ALA A 43 -10.54 25.37 40.22
C ALA A 43 -11.50 24.74 39.22
N THR A 44 -11.32 23.45 38.98
CA THR A 44 -12.22 22.68 38.14
C THR A 44 -12.81 21.52 38.94
N VAL A 45 -12.05 21.04 39.92
CA VAL A 45 -12.53 19.98 40.81
C VAL A 45 -13.65 20.49 41.69
N VAL A 46 -13.37 21.52 42.47
CA VAL A 46 -14.38 22.16 43.33
C VAL A 46 -15.41 22.88 42.45
N TRP A 47 -15.01 23.19 41.23
CA TRP A 47 -15.90 23.81 40.25
C TRP A 47 -16.94 22.83 39.75
N GLY A 48 -16.54 21.57 39.67
CA GLY A 48 -17.42 20.51 39.19
C GLY A 48 -18.37 20.00 40.26
N ILE A 49 -17.82 19.66 41.42
CA ILE A 49 -18.62 19.16 42.53
C ILE A 49 -19.41 20.28 43.21
N GLY A 50 -18.82 21.48 43.25
CA GLY A 50 -19.44 22.61 43.90
C GLY A 50 -19.75 23.75 42.97
N PHE A 51 -19.86 24.96 43.53
CA PHE A 51 -20.21 26.14 42.76
C PHE A 51 -21.44 25.85 41.91
N LYS A 52 -21.35 26.13 40.62
CA LYS A 52 -22.43 25.80 39.70
C LYS A 52 -22.27 24.36 39.23
N ASP A 53 -23.00 23.45 39.86
CA ASP A 53 -22.88 22.03 39.57
C ASP A 53 -23.10 21.70 38.09
N SER A 54 -24.12 22.32 37.50
CA SER A 54 -24.48 22.01 36.13
C SER A 54 -23.90 23.02 35.13
N PHE A 55 -22.97 23.84 35.61
CA PHE A 55 -22.26 24.78 34.75
C PHE A 55 -21.15 24.03 34.03
N THR A 56 -20.69 22.94 34.65
CA THR A 56 -19.66 22.10 34.06
C THR A 56 -20.22 21.38 32.83
N ASN A 57 -21.55 21.40 32.71
CA ASN A 57 -22.22 20.85 31.54
C ASN A 57 -22.32 21.88 30.42
N PHE A 58 -21.50 22.92 30.51
CA PHE A 58 -21.38 23.90 29.44
C PHE A 58 -20.05 23.69 28.72
N ALA A 59 -19.11 23.07 29.44
CA ALA A 59 -17.83 22.70 28.85
C ALA A 59 -18.00 21.42 28.03
N SER A 60 -18.96 20.60 28.42
CA SER A 60 -19.29 19.37 27.68
C SER A 60 -19.88 19.73 26.32
N SER A 61 -20.51 20.89 26.24
CA SER A 61 -20.99 21.42 24.96
C SER A 61 -19.98 22.44 24.43
N ALA A 62 -18.82 22.49 25.05
CA ALA A 62 -17.74 23.38 24.62
C ALA A 62 -16.67 22.62 23.85
N LEU A 63 -16.66 21.29 23.97
CA LEU A 63 -15.75 20.49 23.17
C LEU A 63 -16.25 20.42 21.74
N SER A 64 -17.56 20.61 21.56
CA SER A 64 -18.13 20.67 20.22
C SER A 64 -17.68 21.96 19.54
N ALA A 65 -16.61 22.54 20.05
CA ALA A 65 -15.97 23.70 19.45
C ALA A 65 -14.56 23.33 19.03
N VAL A 66 -13.98 22.35 19.72
CA VAL A 66 -12.69 21.82 19.32
C VAL A 66 -12.87 20.63 18.39
N VAL A 67 -13.69 19.66 18.80
CA VAL A 67 -13.89 18.45 18.01
C VAL A 67 -14.30 18.74 16.57
N ASP A 68 -15.12 19.76 16.36
CA ASP A 68 -15.54 20.08 15.01
C ASP A 68 -14.64 21.10 14.30
N ASN A 69 -13.96 21.94 15.08
CA ASN A 69 -13.08 22.96 14.50
C ASN A 69 -11.61 22.55 14.43
N LEU A 70 -11.23 21.55 15.22
CA LEU A 70 -9.87 21.04 15.20
C LEU A 70 -9.83 19.56 14.85
N GLY A 71 -11.02 18.96 14.71
CA GLY A 71 -11.12 17.56 14.34
C GLY A 71 -10.19 17.23 13.18
N TRP A 72 -10.21 18.08 12.16
CA TRP A 72 -9.34 17.89 11.01
C TRP A 72 -7.88 17.82 11.46
N ALA A 73 -7.45 18.81 12.24
CA ALA A 73 -6.07 18.88 12.71
C ALA A 73 -5.70 17.72 13.64
N PHE A 74 -6.71 17.10 14.25
CA PHE A 74 -6.46 15.92 15.08
C PHE A 74 -6.21 14.68 14.23
N ILE A 75 -6.86 14.62 13.07
CA ILE A 75 -6.72 13.50 12.15
C ILE A 75 -5.47 13.61 11.30
N LEU A 76 -5.39 14.71 10.55
CA LEU A 76 -4.27 14.93 9.63
C LEU A 76 -2.94 14.59 10.29
N PHE A 77 -2.67 15.23 11.42
CA PHE A 77 -1.38 15.08 12.07
C PHE A 77 -1.28 13.78 12.85
N GLY A 78 -2.42 13.22 13.23
CA GLY A 78 -2.45 11.95 13.90
C GLY A 78 -1.89 10.84 13.02
N THR A 79 -2.23 10.90 11.74
CA THR A 79 -1.75 9.93 10.75
C THR A 79 -0.28 10.20 10.41
N VAL A 80 0.04 11.45 10.15
CA VAL A 80 1.42 11.84 9.90
C VAL A 80 2.31 11.29 11.03
N PHE A 81 1.74 11.18 12.22
CA PHE A 81 2.48 10.63 13.36
C PHE A 81 2.95 9.20 13.09
N VAL A 82 2.16 8.43 12.35
CA VAL A 82 2.48 7.02 12.11
C VAL A 82 3.55 6.84 11.04
N PHE A 83 3.58 7.73 10.05
CA PHE A 83 4.66 7.74 9.07
C PHE A 83 5.91 8.32 9.70
N PHE A 84 5.74 9.42 10.43
CA PHE A 84 6.87 10.13 11.01
C PHE A 84 7.86 9.19 11.71
N ILE A 85 7.46 8.59 12.83
CA ILE A 85 8.38 7.71 13.53
C ILE A 85 8.86 6.58 12.64
N VAL A 86 7.95 5.95 11.91
CA VAL A 86 8.32 4.79 11.11
C VAL A 86 9.55 5.06 10.24
N VAL A 87 9.67 6.25 9.68
CA VAL A 87 10.86 6.59 8.91
C VAL A 87 12.06 6.80 9.84
N ILE A 88 11.82 7.51 10.96
CA ILE A 88 12.87 7.69 11.97
C ILE A 88 13.42 6.34 12.37
N ALA A 89 12.52 5.38 12.58
CA ALA A 89 12.90 4.03 12.95
C ALA A 89 13.81 3.43 11.88
N ALA A 90 13.43 3.57 10.62
CA ALA A 90 14.20 3.02 9.52
C ALA A 90 15.41 3.88 9.20
N SER A 91 15.38 5.12 9.65
CA SER A 91 16.47 6.06 9.39
C SER A 91 17.76 5.63 10.07
N LYS A 92 18.87 6.25 9.70
CA LYS A 92 20.13 6.00 10.38
C LYS A 92 19.99 6.33 11.85
N PHE A 93 19.06 7.25 12.15
CA PHE A 93 18.76 7.58 13.53
C PHE A 93 18.44 6.32 14.32
N GLY A 94 17.87 5.34 13.62
CA GLY A 94 17.47 4.09 14.25
C GLY A 94 18.62 3.25 14.76
N THR A 95 19.85 3.75 14.64
CA THR A 95 21.00 3.04 15.17
C THR A 95 21.52 3.71 16.44
N ILE A 96 21.30 5.01 16.54
CA ILE A 96 21.64 5.74 17.75
C ILE A 96 21.11 5.02 19.00
N ARG A 97 22.02 4.65 19.89
CA ARG A 97 21.63 4.04 21.15
C ARG A 97 21.24 5.13 22.14
N LEU A 98 20.31 4.81 23.03
CA LEU A 98 19.72 5.80 23.92
C LEU A 98 20.43 5.92 25.26
N GLY A 99 21.58 6.59 25.26
CA GLY A 99 22.30 6.85 26.49
C GLY A 99 23.77 6.49 26.42
N ARG A 100 24.63 7.45 26.77
CA ARG A 100 26.07 7.25 26.88
C ARG A 100 26.55 6.00 26.15
N ILE A 101 26.49 6.03 24.82
CA ILE A 101 26.89 4.91 23.97
C ILE A 101 26.44 3.55 24.52
N ASP A 102 27.42 2.72 24.88
CA ASP A 102 27.17 1.36 25.35
C ASP A 102 25.84 1.19 26.11
N GLU A 103 25.85 1.53 27.39
CA GLU A 103 24.65 1.42 28.23
C GLU A 103 23.92 0.10 28.00
N ALA A 104 24.47 -0.98 28.52
CA ALA A 104 23.84 -2.29 28.41
C ALA A 104 22.37 -2.17 28.77
N PRO A 105 21.49 -2.73 27.93
CA PRO A 105 20.04 -2.66 28.11
C PRO A 105 19.64 -2.81 29.58
N GLU A 106 18.88 -1.85 30.09
CA GLU A 106 18.53 -1.78 31.51
C GLU A 106 17.69 -2.98 31.94
N PHE A 107 16.40 -2.94 31.64
CA PHE A 107 15.47 -4.01 32.01
C PHE A 107 15.52 -5.21 31.06
N ARG A 108 15.80 -4.93 29.78
CA ARG A 108 15.85 -5.95 28.73
C ARG A 108 14.52 -6.08 27.96
N THR A 109 13.76 -7.14 28.23
CA THR A 109 12.52 -7.40 27.51
C THR A 109 11.35 -7.62 28.46
N VAL A 110 10.26 -8.19 27.93
CA VAL A 110 9.04 -8.50 28.68
C VAL A 110 8.50 -7.38 29.57
N SER A 111 9.30 -6.93 30.53
CA SER A 111 8.91 -5.82 31.38
C SER A 111 8.43 -4.65 30.53
N TRP A 112 8.96 -4.54 29.32
CA TRP A 112 8.53 -3.52 28.38
C TRP A 112 7.05 -3.70 28.06
N ILE A 113 6.75 -4.72 27.26
CA ILE A 113 5.37 -5.00 26.84
C ILE A 113 4.41 -5.08 28.02
N SER A 114 4.94 -5.35 29.20
CA SER A 114 4.12 -5.41 30.40
C SER A 114 3.84 -4.01 30.94
N MET A 115 4.83 -3.12 30.83
CA MET A 115 4.69 -1.76 31.30
C MET A 115 4.21 -0.82 30.20
N MET A 116 4.16 -1.32 28.97
CA MET A 116 3.61 -0.56 27.87
C MET A 116 2.15 -0.28 28.18
N PHE A 117 1.40 -1.35 28.41
CA PHE A 117 -0.03 -1.24 28.67
C PHE A 117 -0.34 -0.87 30.11
N ALA A 118 0.15 -1.69 31.05
CA ALA A 118 -0.07 -1.42 32.47
C ALA A 118 -0.04 0.07 32.74
N ALA A 119 0.93 0.76 32.13
CA ALA A 119 1.05 2.20 32.25
C ALA A 119 0.17 2.92 31.23
N GLY A 120 0.54 2.80 29.96
CA GLY A 120 -0.20 3.44 28.88
C GLY A 120 -1.68 3.10 28.88
N MET A 121 -2.00 1.87 28.53
CA MET A 121 -3.38 1.41 28.49
C MET A 121 -3.78 0.74 29.79
N GLY A 122 -3.85 -0.59 29.78
CA GLY A 122 -4.14 -1.36 30.97
C GLY A 122 -5.62 -1.64 31.18
N ILE A 123 -6.27 -0.81 31.98
CA ILE A 123 -7.68 -0.98 32.29
C ILE A 123 -8.56 -0.74 31.06
N ASP A 124 -8.13 0.17 30.20
CA ASP A 124 -8.89 0.53 28.99
C ASP A 124 -9.08 -0.69 28.08
N LEU A 125 -8.09 -1.57 28.08
CA LEU A 125 -8.11 -2.76 27.22
C LEU A 125 -9.33 -3.64 27.52
N MET A 126 -10.06 -3.30 28.56
CA MET A 126 -11.21 -4.09 28.98
C MET A 126 -12.51 -3.30 28.89
N PHE A 127 -12.52 -2.11 29.49
CA PHE A 127 -13.70 -1.26 29.52
C PHE A 127 -13.97 -0.61 28.16
N TYR A 128 -13.61 -1.31 27.09
CA TYR A 128 -13.83 -0.83 25.74
C TYR A 128 -13.35 -1.85 24.72
N GLY A 129 -12.59 -2.84 25.19
CA GLY A 129 -11.95 -3.81 24.32
C GLY A 129 -12.79 -5.01 23.93
N THR A 130 -13.87 -5.26 24.67
CA THR A 130 -14.73 -6.39 24.38
C THR A 130 -16.11 -5.92 23.93
N THR A 131 -16.25 -4.60 23.79
CA THR A 131 -17.53 -4.02 23.42
C THR A 131 -17.43 -3.17 22.15
N GLU A 132 -16.21 -2.76 21.81
CA GLU A 132 -16.02 -1.91 20.64
C GLU A 132 -16.18 -2.69 19.32
N PRO A 133 -15.56 -3.87 19.22
CA PRO A 133 -15.82 -4.71 18.05
C PRO A 133 -17.29 -5.09 18.00
N LEU A 134 -17.95 -5.06 19.15
CA LEU A 134 -19.35 -5.46 19.26
C LEU A 134 -20.30 -4.32 18.87
N THR A 135 -20.03 -3.14 19.39
CA THR A 135 -20.86 -1.98 19.06
C THR A 135 -20.75 -1.68 17.57
N PHE A 136 -19.58 -1.94 17.00
CA PHE A 136 -19.35 -1.70 15.57
C PHE A 136 -20.02 -2.77 14.71
N TYR A 137 -19.98 -4.01 15.17
CA TYR A 137 -20.69 -5.10 14.48
C TYR A 137 -22.19 -4.83 14.50
N ARG A 138 -22.65 -4.09 15.50
CA ARG A 138 -24.08 -3.79 15.63
C ARG A 138 -24.50 -2.56 14.84
N ASN A 139 -24.12 -1.38 15.32
CA ASN A 139 -24.55 -0.13 14.70
C ASN A 139 -23.93 0.12 13.34
N GLY A 140 -22.74 -0.42 13.12
CA GLY A 140 -22.03 -0.20 11.87
C GLY A 140 -21.44 1.20 11.78
N VAL A 141 -20.17 1.26 11.40
CA VAL A 141 -19.46 2.51 11.23
C VAL A 141 -19.98 3.26 10.00
N PRO A 142 -19.94 4.60 10.04
CA PRO A 142 -20.36 5.43 8.92
C PRO A 142 -19.58 5.14 7.64
N GLY A 143 -20.30 4.83 6.57
CA GLY A 143 -19.70 4.46 5.31
C GLY A 143 -19.87 2.97 5.06
N HIS A 144 -20.58 2.31 5.95
CA HIS A 144 -20.76 0.87 5.89
C HIS A 144 -22.06 0.43 6.54
N ASP A 145 -22.59 -0.69 6.07
CA ASP A 145 -23.76 -1.29 6.68
C ASP A 145 -23.37 -1.99 7.98
N GLU A 146 -24.35 -2.56 8.66
CA GLU A 146 -24.11 -3.29 9.90
C GLU A 146 -23.54 -4.68 9.62
N HIS A 147 -23.31 -5.44 10.68
CA HIS A 147 -22.88 -6.83 10.55
C HIS A 147 -21.62 -7.01 9.70
N ASN A 148 -20.71 -6.05 9.77
CA ASN A 148 -19.48 -6.16 9.00
C ASN A 148 -18.29 -6.58 9.86
N VAL A 149 -18.13 -7.89 10.03
CA VAL A 149 -17.02 -8.45 10.77
C VAL A 149 -15.72 -7.74 10.43
N GLY A 150 -15.60 -7.34 9.17
CA GLY A 150 -14.39 -6.69 8.68
C GLY A 150 -14.13 -5.31 9.23
N VAL A 151 -15.06 -4.39 9.02
CA VAL A 151 -14.90 -3.03 9.51
C VAL A 151 -14.95 -3.03 11.04
N ALA A 152 -15.74 -3.95 11.58
CA ALA A 152 -15.86 -4.10 13.03
C ALA A 152 -14.48 -4.32 13.64
N MET A 153 -13.65 -5.10 12.95
CA MET A 153 -12.30 -5.34 13.42
C MET A 153 -11.35 -4.22 13.02
N SER A 154 -11.54 -3.71 11.81
CA SER A 154 -10.63 -2.72 11.25
C SER A 154 -10.70 -1.38 11.95
N THR A 155 -11.91 -0.97 12.32
CA THR A 155 -12.11 0.35 12.90
C THR A 155 -11.71 0.42 14.37
N THR A 156 -11.77 -0.73 15.05
CA THR A 156 -11.35 -0.80 16.44
C THR A 156 -9.83 -0.72 16.55
N MET A 157 -9.14 -1.41 15.66
CA MET A 157 -7.68 -1.42 15.66
C MET A 157 -7.13 -0.05 15.28
N PHE A 158 -7.80 0.60 14.33
CA PHE A 158 -7.42 1.93 13.91
C PHE A 158 -7.25 2.84 15.12
N HIS A 159 -7.91 2.47 16.22
CA HIS A 159 -7.89 3.28 17.44
C HIS A 159 -6.91 2.74 18.48
N TRP A 160 -6.82 1.42 18.59
CA TRP A 160 -6.07 0.81 19.68
C TRP A 160 -4.75 0.14 19.27
N THR A 161 -4.18 0.53 18.14
CA THR A 161 -2.95 -0.10 17.68
C THR A 161 -1.89 0.86 17.16
N LEU A 162 -1.72 0.88 15.84
CA LEU A 162 -0.67 1.65 15.19
C LEU A 162 -0.79 3.14 15.47
N HIS A 163 -2.00 3.66 15.36
CA HIS A 163 -2.23 5.08 15.55
C HIS A 163 -1.91 5.61 16.96
N PRO A 164 -2.48 4.98 18.02
CA PRO A 164 -2.24 5.52 19.35
C PRO A 164 -0.78 5.45 19.78
N TRP A 165 -0.20 4.26 19.76
CA TRP A 165 1.19 4.09 20.19
C TRP A 165 2.16 5.06 19.52
N ALA A 166 1.82 5.49 18.30
CA ALA A 166 2.69 6.38 17.53
C ALA A 166 2.76 7.77 18.14
N ILE A 167 1.73 8.15 18.90
CA ILE A 167 1.72 9.42 19.61
C ILE A 167 2.67 9.31 20.80
N TYR A 168 2.77 8.09 21.33
CA TYR A 168 3.62 7.81 22.47
C TYR A 168 5.10 7.80 22.11
N ALA A 169 5.45 7.01 21.10
CA ALA A 169 6.84 6.83 20.69
C ALA A 169 7.53 8.15 20.31
N ILE A 170 6.74 9.13 19.91
CA ILE A 170 7.29 10.47 19.67
C ILE A 170 7.74 11.10 20.98
N VAL A 171 6.77 11.37 21.86
CA VAL A 171 7.08 11.92 23.18
C VAL A 171 8.04 10.99 23.92
N GLY A 172 7.93 9.70 23.65
CA GLY A 172 8.83 8.71 24.22
C GLY A 172 10.26 8.95 23.79
N LEU A 173 10.48 9.10 22.49
CA LEU A 173 11.82 9.40 21.97
C LEU A 173 12.28 10.77 22.41
N ALA A 174 11.50 11.79 22.06
CA ALA A 174 11.82 13.16 22.42
C ALA A 174 12.32 13.26 23.85
N ILE A 175 11.62 12.57 24.76
CA ILE A 175 11.98 12.58 26.17
C ILE A 175 13.15 11.66 26.48
N ALA A 176 13.07 10.43 25.99
CA ALA A 176 14.14 9.46 26.24
C ALA A 176 15.50 9.94 25.75
N TYR A 177 15.55 10.40 24.50
CA TYR A 177 16.78 10.91 23.93
C TYR A 177 17.25 12.14 24.71
N SER A 178 16.30 12.99 25.09
CA SER A 178 16.61 14.23 25.79
C SER A 178 17.38 13.99 27.08
N THR A 179 17.02 12.93 27.80
CA THR A 179 17.59 12.69 29.13
C THR A 179 18.75 11.70 29.15
N PHE A 180 18.51 10.51 28.62
CA PHE A 180 19.50 9.43 28.69
C PHE A 180 20.70 9.63 27.76
N ARG A 181 20.47 10.27 26.62
CA ARG A 181 21.54 10.50 25.64
C ARG A 181 22.30 11.77 25.96
N VAL A 182 21.70 12.91 25.63
CA VAL A 182 22.30 14.21 25.93
C VAL A 182 22.77 14.26 27.38
N GLY A 183 21.91 13.81 28.27
CA GLY A 183 22.25 13.75 29.68
C GLY A 183 21.70 14.91 30.48
N ARG A 184 20.41 15.18 30.35
CA ARG A 184 19.78 16.27 31.11
C ARG A 184 18.49 15.89 31.81
N LYS A 185 17.73 16.91 32.19
CA LYS A 185 16.56 16.75 33.06
C LYS A 185 15.44 15.91 32.45
N GLN A 186 14.76 15.15 33.31
CA GLN A 186 13.67 14.28 32.88
C GLN A 186 12.37 15.04 32.76
N LEU A 187 12.45 16.35 32.88
CA LEU A 187 11.28 17.21 32.70
C LEU A 187 10.92 17.26 31.22
N LEU A 188 9.63 17.16 30.91
CA LEU A 188 9.18 17.01 29.53
C LEU A 188 9.56 18.17 28.60
N SER A 189 9.35 19.39 29.06
CA SER A 189 9.60 20.56 28.21
C SER A 189 11.08 20.67 27.83
N SER A 190 11.89 19.77 28.36
CA SER A 190 13.31 19.73 28.04
C SER A 190 13.54 19.45 26.55
N ALA A 191 12.79 18.49 26.02
CA ALA A 191 12.95 18.10 24.62
C ALA A 191 12.73 19.27 23.65
N PHE A 192 12.27 20.40 24.17
CA PHE A 192 12.03 21.57 23.33
C PHE A 192 13.17 22.58 23.43
N VAL A 193 14.35 22.14 23.81
CA VAL A 193 15.50 23.02 23.83
C VAL A 193 16.16 23.19 22.45
N PRO A 194 16.06 22.16 21.59
CA PRO A 194 16.62 22.32 20.24
C PRO A 194 15.82 23.32 19.39
N LEU A 195 14.70 23.81 19.92
CA LEU A 195 13.85 24.75 19.19
C LEU A 195 13.70 26.09 19.91
N ILE A 196 13.70 26.06 21.24
CA ILE A 196 13.54 27.28 22.01
C ILE A 196 14.85 27.71 22.65
N GLY A 197 15.93 27.01 22.32
CA GLY A 197 17.22 27.29 22.90
C GLY A 197 17.42 26.51 24.19
N GLU A 198 18.66 26.08 24.43
CA GLU A 198 18.96 25.25 25.60
C GLU A 198 19.19 26.07 26.86
N LYS A 199 18.56 25.65 27.96
CA LYS A 199 18.73 26.30 29.26
C LYS A 199 18.05 27.66 29.33
N GLY A 200 17.59 28.16 28.18
CA GLY A 200 16.96 29.47 28.12
C GLY A 200 15.52 29.38 27.69
N ALA A 201 14.95 28.18 27.80
CA ALA A 201 13.56 27.94 27.39
C ALA A 201 12.63 27.81 28.59
N GLU A 202 12.85 28.65 29.61
CA GLU A 202 11.99 28.66 30.79
C GLU A 202 11.30 30.01 30.97
N GLY A 203 10.05 30.09 30.54
CA GLY A 203 9.28 31.32 30.61
C GLY A 203 7.98 31.20 29.83
N TRP A 204 7.74 32.15 28.93
CA TRP A 204 6.58 32.08 28.05
C TRP A 204 6.34 30.63 27.67
N LEU A 205 7.29 30.06 26.92
CA LEU A 205 7.27 28.65 26.60
C LEU A 205 8.26 27.90 27.49
N GLY A 206 7.82 26.80 28.08
CA GLY A 206 8.69 26.00 28.92
C GLY A 206 8.01 25.59 30.20
N LYS A 207 7.93 26.52 31.14
CA LYS A 207 7.19 26.29 32.38
C LYS A 207 5.73 26.05 32.03
N LEU A 208 5.23 26.78 31.03
CA LEU A 208 3.85 26.67 30.58
C LEU A 208 3.54 25.24 30.12
N ILE A 209 4.54 24.61 29.50
CA ILE A 209 4.41 23.23 29.03
C ILE A 209 4.32 22.27 30.20
N ASP A 210 5.20 22.44 31.18
CA ASP A 210 5.20 21.61 32.38
C ASP A 210 3.89 21.78 33.15
N ILE A 211 3.41 23.01 33.20
CA ILE A 211 2.12 23.28 33.82
C ILE A 211 1.03 22.46 33.13
N LEU A 212 0.89 22.67 31.83
CA LEU A 212 -0.10 21.94 31.05
C LEU A 212 0.18 20.44 31.06
N ALA A 213 1.38 20.07 31.49
CA ALA A 213 1.77 18.67 31.58
C ALA A 213 1.19 18.00 32.82
N ILE A 214 1.44 18.60 33.98
CA ILE A 214 0.95 18.04 35.24
C ILE A 214 -0.57 17.92 35.26
N ILE A 215 -1.25 18.94 34.74
CA ILE A 215 -2.71 18.93 34.67
C ILE A 215 -3.18 17.72 33.87
N ALA A 216 -2.61 17.57 32.67
CA ALA A 216 -3.02 16.52 31.75
C ALA A 216 -2.77 15.13 32.33
N THR A 217 -1.87 15.04 33.32
CA THR A 217 -1.58 13.76 33.95
C THR A 217 -2.49 13.53 35.15
N VAL A 218 -2.89 14.61 35.82
CA VAL A 218 -3.82 14.51 36.93
C VAL A 218 -5.18 14.01 36.45
N PHE A 219 -5.75 14.72 35.46
CA PHE A 219 -7.04 14.35 34.91
C PHE A 219 -7.00 12.97 34.29
N GLY A 220 -6.00 12.73 33.44
CA GLY A 220 -5.84 11.43 32.81
C GLY A 220 -5.89 10.30 33.82
N THR A 221 -5.24 10.51 34.96
CA THR A 221 -5.23 9.52 36.03
C THR A 221 -6.55 9.49 36.77
N ALA A 222 -7.06 10.67 37.11
CA ALA A 222 -8.34 10.79 37.83
C ALA A 222 -9.46 10.05 37.09
N CYS A 223 -9.46 10.16 35.76
CA CYS A 223 -10.47 9.50 34.94
C CYS A 223 -10.43 7.98 35.10
N SER A 224 -9.23 7.42 34.93
CA SER A 224 -9.05 5.97 35.03
C SER A 224 -9.39 5.46 36.44
N LEU A 225 -9.09 6.28 37.44
CA LEU A 225 -9.36 5.91 38.83
C LEU A 225 -10.86 5.90 39.11
N GLY A 226 -11.58 6.87 38.54
CA GLY A 226 -13.01 6.95 38.71
C GLY A 226 -13.73 5.86 37.93
N LEU A 227 -13.10 5.40 36.86
CA LEU A 227 -13.67 4.34 36.03
C LEU A 227 -13.83 3.06 36.84
N GLY A 228 -12.83 2.76 37.66
CA GLY A 228 -12.85 1.57 38.50
C GLY A 228 -14.13 1.53 39.33
N ALA A 229 -14.46 2.65 39.95
CA ALA A 229 -15.66 2.74 40.76
C ALA A 229 -16.91 2.54 39.92
N LEU A 230 -16.94 3.17 38.74
CA LEU A 230 -18.09 3.07 37.85
C LEU A 230 -18.27 1.66 37.30
N GLN A 231 -17.16 1.03 36.92
CA GLN A 231 -17.20 -0.31 36.36
C GLN A 231 -17.41 -1.37 37.44
N ILE A 232 -16.95 -1.08 38.65
CA ILE A 232 -17.16 -1.99 39.77
C ILE A 232 -18.58 -1.89 40.31
N GLY A 233 -19.05 -0.66 40.48
CA GLY A 233 -20.41 -0.43 40.95
C GLY A 233 -21.44 -1.07 40.05
N ALA A 234 -21.19 -1.02 38.75
CA ALA A 234 -22.09 -1.62 37.77
C ALA A 234 -21.58 -2.99 37.33
N GLY A 235 -20.46 -3.41 37.92
CA GLY A 235 -19.85 -4.68 37.58
C GLY A 235 -20.04 -5.73 38.66
N LEU A 236 -20.21 -5.27 39.90
CA LEU A 236 -20.46 -6.17 41.01
C LEU A 236 -21.83 -6.83 40.88
N SER A 237 -22.61 -6.38 39.91
CA SER A 237 -23.94 -6.93 39.68
C SER A 237 -23.88 -8.43 39.39
N ALA A 238 -22.70 -8.90 39.00
CA ALA A 238 -22.49 -10.33 38.75
C ALA A 238 -22.24 -11.07 40.07
N ALA A 239 -22.44 -10.36 41.17
CA ALA A 239 -22.24 -10.93 42.50
C ALA A 239 -23.24 -10.37 43.50
N ASN A 240 -23.04 -9.13 43.92
CA ASN A 240 -23.96 -8.48 44.84
C ASN A 240 -24.06 -6.97 44.63
N ILE A 242 -24.85 -6.32 45.48
CA ILE A 242 -25.12 -4.89 45.35
C ILE A 242 -26.02 -4.59 44.17
N GLU A 243 -27.34 -4.63 44.40
CA GLU A 243 -28.30 -4.30 43.36
C GLU A 243 -28.89 -2.92 43.62
N ASP A 244 -28.41 -2.28 44.69
CA ASP A 244 -28.83 -0.93 45.04
C ASP A 244 -28.39 0.04 43.95
N PRO A 245 -28.70 1.34 44.13
CA PRO A 245 -28.23 2.33 43.15
C PRO A 245 -26.71 2.40 43.07
N SER A 246 -26.19 3.58 42.78
CA SER A 246 -24.74 3.77 42.63
C SER A 246 -24.29 5.13 43.15
N ASP A 247 -24.16 5.24 44.47
CA ASP A 247 -23.73 6.50 45.08
C ASP A 247 -22.92 6.26 46.36
N TRP A 248 -23.60 6.11 47.49
CA TRP A 248 -22.94 5.93 48.77
C TRP A 248 -22.34 4.54 48.89
N THR A 249 -22.90 3.60 48.13
CA THR A 249 -22.39 2.23 48.12
C THR A 249 -20.96 2.21 47.58
N ILE A 250 -20.65 3.18 46.71
CA ILE A 250 -19.34 3.28 46.10
C ILE A 250 -18.29 3.84 47.07
N VAL A 251 -18.75 4.39 48.19
CA VAL A 251 -17.85 4.88 49.22
C VAL A 251 -16.88 3.77 49.64
N GLY A 252 -17.37 2.54 49.62
CA GLY A 252 -16.56 1.39 49.97
C GLY A 252 -15.72 0.91 48.79
N ILE A 253 -15.86 1.57 47.65
CA ILE A 253 -15.10 1.22 46.46
C ILE A 253 -13.89 2.13 46.30
N VAL A 254 -14.13 3.42 46.09
CA VAL A 254 -13.06 4.39 45.92
C VAL A 254 -12.21 4.52 47.18
N SER A 255 -12.87 4.66 48.32
CA SER A 255 -12.20 4.91 49.59
C SER A 255 -11.41 3.70 50.09
N VAL A 256 -11.78 2.51 49.62
CA VAL A 256 -11.12 1.28 50.05
C VAL A 256 -10.01 0.85 49.10
N LEU A 257 -10.30 0.86 47.80
CA LEU A 257 -9.31 0.47 46.80
C LEU A 257 -8.09 1.39 46.82
N THR A 258 -8.30 2.67 47.13
CA THR A 258 -7.20 3.61 47.24
C THR A 258 -6.49 3.44 48.57
N LEU A 259 -7.23 3.01 49.59
CA LEU A 259 -6.67 2.74 50.90
C LEU A 259 -5.71 1.55 50.79
N ALA A 260 -6.16 0.49 50.13
CA ALA A 260 -5.33 -0.68 49.91
C ALA A 260 -4.29 -0.40 48.84
N PHE A 261 -4.51 0.68 48.08
CA PHE A 261 -3.57 1.08 47.02
C PHE A 261 -2.24 1.55 47.59
N ILE A 262 -2.28 2.58 48.43
CA ILE A 262 -1.07 3.16 48.99
C ILE A 262 -0.34 2.15 49.88
N PHE A 263 0.47 1.30 49.26
CA PHE A 263 1.26 0.30 49.96
C PHE A 263 2.08 -0.57 48.99
N SER A 264 2.97 0.03 48.21
CA SER A 264 3.19 1.48 48.12
C SER A 264 3.34 2.19 49.47
N ALA A 265 2.90 3.44 49.51
CA ALA A 265 2.99 4.29 50.70
C ALA A 265 4.21 4.00 51.57
N ILE A 266 4.04 3.09 52.51
CA ILE A 266 5.10 2.72 53.45
C ILE A 266 6.46 2.56 52.77
N SER A 267 6.48 1.81 51.66
CA SER A 267 7.74 1.55 50.95
C SER A 267 7.56 1.60 49.43
N GLY A 268 8.62 1.97 48.74
CA GLY A 268 8.60 2.06 47.28
C GLY A 268 9.30 0.89 46.61
N VAL A 269 10.57 1.08 46.26
CA VAL A 269 11.26 2.35 46.49
C VAL A 269 12.34 2.59 45.44
N GLY A 270 11.95 3.13 44.28
CA GLY A 270 12.90 3.40 43.23
C GLY A 270 12.49 2.84 41.88
N LYS A 271 12.02 1.60 41.89
CA LYS A 271 11.66 0.93 40.63
C LYS A 271 10.19 0.51 40.61
N GLY A 272 9.95 -0.80 40.66
CA GLY A 272 8.59 -1.33 40.59
C GLY A 272 7.61 -0.67 41.52
N ILE A 273 6.32 -0.72 41.21
CA ILE A 273 5.80 -1.38 40.00
C ILE A 273 6.27 -2.84 39.90
N GLN A 274 6.43 -3.34 38.68
CA GLN A 274 6.97 -4.68 38.43
C GLN A 274 6.10 -5.84 38.95
N TYR A 275 5.77 -5.81 40.24
CA TYR A 275 4.96 -6.87 40.83
C TYR A 275 3.59 -6.94 40.18
N LEU A 276 3.35 -6.00 39.25
CA LEU A 276 2.10 -5.96 38.51
C LEU A 276 2.32 -6.35 37.05
N SER A 277 3.55 -6.21 36.59
CA SER A 277 3.89 -6.53 35.20
C SER A 277 3.64 -8.00 34.89
N ASN A 278 4.28 -8.88 35.64
CA ASN A 278 4.07 -10.32 35.47
C ASN A 278 2.66 -10.70 35.90
N ALA A 279 2.08 -9.88 36.77
CA ALA A 279 0.71 -10.08 37.21
C ALA A 279 -0.24 -9.99 36.02
N ASN A 280 -0.24 -8.82 35.38
CA ASN A 280 -1.08 -8.58 34.21
C ASN A 280 -1.04 -9.75 33.21
N MET A 281 0.14 -10.29 32.98
CA MET A 281 0.27 -11.45 32.10
C MET A 281 -0.49 -12.65 32.67
N VAL A 282 0.09 -13.29 33.67
CA VAL A 282 -0.54 -14.43 34.33
C VAL A 282 -2.05 -14.24 34.39
N LEU A 283 -2.48 -13.04 34.77
CA LEU A 283 -3.90 -12.74 34.94
C LEU A 283 -4.66 -12.59 33.63
N ALA A 284 -4.33 -11.56 32.85
CA ALA A 284 -4.98 -11.36 31.56
C ALA A 284 -4.77 -12.56 30.66
N ALA A 285 -3.51 -12.94 30.45
CA ALA A 285 -3.18 -14.09 29.61
C ALA A 285 -3.93 -15.34 30.04
N LEU A 286 -4.41 -15.35 31.28
CA LEU A 286 -5.21 -16.46 31.77
C LEU A 286 -6.63 -16.39 31.24
N LEU A 287 -7.33 -15.30 31.57
CA LEU A 287 -8.70 -15.13 31.10
C LEU A 287 -8.76 -15.12 29.58
N ALA A 288 -7.67 -14.67 28.95
CA ALA A 288 -7.59 -14.61 27.51
C ALA A 288 -7.44 -16.01 26.93
N ILE A 289 -6.43 -16.73 27.39
CA ILE A 289 -6.23 -18.12 26.96
C ILE A 289 -7.45 -18.93 27.38
N PHE A 290 -8.20 -18.39 28.34
CA PHE A 290 -9.43 -19.00 28.78
C PHE A 290 -10.48 -18.96 27.67
N VAL A 291 -10.86 -17.77 27.26
CA VAL A 291 -11.88 -17.60 26.21
C VAL A 291 -11.41 -18.15 24.86
N PHE A 292 -10.10 -18.16 24.63
CA PHE A 292 -9.55 -18.62 23.36
C PHE A 292 -9.69 -20.13 23.19
N VAL A 293 -9.70 -20.85 24.31
CA VAL A 293 -9.78 -22.31 24.28
C VAL A 293 -11.20 -22.80 24.59
N VAL A 294 -11.93 -22.02 25.38
CA VAL A 294 -13.31 -22.36 25.74
C VAL A 294 -14.28 -21.98 24.63
N GLY A 295 -14.25 -20.71 24.23
CA GLY A 295 -15.11 -20.20 23.19
C GLY A 295 -14.81 -20.79 21.83
N PRO A 296 -15.24 -20.10 20.77
CA PRO A 296 -15.08 -20.54 19.38
C PRO A 296 -13.65 -20.40 18.90
N THR A 297 -12.76 -21.22 19.45
CA THR A 297 -11.34 -21.16 19.14
C THR A 297 -11.07 -20.87 17.67
N VAL A 298 -11.81 -21.51 16.78
CA VAL A 298 -11.60 -21.35 15.35
C VAL A 298 -12.09 -20.01 14.81
N SER A 299 -13.26 -19.57 15.27
CA SER A 299 -13.82 -18.30 14.81
C SER A 299 -12.96 -17.13 15.27
N ILE A 300 -12.18 -17.35 16.31
CA ILE A 300 -11.20 -16.35 16.76
C ILE A 300 -9.94 -16.45 15.91
N LEU A 301 -9.39 -17.66 15.84
CA LEU A 301 -8.16 -17.92 15.12
C LEU A 301 -8.30 -17.59 13.64
N ASN A 302 -9.52 -17.65 13.13
CA ASN A 302 -9.81 -17.24 11.76
C ASN A 302 -9.71 -15.73 11.61
N LEU A 303 -10.35 -15.02 12.53
CA LEU A 303 -10.36 -13.57 12.54
C LEU A 303 -8.99 -12.99 12.91
N LEU A 304 -7.98 -13.86 12.91
CA LEU A 304 -6.63 -13.43 13.27
C LEU A 304 -5.94 -12.71 12.11
N PRO A 305 -5.84 -13.36 10.95
CA PRO A 305 -5.32 -12.64 9.79
C PRO A 305 -6.36 -11.65 9.28
N GLY A 306 -7.63 -12.01 9.44
CA GLY A 306 -8.72 -11.13 9.04
C GLY A 306 -8.64 -9.76 9.66
N SER A 307 -8.13 -9.69 10.88
CA SER A 307 -7.97 -8.40 11.57
C SER A 307 -6.90 -7.57 10.88
N ILE A 308 -5.68 -8.10 10.83
CA ILE A 308 -4.57 -7.40 10.20
C ILE A 308 -4.94 -6.98 8.79
N GLY A 309 -5.29 -7.96 7.97
CA GLY A 309 -5.65 -7.72 6.58
C GLY A 309 -6.54 -6.51 6.42
N ASN A 310 -7.77 -6.63 6.88
CA ASN A 310 -8.75 -5.55 6.75
C ASN A 310 -8.22 -4.22 7.26
N TYR A 311 -7.44 -4.28 8.34
CA TYR A 311 -6.82 -3.08 8.89
C TYR A 311 -5.99 -2.37 7.82
N LEU A 312 -5.06 -3.11 7.23
CA LEU A 312 -4.24 -2.56 6.17
C LEU A 312 -5.08 -2.08 4.98
N SER A 313 -6.03 -2.90 4.56
CA SER A 313 -6.87 -2.57 3.41
C SER A 313 -7.70 -1.30 3.62
N ASN A 314 -7.98 -0.98 4.88
CA ASN A 314 -8.79 0.21 5.19
C ASN A 314 -8.00 1.37 5.81
N PHE A 315 -6.73 1.15 6.12
CA PHE A 315 -5.92 2.16 6.82
C PHE A 315 -6.07 3.57 6.28
N PHE A 316 -5.84 3.73 4.98
CA PHE A 316 -5.91 5.06 4.38
C PHE A 316 -7.34 5.56 4.22
N GLN A 317 -8.28 4.64 4.11
CA GLN A 317 -9.69 5.01 3.99
C GLN A 317 -10.27 5.36 5.36
N MET A 318 -9.53 5.00 6.41
CA MET A 318 -9.93 5.34 7.78
C MET A 318 -9.32 6.66 8.21
N ALA A 319 -8.06 6.87 7.82
CA ALA A 319 -7.36 8.11 8.13
C ALA A 319 -7.90 9.26 7.28
N GLY A 320 -8.83 8.94 6.38
CA GLY A 320 -9.44 9.95 5.55
C GLY A 320 -10.86 10.26 5.98
N ARG A 321 -11.31 9.58 7.03
CA ARG A 321 -12.63 9.81 7.59
C ARG A 321 -12.66 11.15 8.32
N THR A 322 -13.44 12.07 7.78
CA THR A 322 -13.59 13.40 8.37
C THR A 322 -15.06 13.75 8.51
N ALA A 323 -15.35 14.87 9.16
CA ALA A 323 -16.71 15.33 9.33
C ALA A 323 -17.31 15.84 8.02
N MET A 324 -16.60 15.64 6.92
CA MET A 324 -17.14 15.96 5.61
C MET A 324 -17.53 14.66 4.91
N SER A 325 -17.01 13.55 5.42
CA SER A 325 -17.39 12.23 4.93
C SER A 325 -18.20 11.52 6.02
N ALA A 326 -19.21 10.76 5.62
CA ALA A 326 -19.53 10.59 4.22
C ALA A 326 -20.77 11.40 3.85
N ASP A 327 -20.57 12.44 3.06
CA ASP A 327 -21.63 13.37 2.69
C ASP A 327 -21.93 14.30 3.85
N GLY A 328 -20.88 14.63 4.60
CA GLY A 328 -20.99 15.52 5.75
C GLY A 328 -21.99 15.02 6.77
N THR A 329 -21.81 13.78 7.22
CA THR A 329 -22.79 13.14 8.09
C THR A 329 -22.17 12.19 9.12
N ALA A 330 -20.84 12.18 9.20
CA ALA A 330 -20.16 11.29 10.15
C ALA A 330 -19.52 12.04 11.31
N GLY A 331 -19.77 13.35 11.37
CA GLY A 331 -19.21 14.18 12.42
C GLY A 331 -19.56 13.71 13.82
N GLU A 332 -20.84 13.40 14.02
CA GLU A 332 -21.32 12.95 15.33
C GLU A 332 -20.95 11.51 15.64
N TRP A 333 -20.42 10.81 14.64
CA TRP A 333 -19.82 9.50 14.90
C TRP A 333 -18.36 9.70 15.33
N LEU A 334 -17.60 10.34 14.45
CA LEU A 334 -16.19 10.66 14.73
C LEU A 334 -16.04 11.28 16.11
N GLY A 335 -16.82 12.32 16.37
CA GLY A 335 -16.77 13.01 17.64
C GLY A 335 -17.04 12.11 18.82
N SER A 336 -17.68 10.97 18.55
CA SER A 336 -17.98 10.02 19.62
C SER A 336 -16.89 8.97 19.72
N TRP A 337 -16.19 8.74 18.61
CA TRP A 337 -15.18 7.68 18.56
C TRP A 337 -13.77 8.16 18.21
N THR A 338 -13.50 8.30 16.91
CA THR A 338 -12.15 8.63 16.47
C THR A 338 -11.58 9.88 17.15
N ILE A 339 -12.08 11.05 16.79
CA ILE A 339 -11.57 12.29 17.39
C ILE A 339 -11.54 12.15 18.91
N PHE A 340 -12.64 11.66 19.48
CA PHE A 340 -12.71 11.37 20.90
C PHE A 340 -11.38 10.78 21.34
N TYR A 341 -11.02 9.65 20.75
CA TYR A 341 -9.77 8.99 21.09
C TYR A 341 -8.56 9.92 20.88
N TRP A 342 -8.28 10.28 19.65
CA TRP A 342 -7.08 11.07 19.34
C TRP A 342 -6.84 12.19 20.36
N ALA A 343 -7.84 13.04 20.56
CA ALA A 343 -7.74 14.12 21.52
C ALA A 343 -7.21 13.61 22.86
N TRP A 344 -7.90 12.61 23.40
CA TRP A 344 -7.53 12.00 24.69
C TRP A 344 -6.08 11.54 24.71
N TRP A 345 -5.68 10.73 23.72
CA TRP A 345 -4.34 10.15 23.68
C TRP A 345 -3.23 11.18 23.84
N ILE A 346 -3.41 12.35 23.21
CA ILE A 346 -2.45 13.42 23.34
C ILE A 346 -2.45 13.92 24.79
N SER A 347 -3.65 13.94 25.38
CA SER A 347 -3.82 14.35 26.77
C SER A 347 -3.32 13.27 27.74
N TRP A 348 -2.91 12.13 27.20
CA TRP A 348 -2.39 11.06 28.04
C TRP A 348 -0.95 10.71 27.65
N SER A 349 -0.47 11.33 26.58
CA SER A 349 0.87 11.07 26.08
C SER A 349 2.00 11.46 27.05
N PRO A 350 1.84 12.59 27.76
CA PRO A 350 2.86 12.98 28.74
C PRO A 350 3.32 11.79 29.56
N PHE A 351 2.46 11.33 30.47
CA PHE A 351 2.79 10.20 31.32
C PHE A 351 3.36 9.01 30.54
N VAL A 352 2.64 8.56 29.52
CA VAL A 352 2.98 7.33 28.82
C VAL A 352 4.29 7.45 28.03
N GLY A 353 4.77 8.67 27.86
CA GLY A 353 6.06 8.90 27.23
C GLY A 353 7.11 9.11 28.30
N MET A 354 6.69 9.78 29.38
CA MET A 354 7.55 10.01 30.53
C MET A 354 7.94 8.67 31.15
N PHE A 355 6.97 7.75 31.18
CA PHE A 355 7.21 6.43 31.76
C PHE A 355 7.85 5.49 30.75
N LEU A 356 7.37 5.56 29.51
CA LEU A 356 7.94 4.74 28.45
C LEU A 356 9.43 5.00 28.35
N ALA A 357 9.83 6.24 28.60
CA ALA A 357 11.24 6.62 28.52
C ALA A 357 12.14 5.75 29.40
N ARG A 358 11.78 5.57 30.66
CA ARG A 358 12.56 4.68 31.54
C ARG A 358 12.46 3.24 31.05
N ILE A 359 13.27 2.37 31.65
CA ILE A 359 13.33 0.96 31.26
C ILE A 359 13.64 0.82 29.77
N SER A 360 14.01 1.94 29.15
CA SER A 360 14.37 1.96 27.74
C SER A 360 15.80 2.42 27.54
N ARG A 361 16.47 2.80 28.63
CA ARG A 361 17.88 3.16 28.58
C ARG A 361 18.65 2.01 27.98
N GLY A 362 19.65 2.33 27.14
CA GLY A 362 20.47 1.32 26.52
C GLY A 362 19.77 0.61 25.38
N ARG A 363 18.53 0.98 25.12
CA ARG A 363 17.82 0.44 23.98
C ARG A 363 17.81 1.47 22.84
N SER A 364 18.09 1.00 21.63
CA SER A 364 18.24 1.88 20.48
C SER A 364 16.92 2.54 20.09
N ILE A 365 17.04 3.57 19.26
CA ILE A 365 15.89 4.26 18.69
C ILE A 365 15.02 3.27 17.91
N ARG A 366 15.65 2.51 17.03
CA ARG A 366 14.94 1.55 16.20
C ARG A 366 14.16 0.56 17.07
N GLU A 367 14.89 -0.29 17.78
CA GLU A 367 14.29 -1.33 18.60
C GLU A 367 13.31 -0.78 19.65
N PHE A 368 13.35 0.53 19.86
CA PHE A 368 12.39 1.19 20.73
C PHE A 368 11.10 1.50 19.98
N ILE A 369 11.22 2.06 18.78
CA ILE A 369 10.07 2.35 17.95
C ILE A 369 9.37 1.06 17.50
N LEU A 370 10.15 0.07 17.06
CA LEU A 370 9.60 -1.23 16.70
C LEU A 370 9.18 -1.99 17.94
N GLY A 371 9.55 -1.47 19.10
CA GLY A 371 9.10 -2.02 20.37
C GLY A 371 7.73 -1.49 20.72
N VAL A 372 7.58 -0.17 20.73
CA VAL A 372 6.31 0.44 21.10
C VAL A 372 5.19 0.18 20.08
N LEU A 373 5.55 0.06 18.80
CA LEU A 373 4.53 -0.13 17.77
C LEU A 373 4.15 -1.59 17.55
N LEU A 374 5.09 -2.34 16.96
CA LEU A 374 4.81 -3.71 16.52
C LEU A 374 4.19 -4.64 17.56
N VAL A 375 4.76 -4.68 18.76
CA VAL A 375 4.32 -5.64 19.77
C VAL A 375 3.04 -5.21 20.49
N PRO A 376 3.04 -4.02 21.12
CA PRO A 376 1.80 -3.55 21.74
C PRO A 376 0.62 -3.58 20.78
N ALA A 377 0.81 -3.08 19.56
CA ALA A 377 -0.24 -3.12 18.56
C ALA A 377 -0.51 -4.56 18.16
N GLY A 378 0.53 -5.39 18.20
CA GLY A 378 0.40 -6.78 17.82
C GLY A 378 -0.28 -7.66 18.86
N VAL A 379 -0.56 -7.10 20.04
CA VAL A 379 -1.27 -7.87 21.05
C VAL A 379 -2.68 -7.35 21.24
N SER A 380 -2.85 -6.03 21.18
CA SER A 380 -4.17 -5.45 21.29
C SER A 380 -5.06 -6.18 20.30
N THR A 381 -4.55 -6.38 19.09
CA THR A 381 -5.28 -7.03 18.01
C THR A 381 -5.79 -8.41 18.41
N VAL A 382 -4.92 -9.26 18.93
CA VAL A 382 -5.32 -10.60 19.33
C VAL A 382 -6.26 -10.56 20.54
N TRP A 383 -6.29 -9.41 21.21
CA TRP A 383 -7.20 -9.20 22.32
C TRP A 383 -8.62 -8.93 21.81
N PHE A 384 -8.73 -8.06 20.81
CA PHE A 384 -10.02 -7.81 20.19
C PHE A 384 -10.46 -9.00 19.35
N SER A 385 -9.49 -9.84 18.97
CA SER A 385 -9.78 -11.01 18.17
C SER A 385 -10.46 -12.10 18.99
N ILE A 386 -10.12 -12.19 20.27
CA ILE A 386 -10.75 -13.17 21.16
C ILE A 386 -12.01 -12.61 21.80
N PHE A 387 -11.91 -11.40 22.35
CA PHE A 387 -13.04 -10.78 23.04
C PHE A 387 -14.05 -10.18 22.07
N GLY A 388 -13.57 -9.35 21.16
CA GLY A 388 -14.45 -8.76 20.15
C GLY A 388 -15.01 -9.82 19.21
N GLY A 389 -14.26 -10.90 19.04
CA GLY A 389 -14.68 -11.99 18.16
C GLY A 389 -15.86 -12.75 18.72
N THR A 390 -15.64 -13.47 19.82
CA THR A 390 -16.69 -14.25 20.45
C THR A 390 -17.90 -13.36 20.73
N ALA A 391 -17.64 -12.16 21.24
CA ALA A 391 -18.71 -11.20 21.48
C ALA A 391 -19.55 -11.04 20.21
N ILE A 392 -18.89 -11.09 19.07
CA ILE A 392 -19.58 -11.01 17.79
C ILE A 392 -20.24 -12.33 17.42
N VAL A 393 -19.47 -13.41 17.51
CA VAL A 393 -19.97 -14.74 17.15
C VAL A 393 -21.21 -15.12 17.97
N PHE A 394 -21.30 -14.56 19.17
CA PHE A 394 -22.47 -14.78 20.02
C PHE A 394 -23.69 -14.08 19.45
N GLU A 395 -23.46 -13.01 18.68
CA GLU A 395 -24.55 -12.26 18.07
C GLU A 395 -24.95 -12.88 16.75
N GLN A 396 -24.03 -13.60 16.13
CA GLN A 396 -24.31 -14.30 14.88
C GLN A 396 -25.22 -15.50 15.13
N ASN A 397 -25.46 -15.77 16.41
CA ASN A 397 -26.33 -16.87 16.80
C ASN A 397 -27.63 -16.38 17.43
N GLY A 398 -27.51 -15.47 18.39
CA GLY A 398 -28.67 -14.88 19.04
C GLY A 398 -28.45 -14.66 20.52
N GLU A 399 -27.29 -15.06 21.01
CA GLU A 399 -26.96 -14.95 22.43
C GLU A 399 -26.24 -13.63 22.72
N SER A 400 -26.79 -12.54 22.21
CA SER A 400 -26.21 -11.23 22.40
C SER A 400 -25.78 -10.98 23.83
N ILE A 401 -24.69 -10.23 24.00
CA ILE A 401 -24.17 -9.91 25.32
C ILE A 401 -24.54 -8.47 25.67
N TRP A 402 -24.96 -7.73 24.65
CA TRP A 402 -25.34 -6.33 24.81
C TRP A 402 -26.29 -6.14 25.99
N GLY A 403 -25.79 -5.50 27.04
CA GLY A 403 -26.59 -5.27 28.23
C GLY A 403 -27.14 -3.86 28.31
N ASP A 404 -28.28 -3.63 27.65
CA ASP A 404 -28.94 -2.33 27.67
C ASP A 404 -28.00 -1.16 27.35
N GLY A 405 -26.94 -1.45 26.60
CA GLY A 405 -25.99 -0.43 26.20
C GLY A 405 -25.15 0.10 27.35
N ALA A 406 -24.36 -0.77 27.95
CA ALA A 406 -23.49 -0.38 29.05
C ALA A 406 -22.14 -1.10 28.96
N ALA A 407 -21.06 -0.33 28.90
CA ALA A 407 -19.73 -0.87 28.69
C ALA A 407 -19.33 -1.94 29.72
N GLU A 408 -19.80 -1.77 30.96
CA GLU A 408 -19.43 -2.67 32.04
C GLU A 408 -20.15 -4.02 31.94
N GLU A 409 -21.43 -3.97 31.63
CA GLU A 409 -22.26 -5.17 31.58
C GLU A 409 -21.76 -6.17 30.54
N GLN A 410 -21.37 -5.67 29.37
CA GLN A 410 -20.94 -6.52 28.27
C GLN A 410 -19.73 -7.38 28.61
N LEU A 411 -18.78 -6.79 29.32
CA LEU A 411 -17.54 -7.49 29.66
C LEU A 411 -17.84 -8.82 30.35
N PHE A 412 -18.56 -8.75 31.46
CA PHE A 412 -18.88 -9.94 32.25
C PHE A 412 -19.95 -10.78 31.57
N GLY A 413 -20.81 -10.13 30.80
CA GLY A 413 -21.91 -10.80 30.14
C GLY A 413 -21.48 -11.97 29.27
N LEU A 414 -20.30 -11.87 28.66
CA LEU A 414 -19.86 -12.89 27.71
C LEU A 414 -18.92 -13.93 28.32
N LEU A 415 -18.44 -13.66 29.53
CA LEU A 415 -17.62 -14.65 30.23
C LEU A 415 -18.45 -15.51 31.18
N HIS A 416 -19.57 -14.98 31.65
CA HIS A 416 -20.49 -15.76 32.46
C HIS A 416 -21.36 -16.64 31.57
N ALA A 417 -21.11 -16.56 30.26
CA ALA A 417 -21.78 -17.42 29.29
C ALA A 417 -20.86 -18.59 28.93
N LEU A 418 -19.80 -18.75 29.70
CA LEU A 418 -18.83 -19.83 29.50
C LEU A 418 -18.60 -20.56 30.81
N PRO A 419 -18.30 -21.87 30.74
CA PRO A 419 -17.99 -22.67 31.93
C PRO A 419 -17.04 -21.94 32.87
N GLY A 420 -17.54 -21.59 34.05
CA GLY A 420 -16.75 -20.84 35.02
C GLY A 420 -16.81 -19.35 34.77
N GLY A 421 -18.02 -18.87 34.49
CA GLY A 421 -18.22 -17.45 34.20
C GLY A 421 -18.11 -16.58 35.43
N GLN A 422 -18.26 -17.19 36.60
CA GLN A 422 -18.13 -16.47 37.86
C GLN A 422 -16.75 -16.72 38.47
N ILE A 423 -16.07 -17.75 37.98
CA ILE A 423 -14.72 -18.06 38.44
C ILE A 423 -13.70 -17.14 37.77
N MET A 424 -13.96 -16.78 36.52
CA MET A 424 -13.14 -15.82 35.80
C MET A 424 -13.70 -14.42 35.98
N GLY A 425 -15.03 -14.35 36.07
CA GLY A 425 -15.68 -13.09 36.36
C GLY A 425 -15.06 -12.46 37.60
N ILE A 426 -14.62 -13.30 38.52
CA ILE A 426 -13.88 -12.84 39.69
C ILE A 426 -12.72 -11.97 39.27
N ILE A 427 -11.87 -12.52 38.41
CA ILE A 427 -10.68 -11.82 37.96
C ILE A 427 -11.04 -10.61 37.10
N ALA A 428 -12.22 -10.64 36.50
CA ALA A 428 -12.66 -9.52 35.68
C ALA A 428 -12.72 -8.23 36.49
N MET A 429 -13.06 -8.35 37.78
CA MET A 429 -13.09 -7.21 38.67
C MET A 429 -11.85 -7.15 39.56
N ILE A 430 -11.49 -8.29 40.15
CA ILE A 430 -10.37 -8.35 41.07
C ILE A 430 -9.04 -8.04 40.38
N LEU A 431 -8.92 -8.40 39.10
CA LEU A 431 -7.74 -8.06 38.33
C LEU A 431 -7.73 -6.57 37.97
N LEU A 432 -8.89 -6.04 37.61
CA LEU A 432 -9.01 -4.62 37.31
C LEU A 432 -8.56 -3.78 38.50
N GLY A 433 -8.58 -4.40 39.68
CA GLY A 433 -8.10 -3.75 40.89
C GLY A 433 -6.61 -3.51 40.83
N THR A 434 -5.89 -4.43 40.19
CA THR A 434 -4.45 -4.27 40.02
C THR A 434 -4.17 -3.14 39.03
N PHE A 435 -4.89 -3.14 37.91
CA PHE A 435 -4.74 -2.09 36.90
C PHE A 435 -4.96 -0.71 37.51
N PHE A 436 -5.77 -0.65 38.55
CA PHE A 436 -6.03 0.62 39.23
C PHE A 436 -4.74 1.18 39.80
N ILE A 437 -3.96 0.33 40.46
CA ILE A 437 -2.71 0.76 41.08
C ILE A 437 -1.59 0.87 40.07
N THR A 438 -1.63 0.04 39.02
CA THR A 438 -0.61 0.10 37.98
C THR A 438 -0.60 1.49 37.36
N SER A 439 -1.77 1.97 36.97
CA SER A 439 -1.89 3.31 36.41
C SER A 439 -1.48 4.35 37.43
N ALA A 440 -2.19 4.38 38.56
CA ALA A 440 -1.91 5.35 39.61
C ALA A 440 -0.43 5.38 39.98
N ASP A 441 0.11 4.24 40.39
CA ASP A 441 1.50 4.14 40.79
C ASP A 441 2.41 4.71 39.70
N SER A 442 2.38 4.08 38.53
CA SER A 442 3.22 4.50 37.42
C SER A 442 2.96 5.96 37.03
N ALA A 443 1.69 6.30 36.83
CA ALA A 443 1.33 7.67 36.49
C ALA A 443 1.89 8.67 37.49
N SER A 444 1.67 8.41 38.77
CA SER A 444 2.17 9.28 39.83
C SER A 444 3.69 9.42 39.74
N THR A 445 4.36 8.31 39.50
CA THR A 445 5.82 8.32 39.33
C THR A 445 6.21 9.42 38.36
N VAL A 446 5.39 9.63 37.34
CA VAL A 446 5.66 10.61 36.29
C VAL A 446 5.36 12.05 36.72
N MET A 447 4.14 12.28 37.20
CA MET A 447 3.74 13.61 37.63
C MET A 447 4.59 14.07 38.81
N GLY A 448 4.95 13.12 39.66
CA GLY A 448 5.84 13.41 40.77
C GLY A 448 7.22 13.77 40.27
N THR A 449 7.69 13.05 39.26
CA THR A 449 9.03 13.26 38.71
C THR A 449 9.17 14.62 38.00
N MET A 450 8.06 15.14 37.48
CA MET A 450 8.13 16.38 36.71
C MET A 450 7.95 17.62 37.58
N SER A 451 7.72 17.42 38.87
CA SER A 451 7.57 18.54 39.80
C SER A 451 8.74 18.62 40.78
N GLN A 452 9.81 17.89 40.47
CA GLN A 452 10.99 17.83 41.33
C GLN A 452 12.24 18.20 40.54
N HIS A 453 12.12 19.19 39.67
CA HIS A 453 13.22 19.60 38.80
C HIS A 453 13.57 18.52 37.77
N GLY A 454 12.88 17.39 37.85
CA GLY A 454 13.01 16.34 36.85
C GLY A 454 13.98 15.23 37.20
N GLN A 455 14.18 14.97 38.48
CA GLN A 455 15.06 13.88 38.88
C GLN A 455 14.33 12.54 38.80
N LEU A 456 15.09 11.44 38.84
CA LEU A 456 14.53 10.11 38.65
C LEU A 456 14.24 9.39 39.96
N GLU A 457 15.02 9.69 40.99
CA GLU A 457 14.89 9.03 42.28
C GLU A 457 13.44 9.01 42.77
N ALA A 458 13.09 7.95 43.50
CA ALA A 458 11.73 7.79 44.00
C ALA A 458 11.43 8.75 45.14
N ASN A 459 10.56 9.72 44.88
CA ASN A 459 10.15 10.67 45.91
C ASN A 459 8.83 10.27 46.55
N LYS A 460 8.90 9.41 47.56
CA LYS A 460 7.71 8.96 48.26
C LYS A 460 6.75 10.12 48.53
N TRP A 461 7.30 11.21 49.04
CA TRP A 461 6.49 12.37 49.43
C TRP A 461 5.50 12.81 48.35
N VAL A 462 6.01 13.21 47.19
CA VAL A 462 5.16 13.67 46.11
C VAL A 462 4.32 12.55 45.51
N THR A 463 4.86 11.34 45.52
CA THR A 463 4.18 10.18 44.95
C THR A 463 2.77 10.04 45.50
N ALA A 464 2.67 9.78 46.80
CA ALA A 464 1.37 9.61 47.45
C ALA A 464 0.55 10.89 47.37
N ALA A 465 1.23 12.03 47.33
CA ALA A 465 0.56 13.32 47.26
C ALA A 465 -0.42 13.35 46.09
N TRP A 466 0.11 13.36 44.87
CA TRP A 466 -0.71 13.37 43.67
C TRP A 466 -1.56 12.11 43.61
N GLY A 467 -1.20 11.11 44.41
CA GLY A 467 -1.97 9.89 44.52
C GLY A 467 -3.39 10.20 44.94
N VAL A 468 -3.56 11.29 45.69
CA VAL A 468 -4.88 11.75 46.09
C VAL A 468 -5.69 12.15 44.86
N ALA A 469 -5.25 13.23 44.19
CA ALA A 469 -5.90 13.76 42.99
C ALA A 469 -7.12 12.99 42.49
N THR A 470 -8.19 12.98 43.29
CA THR A 470 -9.43 12.33 42.93
C THR A 470 -10.36 12.27 44.15
N ALA A 471 -9.77 12.35 45.34
CA ALA A 471 -10.53 12.34 46.56
C ALA A 471 -11.45 13.56 46.63
N ALA A 472 -11.13 14.56 45.82
CA ALA A 472 -11.89 15.81 45.81
C ALA A 472 -12.82 15.88 44.59
N ILE A 473 -12.63 14.98 43.64
CA ILE A 473 -13.47 14.97 42.44
C ILE A 473 -14.04 13.59 42.13
N GLY A 474 -13.20 12.56 42.21
CA GLY A 474 -13.62 11.20 41.92
C GLY A 474 -14.80 10.74 42.76
N LEU A 475 -14.63 10.76 44.08
CA LEU A 475 -15.69 10.32 44.98
C LEU A 475 -16.79 11.38 45.11
N THR A 476 -16.49 12.59 44.68
CA THR A 476 -17.46 13.68 44.72
C THR A 476 -18.28 13.70 43.44
N LEU A 477 -17.70 13.19 42.37
CA LEU A 477 -18.38 13.11 41.10
C LEU A 477 -19.61 12.23 41.24
N LEU A 478 -19.66 11.46 42.33
CA LEU A 478 -20.79 10.58 42.59
C LEU A 478 -21.69 11.08 43.72
N LEU A 479 -21.12 11.83 44.66
CA LEU A 479 -21.89 12.32 45.80
C LEU A 479 -22.74 13.53 45.43
N SER A 480 -22.83 13.82 44.14
CA SER A 480 -23.62 14.94 43.65
C SER A 480 -25.11 14.60 43.63
N GLY A 481 -25.62 14.17 44.78
CA GLY A 481 -27.03 13.81 44.89
C GLY A 481 -27.32 12.40 44.43
N GLY A 482 -26.28 11.57 44.39
CA GLY A 482 -26.41 10.20 43.95
C GLY A 482 -25.52 9.86 42.77
N ASP A 483 -25.79 10.49 41.64
CA ASP A 483 -25.01 10.27 40.42
C ASP A 483 -25.57 11.07 39.25
N ASN A 484 -24.73 11.28 38.23
CA ASN A 484 -25.10 11.99 37.00
C ASN A 484 -24.15 13.17 36.70
N ALA A 485 -23.05 13.24 37.44
CA ALA A 485 -22.07 14.29 37.24
C ALA A 485 -21.22 14.05 36.00
N LEU A 486 -21.81 13.36 35.03
CA LEU A 486 -21.14 13.10 33.75
C LEU A 486 -21.77 13.99 32.68
N SER A 487 -21.03 14.25 31.61
CA SER A 487 -19.69 13.72 31.43
C SER A 487 -18.62 14.71 31.85
N ASN A 488 -18.69 15.18 33.09
CA ASN A 488 -17.69 16.10 33.62
C ASN A 488 -16.34 15.40 33.79
N LEU A 489 -16.27 14.16 33.34
CA LEU A 489 -15.05 13.36 33.42
C LEU A 489 -14.25 13.46 32.12
N GLN A 490 -14.85 13.00 31.03
CA GLN A 490 -14.21 13.03 29.72
C GLN A 490 -14.14 14.46 29.19
N ASN A 491 -15.09 15.29 29.62
CA ASN A 491 -15.18 16.67 29.17
C ASN A 491 -13.92 17.48 29.50
N VAL A 492 -13.58 17.54 30.77
CA VAL A 492 -12.47 18.37 31.24
C VAL A 492 -11.10 17.88 30.75
N THR A 493 -11.00 16.58 30.46
CA THR A 493 -9.73 15.98 30.07
C THR A 493 -9.30 16.39 28.66
N ILE A 494 -10.14 16.07 27.67
CA ILE A 494 -9.77 16.28 26.27
C ILE A 494 -9.64 17.76 25.91
N VAL A 495 -10.18 18.64 26.77
CA VAL A 495 -10.03 20.08 26.56
C VAL A 495 -8.81 20.58 27.32
N ALA A 496 -8.47 19.90 28.42
CA ALA A 496 -7.32 20.26 29.21
C ALA A 496 -6.08 20.35 28.33
N ALA A 497 -5.76 19.25 27.67
CA ALA A 497 -4.59 19.20 26.80
C ALA A 497 -4.97 19.28 25.33
N THR A 498 -5.66 20.36 24.97
CA THR A 498 -5.99 20.62 23.57
C THR A 498 -4.85 21.33 22.82
N PRO A 499 -4.02 22.10 23.55
CA PRO A 499 -2.85 22.65 22.86
C PRO A 499 -1.76 21.60 22.76
N PHE A 500 -1.87 20.56 23.58
CA PHE A 500 -0.88 19.50 23.62
C PHE A 500 -0.68 18.90 22.24
N LEU A 501 -1.76 18.83 21.47
CA LEU A 501 -1.67 18.38 20.08
C LEU A 501 -0.58 19.14 19.36
N PHE A 502 -0.66 20.46 19.37
CA PHE A 502 0.33 21.30 18.69
C PHE A 502 1.70 21.17 19.32
N VAL A 503 1.75 20.59 20.52
CA VAL A 503 3.02 20.35 21.21
C VAL A 503 3.68 19.09 20.68
N VAL A 504 2.89 18.03 20.51
CA VAL A 504 3.40 16.79 19.93
C VAL A 504 3.68 16.98 18.44
N ILE A 505 3.11 18.04 17.87
CA ILE A 505 3.39 18.41 16.49
C ILE A 505 4.80 18.96 16.39
N GLY A 506 5.04 20.10 17.03
CA GLY A 506 6.35 20.72 17.04
C GLY A 506 7.38 19.86 17.74
N LEU A 507 6.92 18.73 18.29
CA LEU A 507 7.82 17.80 18.95
C LEU A 507 8.54 16.95 17.91
N MET A 508 7.96 16.87 16.72
CA MET A 508 8.58 16.14 15.63
C MET A 508 9.87 16.85 15.22
N PHE A 509 9.79 18.17 15.09
CA PHE A 509 10.95 18.97 14.72
C PHE A 509 12.02 18.93 15.80
N ALA A 510 11.60 19.21 17.03
CA ALA A 510 12.52 19.18 18.17
C ALA A 510 13.14 17.80 18.35
N LEU A 511 12.50 16.79 17.75
CA LEU A 511 13.01 15.42 17.82
C LEU A 511 14.06 15.22 16.74
N VAL A 512 13.73 15.69 15.53
CA VAL A 512 14.58 15.45 14.38
C VAL A 512 15.70 16.49 14.25
N LYS A 513 15.39 17.73 14.62
CA LYS A 513 16.39 18.79 14.57
C LYS A 513 17.33 18.66 15.76
N ASP A 514 17.14 17.59 16.52
CA ASP A 514 18.00 17.29 17.67
C ASP A 514 18.73 15.98 17.44
N LEU A 515 18.00 14.97 17.00
CA LEU A 515 18.57 13.68 16.65
C LEU A 515 19.70 13.84 15.66
N SER A 516 19.57 14.87 14.82
CA SER A 516 20.49 15.10 13.72
C SER A 516 21.83 15.66 14.19
N ASN A 517 21.85 16.22 15.40
CA ASN A 517 23.09 16.79 15.92
C ASN A 517 23.89 15.77 16.72
N ASP A 518 23.34 14.58 16.85
CA ASP A 518 24.01 13.48 17.55
C ASP A 518 25.36 13.18 16.92
N VAL A 519 26.37 13.01 17.76
CA VAL A 519 27.74 12.75 17.29
C VAL A 519 27.81 11.63 16.25
N ILE A 520 27.20 10.49 16.57
CA ILE A 520 27.24 9.33 15.67
C ILE A 520 26.67 9.64 14.29
N TYR A 521 25.59 10.41 14.25
CA TYR A 521 24.98 10.78 12.97
C TYR A 521 25.68 11.97 12.34
N LEU A 522 26.16 12.88 13.19
CA LEU A 522 26.92 14.03 12.72
C LEU A 522 28.16 13.53 12.00
N GLU A 523 28.74 12.46 12.53
CA GLU A 523 29.91 11.87 11.95
C GLU A 523 29.55 11.07 10.70
N TYR A 524 28.35 10.49 10.68
CA TYR A 524 27.92 9.73 9.52
C TYR A 524 27.80 10.59 8.27
N ARG A 525 27.24 11.80 8.42
CA ARG A 525 27.02 12.66 7.27
C ARG A 525 28.30 13.37 6.82
N GLU A 526 29.20 13.67 7.74
CA GLU A 526 30.49 14.28 7.39
C GLU A 526 31.31 13.31 6.55
N GLN A 527 31.38 12.06 6.99
CA GLN A 527 32.10 11.02 6.26
C GLN A 527 31.59 10.90 4.82
N GLN A 528 30.28 10.99 4.66
CA GLN A 528 29.68 10.99 3.33
C GLN A 528 30.34 12.03 2.45
N ARG A 529 30.42 13.26 2.95
CA ARG A 529 31.05 14.33 2.20
C ARG A 529 32.48 13.97 1.79
N PHE A 530 33.27 13.53 2.76
CA PHE A 530 34.65 13.15 2.48
C PHE A 530 34.70 12.19 1.31
N ASN A 531 34.24 10.97 1.55
CA ASN A 531 34.13 9.99 0.48
C ASN A 531 33.69 10.67 -0.80
N ALA A 532 32.65 11.49 -0.70
CA ALA A 532 32.07 12.17 -1.85
C ALA A 532 33.14 12.87 -2.68
N ARG A 533 33.83 13.83 -2.07
CA ARG A 533 34.80 14.63 -2.82
C ARG A 533 36.08 13.88 -3.13
N LEU A 534 36.56 13.09 -2.19
CA LEU A 534 37.74 12.28 -2.46
C LEU A 534 37.51 11.54 -3.76
N ALA A 535 36.36 10.89 -3.85
CA ALA A 535 35.98 10.12 -5.04
C ALA A 535 35.97 10.99 -6.30
N ARG A 536 35.83 12.30 -6.12
CA ARG A 536 35.86 13.18 -7.28
C ARG A 536 37.29 13.40 -7.71
N GLU A 537 38.18 13.60 -6.74
CA GLU A 537 39.59 13.81 -7.04
C GLU A 537 40.10 12.62 -7.82
N ARG A 538 39.77 11.41 -7.37
CA ARG A 538 40.21 10.21 -8.05
C ARG A 538 39.74 10.17 -9.50
N ARG A 539 38.57 10.72 -9.76
CA ARG A 539 37.97 10.65 -11.09
C ARG A 539 38.43 11.78 -12.02
N VAL A 540 38.36 13.01 -11.53
CA VAL A 540 38.70 14.19 -12.34
C VAL A 540 40.10 14.11 -12.91
N HIS A 541 40.95 13.31 -12.27
CA HIS A 541 42.33 13.13 -12.72
C HIS A 541 42.40 12.18 -13.92
N ASN A 542 41.79 11.00 -13.80
CA ASN A 542 41.77 10.05 -14.90
C ASN A 542 41.30 10.68 -16.21
N GLU A 543 40.19 11.41 -16.16
CA GLU A 543 39.64 12.05 -17.35
C GLU A 543 40.57 13.15 -17.86
N HIS A 544 41.69 13.32 -17.17
CA HIS A 544 42.71 14.29 -17.57
C HIS A 544 44.01 13.57 -17.91
N ARG A 545 44.00 12.25 -17.75
CA ARG A 545 45.16 11.43 -18.07
C ARG A 545 44.83 10.49 -19.22
N LYS A 546 43.59 10.01 -19.26
CA LYS A 546 43.12 9.24 -20.40
C LYS A 546 42.73 10.22 -21.50
N ARG A 547 43.05 11.49 -21.27
CA ARG A 547 42.83 12.54 -22.27
C ARG A 547 44.16 12.94 -22.89
N GLU A 548 45.18 13.13 -22.06
CA GLU A 548 46.51 13.44 -22.55
C GLU A 548 47.09 12.21 -23.23
N LEU A 549 46.67 11.03 -22.75
CA LEU A 549 47.06 9.76 -23.32
C LEU A 549 46.33 9.54 -24.65
N ALA A 550 45.04 9.88 -24.66
CA ALA A 550 44.24 9.77 -25.87
C ALA A 550 44.80 10.66 -26.97
N ALA A 551 45.36 11.80 -26.58
CA ALA A 551 45.96 12.72 -27.53
C ALA A 551 47.40 12.32 -27.85
N LYS A 552 47.78 11.11 -27.45
CA LYS A 552 49.11 10.60 -27.71
C LYS A 552 49.08 9.54 -28.80
N ARG A 553 47.89 9.05 -29.11
CA ARG A 553 47.71 8.10 -30.20
C ARG A 553 47.57 8.85 -31.52
N ARG A 554 48.04 10.09 -31.54
CA ARG A 554 47.87 10.97 -32.69
C ARG A 554 49.22 11.48 -33.19
N SER B 28 22.42 -47.19 -3.52
CA SER B 28 22.03 -45.80 -3.72
C SER B 28 20.54 -45.60 -3.40
N LEU B 29 19.70 -46.52 -3.86
CA LEU B 29 18.27 -46.45 -3.61
C LEU B 29 17.92 -46.55 -2.13
N ASN B 30 17.46 -45.45 -1.56
CA ASN B 30 17.07 -45.41 -0.15
C ASN B 30 15.74 -46.14 0.07
N TRP B 31 15.80 -47.34 0.64
CA TRP B 31 14.60 -48.14 0.85
C TRP B 31 14.08 -48.08 2.29
N SER B 32 14.32 -46.95 2.95
CA SER B 32 13.80 -46.73 4.29
C SER B 32 12.63 -45.73 4.25
N VAL B 33 12.45 -45.11 3.09
CA VAL B 33 11.37 -44.17 2.89
C VAL B 33 10.49 -44.60 1.71
N ILE B 34 11.06 -45.39 0.82
CA ILE B 34 10.31 -45.95 -0.30
C ILE B 34 9.23 -46.89 0.21
N VAL B 35 9.53 -47.59 1.30
CA VAL B 35 8.61 -48.56 1.87
C VAL B 35 7.35 -47.91 2.45
N PRO B 36 7.51 -47.01 3.44
CA PRO B 36 6.33 -46.38 4.04
C PRO B 36 5.46 -45.69 2.99
N ALA B 37 6.09 -45.16 1.96
CA ALA B 37 5.36 -44.49 0.89
C ALA B 37 4.68 -45.51 -0.03
N LEU B 38 5.47 -46.44 -0.56
CA LEU B 38 4.95 -47.46 -1.47
C LEU B 38 3.81 -48.25 -0.84
N VAL B 39 3.79 -48.33 0.49
CA VAL B 39 2.75 -49.07 1.20
C VAL B 39 1.51 -48.21 1.50
N ILE B 40 1.74 -46.99 1.99
CA ILE B 40 0.64 -46.07 2.26
C ILE B 40 -0.07 -45.69 0.96
N VAL B 41 0.72 -45.43 -0.08
CA VAL B 41 0.18 -45.08 -1.38
C VAL B 41 -0.63 -46.25 -1.94
N LEU B 42 -0.26 -47.45 -1.53
CA LEU B 42 -0.97 -48.66 -1.96
C LEU B 42 -2.17 -48.90 -1.05
N ALA B 43 -2.08 -48.39 0.18
CA ALA B 43 -3.17 -48.55 1.15
C ALA B 43 -4.36 -47.69 0.78
N THR B 44 -4.08 -46.50 0.25
CA THR B 44 -5.15 -45.57 -0.12
C THR B 44 -5.91 -46.03 -1.35
N VAL B 45 -5.18 -46.46 -2.37
CA VAL B 45 -5.79 -46.93 -3.61
C VAL B 45 -6.75 -48.09 -3.37
N VAL B 46 -6.37 -49.00 -2.47
CA VAL B 46 -7.21 -50.14 -2.12
C VAL B 46 -8.48 -49.67 -1.41
N TRP B 47 -8.32 -48.72 -0.49
CA TRP B 47 -9.46 -48.18 0.26
C TRP B 47 -10.26 -47.21 -0.59
N GLY B 48 -10.32 -47.47 -1.89
CA GLY B 48 -11.06 -46.64 -2.80
C GLY B 48 -11.56 -47.44 -4.00
N ILE B 49 -11.35 -48.75 -3.94
CA ILE B 49 -11.76 -49.63 -5.03
C ILE B 49 -12.29 -50.96 -4.49
N GLY B 50 -12.84 -51.79 -5.38
CA GLY B 50 -13.36 -53.08 -5.00
C GLY B 50 -14.53 -52.99 -4.02
N PHE B 51 -15.57 -52.27 -4.43
CA PHE B 51 -16.76 -52.11 -3.63
C PHE B 51 -16.51 -51.25 -2.38
N LYS B 52 -15.29 -50.76 -2.23
CA LYS B 52 -14.95 -49.85 -1.14
C LYS B 52 -15.03 -48.41 -1.62
N ASP B 53 -15.75 -48.20 -2.73
CA ASP B 53 -15.80 -46.89 -3.39
C ASP B 53 -16.57 -45.83 -2.62
N SER B 54 -17.45 -46.26 -1.71
CA SER B 54 -18.30 -45.32 -0.97
C SER B 54 -17.65 -44.83 0.32
N PHE B 55 -16.87 -45.68 0.96
CA PHE B 55 -16.23 -45.34 2.24
C PHE B 55 -14.99 -44.47 2.04
N THR B 56 -14.59 -44.29 0.79
CA THR B 56 -13.51 -43.37 0.46
C THR B 56 -14.08 -42.00 0.10
N ASN B 57 -15.40 -41.94 0.00
CA ASN B 57 -16.10 -40.69 -0.24
C ASN B 57 -16.43 -39.99 1.07
N PHE B 58 -16.90 -40.77 2.04
CA PHE B 58 -17.16 -40.25 3.38
C PHE B 58 -15.86 -39.74 3.99
N ALA B 59 -14.75 -40.35 3.58
CA ALA B 59 -13.44 -39.94 4.05
C ALA B 59 -12.99 -38.64 3.37
N SER B 60 -13.62 -38.33 2.23
CA SER B 60 -13.31 -37.11 1.51
C SER B 60 -13.87 -35.89 2.24
N SER B 61 -15.07 -36.03 2.77
CA SER B 61 -15.70 -34.94 3.52
C SER B 61 -14.95 -34.65 4.81
N ALA B 62 -14.02 -35.55 5.16
CA ALA B 62 -13.14 -35.33 6.31
C ALA B 62 -12.13 -34.25 5.98
N LEU B 63 -12.12 -33.81 4.73
CA LEU B 63 -11.34 -32.66 4.31
C LEU B 63 -11.84 -31.42 5.02
N SER B 64 -13.17 -31.24 5.02
CA SER B 64 -13.77 -30.09 5.67
C SER B 64 -13.15 -29.83 7.04
N ALA B 65 -12.79 -30.91 7.73
CA ALA B 65 -12.16 -30.81 9.04
C ALA B 65 -10.97 -29.86 9.02
N VAL B 66 -10.07 -30.05 8.05
CA VAL B 66 -8.87 -29.22 7.94
C VAL B 66 -9.20 -27.79 7.53
N VAL B 67 -10.01 -27.63 6.50
CA VAL B 67 -10.37 -26.31 6.00
C VAL B 67 -11.03 -25.46 7.07
N ASP B 68 -11.72 -26.11 8.01
CA ASP B 68 -12.45 -25.42 9.06
C ASP B 68 -11.55 -25.01 10.22
N ASN B 69 -10.60 -25.87 10.56
CA ASN B 69 -9.73 -25.67 11.71
C ASN B 69 -8.32 -25.23 11.33
N LEU B 70 -7.92 -25.54 10.11
CA LEU B 70 -6.65 -25.05 9.56
C LEU B 70 -6.92 -24.01 8.47
N GLY B 71 -8.18 -23.61 8.34
CA GLY B 71 -8.53 -22.53 7.45
C GLY B 71 -7.64 -21.34 7.78
N TRP B 72 -7.75 -20.86 9.02
CA TRP B 72 -6.93 -19.76 9.50
C TRP B 72 -5.46 -19.94 9.12
N ALA B 73 -5.00 -21.19 9.17
CA ALA B 73 -3.59 -21.50 8.95
C ALA B 73 -3.11 -21.10 7.57
N PHE B 74 -3.81 -21.57 6.54
CA PHE B 74 -3.41 -21.33 5.15
C PHE B 74 -3.50 -19.87 4.74
N ILE B 75 -4.67 -19.27 4.97
CA ILE B 75 -4.91 -17.89 4.53
C ILE B 75 -4.07 -16.89 5.32
N LEU B 76 -3.44 -17.36 6.39
CA LEU B 76 -2.54 -16.49 7.16
C LEU B 76 -1.11 -16.57 6.61
N PHE B 77 -0.56 -17.78 6.56
CA PHE B 77 0.81 -17.97 6.14
C PHE B 77 0.99 -17.89 4.63
N GLY B 78 -0.03 -18.32 3.89
CA GLY B 78 0.00 -18.19 2.44
C GLY B 78 0.37 -16.78 2.03
N THR B 79 -0.08 -15.80 2.82
CA THR B 79 0.20 -14.41 2.54
C THR B 79 1.55 -13.99 3.13
N VAL B 80 1.93 -14.64 4.22
CA VAL B 80 3.22 -14.33 4.85
C VAL B 80 4.37 -14.67 3.92
N PHE B 81 4.35 -15.88 3.37
CA PHE B 81 5.37 -16.32 2.43
C PHE B 81 5.62 -15.25 1.36
N VAL B 82 4.54 -14.68 0.84
CA VAL B 82 4.64 -13.65 -0.20
C VAL B 82 5.46 -12.48 0.31
N PHE B 83 5.24 -12.10 1.55
CA PHE B 83 6.00 -11.02 2.15
C PHE B 83 7.40 -11.48 2.53
N PHE B 84 7.53 -12.75 2.86
CA PHE B 84 8.78 -13.31 3.35
C PHE B 84 9.89 -13.25 2.32
N ILE B 85 9.69 -13.90 1.18
CA ILE B 85 10.68 -13.85 0.12
C ILE B 85 11.01 -12.41 -0.25
N VAL B 86 9.99 -11.59 -0.41
CA VAL B 86 10.21 -10.17 -0.65
C VAL B 86 11.15 -9.60 0.41
N VAL B 87 10.77 -9.72 1.67
CA VAL B 87 11.60 -9.21 2.76
C VAL B 87 12.99 -9.86 2.76
N ILE B 88 13.11 -11.02 2.12
CA ILE B 88 14.42 -11.66 2.04
C ILE B 88 15.20 -11.16 0.83
N ALA B 89 14.54 -11.12 -0.32
CA ALA B 89 15.16 -10.56 -1.52
C ALA B 89 15.61 -9.15 -1.24
N ALA B 90 14.86 -8.46 -0.39
CA ALA B 90 15.14 -7.07 -0.04
C ALA B 90 16.47 -6.92 0.69
N SER B 91 16.75 -7.82 1.62
CA SER B 91 17.91 -7.67 2.49
C SER B 91 19.19 -8.23 1.88
N LYS B 92 20.25 -8.24 2.68
CA LYS B 92 21.58 -8.64 2.25
C LYS B 92 21.62 -10.03 1.61
N PHE B 93 20.79 -10.93 2.12
CA PHE B 93 20.78 -12.31 1.65
C PHE B 93 20.55 -12.37 0.14
N GLY B 94 20.08 -11.27 -0.43
CA GLY B 94 19.77 -11.19 -1.84
C GLY B 94 20.98 -11.25 -2.75
N THR B 95 21.96 -10.38 -2.48
CA THR B 95 23.17 -10.28 -3.28
C THR B 95 23.92 -11.61 -3.34
N ILE B 96 23.76 -12.41 -2.28
CA ILE B 96 24.46 -13.69 -2.17
C ILE B 96 24.05 -14.67 -3.27
N ARG B 97 24.99 -15.01 -4.14
CA ARG B 97 24.76 -16.02 -5.16
C ARG B 97 24.50 -17.36 -4.47
N LEU B 98 24.31 -18.41 -5.25
CA LEU B 98 24.20 -19.75 -4.67
C LEU B 98 25.22 -20.70 -5.31
N GLY B 99 26.38 -20.82 -4.65
CA GLY B 99 27.46 -21.64 -5.16
C GLY B 99 28.81 -21.18 -4.67
N ARG B 100 29.83 -21.40 -5.48
CA ARG B 100 31.19 -21.00 -5.13
C ARG B 100 31.43 -19.53 -5.48
N ILE B 101 30.40 -18.71 -5.34
CA ILE B 101 30.44 -17.28 -5.68
C ILE B 101 30.88 -17.04 -7.11
N ASP B 102 30.16 -16.15 -7.80
CA ASP B 102 30.46 -15.84 -9.20
C ASP B 102 30.49 -17.12 -10.03
N GLU B 103 29.88 -18.18 -9.50
CA GLU B 103 29.84 -19.45 -10.19
C GLU B 103 29.04 -19.32 -11.47
N ALA B 104 29.66 -19.61 -12.62
CA ALA B 104 29.00 -19.44 -13.90
C ALA B 104 27.60 -20.05 -13.85
N PRO B 105 26.58 -19.21 -14.09
CA PRO B 105 25.16 -19.62 -14.05
C PRO B 105 24.91 -20.91 -14.80
N GLU B 106 24.33 -20.83 -15.99
CA GLU B 106 24.07 -21.99 -16.83
C GLU B 106 22.87 -21.75 -17.74
N PHE B 107 21.74 -22.35 -17.37
CA PHE B 107 20.51 -22.25 -18.13
C PHE B 107 20.11 -20.79 -18.37
N ARG B 108 19.72 -20.49 -19.60
CA ARG B 108 19.34 -19.13 -19.96
C ARG B 108 17.92 -18.80 -19.50
N THR B 109 17.45 -17.61 -19.86
CA THR B 109 16.16 -17.12 -19.40
C THR B 109 15.02 -18.07 -19.74
N VAL B 110 15.08 -18.67 -20.92
CA VAL B 110 14.02 -19.55 -21.41
C VAL B 110 13.88 -20.81 -20.54
N SER B 111 14.81 -21.00 -19.63
CA SER B 111 14.78 -22.16 -18.74
C SER B 111 13.59 -22.14 -17.81
N TRP B 112 13.36 -20.99 -17.18
CA TRP B 112 12.28 -20.84 -16.21
C TRP B 112 10.91 -20.90 -16.86
N ILE B 113 10.52 -19.78 -17.47
CA ILE B 113 9.21 -19.65 -18.12
C ILE B 113 8.64 -21.00 -18.59
N SER B 114 9.49 -21.82 -19.20
CA SER B 114 9.06 -23.15 -19.63
C SER B 114 8.67 -24.03 -18.46
N MET B 115 9.67 -24.55 -17.75
CA MET B 115 9.44 -25.46 -16.63
C MET B 115 8.57 -24.83 -15.55
N MET B 116 8.71 -23.52 -15.35
CA MET B 116 7.92 -22.82 -14.34
C MET B 116 6.43 -23.06 -14.55
N PHE B 117 6.01 -23.06 -15.82
CA PHE B 117 4.62 -23.28 -16.16
C PHE B 117 4.40 -24.67 -16.75
N ALA B 118 5.50 -25.40 -16.92
CA ALA B 118 5.44 -26.74 -17.49
C ALA B 118 5.21 -27.79 -16.40
N ALA B 119 5.89 -27.61 -15.28
CA ALA B 119 5.77 -28.54 -14.16
C ALA B 119 4.78 -28.02 -13.12
N GLY B 120 4.85 -26.72 -12.85
CA GLY B 120 3.97 -26.09 -11.87
C GLY B 120 2.51 -26.19 -12.27
N MET B 121 2.22 -25.90 -13.53
CA MET B 121 0.85 -25.95 -14.04
C MET B 121 0.83 -26.30 -15.52
N GLY B 122 -0.16 -25.77 -16.24
CA GLY B 122 -0.30 -26.03 -17.66
C GLY B 122 -1.55 -26.82 -17.98
N ILE B 123 -1.74 -27.94 -17.29
CA ILE B 123 -2.89 -28.79 -17.50
C ILE B 123 -4.20 -28.02 -17.26
N ASP B 124 -4.52 -27.72 -16.01
CA ASP B 124 -5.81 -27.11 -15.73
C ASP B 124 -5.83 -25.65 -16.10
N LEU B 125 -4.68 -25.03 -15.98
CA LEU B 125 -4.49 -23.64 -16.31
C LEU B 125 -4.83 -23.41 -17.75
N MET B 126 -5.72 -24.22 -18.25
CA MET B 126 -6.23 -24.00 -19.55
C MET B 126 -7.70 -24.06 -19.37
N PHE B 127 -8.13 -24.96 -18.51
CA PHE B 127 -9.54 -24.97 -18.14
C PHE B 127 -9.84 -23.79 -17.23
N TYR B 128 -8.96 -23.56 -16.26
CA TYR B 128 -9.12 -22.48 -15.31
C TYR B 128 -8.85 -21.11 -15.91
N GLY B 129 -8.06 -21.05 -16.97
CA GLY B 129 -7.80 -19.81 -17.65
C GLY B 129 -9.09 -19.15 -18.11
N THR B 130 -10.19 -19.89 -18.07
CA THR B 130 -11.47 -19.37 -18.55
C THR B 130 -12.61 -19.53 -17.53
N THR B 131 -12.73 -20.73 -16.97
CA THR B 131 -13.81 -21.04 -16.04
C THR B 131 -13.77 -20.20 -14.77
N GLU B 132 -12.57 -19.79 -14.34
CA GLU B 132 -12.46 -19.04 -13.10
C GLU B 132 -12.87 -17.59 -13.27
N PRO B 133 -12.13 -16.81 -14.08
CA PRO B 133 -12.56 -15.43 -14.27
C PRO B 133 -14.01 -15.36 -14.76
N LEU B 134 -14.46 -16.38 -15.47
CA LEU B 134 -15.84 -16.41 -15.94
C LEU B 134 -16.84 -16.71 -14.82
N THR B 135 -16.42 -17.51 -13.84
CA THR B 135 -17.27 -17.82 -12.70
C THR B 135 -17.42 -16.63 -11.77
N PHE B 136 -16.29 -16.07 -11.35
CA PHE B 136 -16.27 -14.98 -10.38
C PHE B 136 -17.04 -13.76 -10.86
N TYR B 137 -17.04 -13.54 -12.17
CA TYR B 137 -17.88 -12.51 -12.76
C TYR B 137 -19.35 -12.86 -12.48
N ARG B 138 -19.79 -13.98 -13.04
CA ARG B 138 -21.20 -14.40 -12.97
C ARG B 138 -21.79 -14.51 -11.57
N ASN B 139 -21.11 -15.19 -10.66
CA ASN B 139 -21.68 -15.42 -9.33
C ASN B 139 -21.11 -14.48 -8.27
N GLY B 140 -19.96 -13.90 -8.55
CA GLY B 140 -19.33 -12.99 -7.61
C GLY B 140 -18.68 -13.70 -6.44
N VAL B 141 -17.61 -13.10 -5.91
CA VAL B 141 -16.95 -13.63 -4.74
C VAL B 141 -17.51 -12.94 -3.49
N PRO B 142 -17.31 -13.56 -2.32
CA PRO B 142 -17.88 -13.04 -1.08
C PRO B 142 -17.58 -11.56 -0.89
N GLY B 143 -18.53 -10.83 -0.33
CA GLY B 143 -18.33 -9.43 0.02
C GLY B 143 -18.37 -8.50 -1.18
N HIS B 144 -19.04 -8.93 -2.24
CA HIS B 144 -19.16 -8.09 -3.42
C HIS B 144 -20.44 -8.35 -4.20
N ASP B 145 -20.54 -7.69 -5.35
CA ASP B 145 -21.67 -7.89 -6.24
C ASP B 145 -21.18 -8.54 -7.53
N GLU B 146 -22.03 -9.31 -8.17
CA GLU B 146 -21.64 -10.06 -9.37
C GLU B 146 -21.40 -9.13 -10.55
N HIS B 147 -20.81 -9.72 -11.60
CA HIS B 147 -20.46 -9.01 -12.82
C HIS B 147 -19.51 -7.87 -12.54
N ASN B 148 -18.64 -8.06 -11.55
CA ASN B 148 -17.59 -7.09 -11.26
C ASN B 148 -16.31 -7.53 -11.92
N VAL B 149 -16.03 -7.00 -13.10
CA VAL B 149 -14.83 -7.34 -13.85
C VAL B 149 -13.56 -7.26 -12.99
N GLY B 150 -13.36 -6.11 -12.35
CA GLY B 150 -12.19 -5.91 -11.50
C GLY B 150 -11.97 -7.01 -10.50
N VAL B 151 -12.96 -7.27 -9.65
CA VAL B 151 -12.88 -8.34 -8.66
C VAL B 151 -12.65 -9.69 -9.36
N ALA B 152 -13.48 -9.99 -10.35
CA ALA B 152 -13.36 -11.24 -11.10
C ALA B 152 -11.95 -11.47 -11.64
N MET B 153 -11.19 -10.39 -11.83
CA MET B 153 -9.82 -10.52 -12.30
C MET B 153 -8.85 -10.57 -11.13
N SER B 154 -9.16 -9.83 -10.08
CA SER B 154 -8.27 -9.68 -8.93
C SER B 154 -8.26 -10.95 -8.12
N THR B 155 -9.41 -11.62 -8.08
CA THR B 155 -9.51 -12.86 -7.33
C THR B 155 -8.77 -13.98 -8.04
N THR B 156 -9.02 -14.13 -9.34
CA THR B 156 -8.26 -15.10 -10.12
C THR B 156 -6.78 -14.85 -9.94
N MET B 157 -6.33 -13.66 -10.33
CA MET B 157 -4.95 -13.25 -10.18
C MET B 157 -4.40 -13.65 -8.82
N PHE B 158 -5.15 -13.32 -7.77
CA PHE B 158 -4.77 -13.64 -6.40
C PHE B 158 -4.41 -15.11 -6.25
N HIS B 159 -5.22 -15.97 -6.85
CA HIS B 159 -5.04 -17.42 -6.75
C HIS B 159 -3.88 -17.91 -7.60
N TRP B 160 -3.40 -17.08 -8.52
CA TRP B 160 -2.36 -17.52 -9.45
C TRP B 160 -1.24 -16.50 -9.66
N THR B 161 -0.52 -16.14 -8.61
CA THR B 161 0.65 -15.27 -8.76
C THR B 161 1.53 -15.26 -7.51
N LEU B 162 1.63 -14.09 -6.90
CA LEU B 162 2.50 -13.88 -5.74
C LEU B 162 2.39 -14.96 -4.67
N HIS B 163 1.22 -15.57 -4.56
CA HIS B 163 0.98 -16.56 -3.50
C HIS B 163 1.49 -17.96 -3.82
N PRO B 164 1.06 -18.51 -4.97
CA PRO B 164 1.51 -19.86 -5.32
C PRO B 164 3.00 -19.91 -5.64
N TRP B 165 3.64 -18.75 -5.79
CA TRP B 165 5.04 -18.71 -6.18
C TRP B 165 5.98 -18.38 -5.03
N ALA B 166 5.42 -18.03 -3.89
CA ALA B 166 6.20 -17.82 -2.69
C ALA B 166 6.29 -19.13 -1.93
N ILE B 167 5.20 -19.90 -1.94
CA ILE B 167 5.21 -21.23 -1.34
C ILE B 167 5.93 -22.19 -2.28
N TYR B 168 6.57 -21.60 -3.29
CA TYR B 168 7.47 -22.32 -4.18
C TYR B 168 8.88 -21.79 -3.97
N ALA B 169 9.00 -20.46 -4.02
CA ALA B 169 10.28 -19.80 -3.79
C ALA B 169 10.90 -20.23 -2.48
N ILE B 170 10.13 -20.20 -1.41
CA ILE B 170 10.59 -20.68 -0.11
C ILE B 170 11.32 -22.02 -0.27
N VAL B 171 10.62 -22.99 -0.83
CA VAL B 171 11.20 -24.31 -1.06
C VAL B 171 12.38 -24.21 -2.03
N GLY B 172 12.10 -23.79 -3.26
CA GLY B 172 13.11 -23.68 -4.29
C GLY B 172 14.37 -22.95 -3.85
N LEU B 173 14.20 -21.97 -2.96
CA LEU B 173 15.32 -21.21 -2.45
C LEU B 173 16.06 -21.99 -1.36
N ALA B 174 15.30 -22.55 -0.43
CA ALA B 174 15.87 -23.32 0.67
C ALA B 174 16.75 -24.46 0.14
N ILE B 175 16.12 -25.41 -0.55
CA ILE B 175 16.84 -26.56 -1.08
C ILE B 175 18.08 -26.16 -1.88
N ALA B 176 17.88 -25.30 -2.88
CA ALA B 176 18.98 -24.86 -3.73
C ALA B 176 20.15 -24.33 -2.90
N TYR B 177 19.84 -23.75 -1.74
CA TYR B 177 20.88 -23.25 -0.85
C TYR B 177 21.55 -24.39 -0.12
N SER B 178 20.74 -25.28 0.46
CA SER B 178 21.27 -26.40 1.23
C SER B 178 21.91 -27.45 0.33
N THR B 179 22.18 -27.08 -0.92
CA THR B 179 22.90 -27.96 -1.83
C THR B 179 23.90 -27.18 -2.67
N PHE B 180 23.39 -26.29 -3.52
CA PHE B 180 24.24 -25.54 -4.44
C PHE B 180 24.99 -24.41 -3.73
N ARG B 181 25.02 -24.47 -2.41
CA ARG B 181 25.79 -23.53 -1.61
C ARG B 181 26.56 -24.28 -0.54
N VAL B 182 25.85 -24.74 0.48
CA VAL B 182 26.46 -25.54 1.54
C VAL B 182 27.11 -26.78 0.94
N GLY B 183 26.31 -27.60 0.28
CA GLY B 183 26.82 -28.82 -0.35
C GLY B 183 26.00 -30.05 0.02
N ARG B 184 25.13 -29.89 1.01
CA ARG B 184 24.29 -30.99 1.49
C ARG B 184 23.52 -31.65 0.35
N LYS B 185 22.92 -32.81 0.63
CA LYS B 185 22.19 -33.55 -0.39
C LYS B 185 20.77 -33.04 -0.57
N GLN B 186 20.29 -33.07 -1.81
CA GLN B 186 18.99 -32.51 -2.18
C GLN B 186 17.81 -33.33 -1.65
N LEU B 187 17.37 -32.99 -0.44
CA LEU B 187 16.25 -33.67 0.21
C LEU B 187 15.65 -32.74 1.26
N LEU B 188 14.33 -32.56 1.21
CA LEU B 188 13.64 -31.54 2.01
C LEU B 188 14.08 -31.43 3.46
N SER B 189 14.40 -32.57 4.07
CA SER B 189 14.83 -32.59 5.47
C SER B 189 16.21 -31.95 5.65
N SER B 190 17.05 -32.11 4.63
CA SER B 190 18.42 -31.58 4.68
C SER B 190 18.41 -30.06 4.86
N ALA B 191 17.36 -29.43 4.36
CA ALA B 191 17.23 -27.98 4.48
C ALA B 191 16.81 -27.59 5.90
N PHE B 192 16.35 -28.57 6.66
CA PHE B 192 15.96 -28.35 8.05
C PHE B 192 17.12 -28.53 9.01
N VAL B 193 18.28 -28.88 8.46
CA VAL B 193 19.49 -29.02 9.26
C VAL B 193 19.64 -27.90 10.29
N PRO B 194 19.48 -26.63 9.86
CA PRO B 194 19.64 -25.51 10.79
C PRO B 194 18.72 -25.59 12.00
N LEU B 195 17.51 -26.12 11.82
CA LEU B 195 16.55 -26.23 12.92
C LEU B 195 16.73 -27.51 13.73
N ILE B 196 17.00 -28.62 13.04
CA ILE B 196 17.17 -29.89 13.71
C ILE B 196 18.59 -30.04 14.26
N GLY B 197 19.50 -30.56 13.43
CA GLY B 197 20.88 -30.71 13.84
C GLY B 197 21.75 -31.38 12.80
N GLU B 198 23.07 -31.28 12.98
CA GLU B 198 24.04 -31.91 12.09
C GLU B 198 23.79 -33.41 12.01
N LYS B 199 23.18 -33.85 10.92
CA LYS B 199 22.90 -35.27 10.69
C LYS B 199 21.86 -35.80 11.67
N GLY B 200 21.69 -35.09 12.79
CA GLY B 200 20.75 -35.49 13.82
C GLY B 200 19.31 -35.30 13.38
N ALA B 201 19.11 -35.09 12.08
CA ALA B 201 17.78 -34.95 11.52
C ALA B 201 17.25 -36.31 11.07
N GLU B 202 17.94 -37.37 11.47
CA GLU B 202 17.57 -38.72 11.07
C GLU B 202 16.36 -39.21 11.88
N GLY B 203 16.24 -38.76 13.12
CA GLY B 203 15.17 -39.18 14.00
C GLY B 203 13.80 -38.72 13.52
N TRP B 204 12.80 -38.86 14.39
CA TRP B 204 11.42 -38.49 14.09
C TRP B 204 11.33 -37.52 12.91
N LEU B 205 11.46 -36.23 13.22
CA LEU B 205 11.39 -35.19 12.21
C LEU B 205 12.56 -35.32 11.23
N GLY B 206 12.24 -35.74 10.01
CA GLY B 206 13.26 -35.94 8.99
C GLY B 206 12.91 -37.12 8.12
N LYS B 207 12.51 -38.22 8.74
CA LYS B 207 12.04 -39.38 8.01
C LYS B 207 10.58 -39.14 7.60
N LEU B 208 9.80 -38.59 8.51
CA LEU B 208 8.40 -38.29 8.25
C LEU B 208 8.28 -37.30 7.08
N ILE B 209 9.23 -36.37 7.00
CA ILE B 209 9.26 -35.41 5.90
C ILE B 209 9.28 -36.10 4.55
N ASP B 210 10.29 -36.93 4.32
CA ASP B 210 10.49 -37.61 3.05
C ASP B 210 9.25 -38.42 2.64
N ILE B 211 8.57 -39.00 3.62
CA ILE B 211 7.35 -39.76 3.34
C ILE B 211 6.25 -38.85 2.81
N LEU B 212 6.00 -37.76 3.52
CA LEU B 212 4.95 -36.82 3.14
C LEU B 212 5.29 -36.11 1.84
N ALA B 213 6.58 -35.90 1.59
CA ALA B 213 7.04 -35.27 0.36
C ALA B 213 6.91 -36.22 -0.84
N ILE B 214 6.98 -37.52 -0.56
CA ILE B 214 6.80 -38.52 -1.61
C ILE B 214 5.32 -38.76 -1.86
N ILE B 215 4.55 -38.87 -0.79
CA ILE B 215 3.11 -39.03 -0.89
C ILE B 215 2.50 -37.91 -1.73
N ALA B 216 2.89 -36.68 -1.41
CA ALA B 216 2.36 -35.50 -2.08
C ALA B 216 2.76 -35.43 -3.55
N THR B 217 3.93 -36.00 -3.88
CA THR B 217 4.40 -35.97 -5.25
C THR B 217 3.79 -37.11 -6.07
N VAL B 218 3.52 -38.23 -5.41
CA VAL B 218 2.84 -39.34 -6.08
C VAL B 218 1.40 -38.96 -6.38
N PHE B 219 0.74 -38.34 -5.42
CA PHE B 219 -0.61 -37.83 -5.63
C PHE B 219 -0.61 -36.65 -6.60
N GLY B 220 0.44 -35.84 -6.52
CA GLY B 220 0.59 -34.71 -7.41
C GLY B 220 0.48 -35.15 -8.87
N THR B 221 1.27 -36.15 -9.23
CA THR B 221 1.23 -36.72 -10.57
C THR B 221 -0.12 -37.37 -10.83
N ALA B 222 -0.62 -38.09 -9.84
CA ALA B 222 -1.90 -38.79 -9.96
C ALA B 222 -3.04 -37.83 -10.29
N CYS B 223 -3.02 -36.64 -9.67
CA CYS B 223 -4.04 -35.62 -9.92
C CYS B 223 -3.83 -34.97 -11.28
N SER B 224 -2.58 -34.85 -11.69
CA SER B 224 -2.26 -34.27 -12.99
C SER B 224 -2.70 -35.22 -14.10
N LEU B 225 -2.62 -36.52 -13.83
CA LEU B 225 -3.05 -37.52 -14.79
C LEU B 225 -4.57 -37.59 -14.85
N GLY B 226 -5.22 -37.37 -13.70
CA GLY B 226 -6.66 -37.38 -13.61
C GLY B 226 -7.29 -36.21 -14.35
N LEU B 227 -6.78 -35.02 -14.09
CA LEU B 227 -7.29 -33.82 -14.74
C LEU B 227 -7.15 -33.95 -16.26
N GLY B 228 -5.97 -34.36 -16.70
CA GLY B 228 -5.70 -34.54 -18.12
C GLY B 228 -6.69 -35.48 -18.77
N ALA B 229 -7.26 -36.38 -17.97
CA ALA B 229 -8.23 -37.35 -18.47
C ALA B 229 -9.63 -36.76 -18.56
N LEU B 230 -10.03 -36.00 -17.55
CA LEU B 230 -11.33 -35.36 -17.56
C LEU B 230 -11.38 -34.32 -18.66
N GLN B 231 -10.23 -33.72 -18.96
CA GLN B 231 -10.13 -32.79 -20.07
C GLN B 231 -10.42 -33.50 -21.38
N ILE B 232 -9.64 -34.54 -21.65
CA ILE B 232 -9.78 -35.30 -22.90
C ILE B 232 -11.23 -35.57 -23.27
N GLY B 233 -12.02 -35.98 -22.28
CA GLY B 233 -13.44 -36.21 -22.49
C GLY B 233 -14.09 -35.09 -23.29
N ALA B 234 -13.78 -33.86 -22.90
CA ALA B 234 -14.34 -32.69 -23.57
C ALA B 234 -13.57 -32.37 -24.85
N GLY B 235 -12.30 -32.77 -24.89
CA GLY B 235 -11.48 -32.56 -26.07
C GLY B 235 -12.01 -33.37 -27.23
N LEU B 236 -12.29 -34.64 -26.98
CA LEU B 236 -12.86 -35.51 -28.00
C LEU B 236 -14.23 -35.00 -28.41
N SER B 237 -14.96 -34.42 -27.45
CA SER B 237 -16.26 -33.83 -27.74
C SER B 237 -16.13 -32.72 -28.77
N ALA B 238 -14.98 -32.06 -28.77
CA ALA B 238 -14.68 -31.04 -29.75
C ALA B 238 -14.35 -31.67 -31.10
N ALA B 239 -13.66 -32.81 -31.06
CA ALA B 239 -13.19 -33.49 -32.27
C ALA B 239 -14.10 -34.64 -32.70
N ASN B 240 -13.97 -35.78 -32.03
CA ASN B 240 -14.76 -36.97 -32.36
C ASN B 240 -16.07 -37.04 -31.57
N ILE B 242 -18.98 -37.86 -29.66
CA ILE B 242 -18.38 -37.07 -28.58
C ILE B 242 -17.35 -37.83 -27.72
N GLU B 243 -17.73 -38.93 -27.08
CA GLU B 243 -19.09 -39.44 -27.02
C GLU B 243 -19.38 -39.88 -25.58
N ASP B 244 -19.58 -38.91 -24.70
CA ASP B 244 -19.76 -39.17 -23.28
C ASP B 244 -18.88 -40.33 -22.81
N PRO B 245 -17.58 -40.05 -22.59
CA PRO B 245 -16.53 -41.02 -22.29
C PRO B 245 -17.04 -42.43 -21.97
N SER B 246 -17.34 -43.20 -23.01
CA SER B 246 -17.82 -44.56 -22.86
C SER B 246 -16.66 -45.54 -22.67
N ASP B 247 -15.93 -45.37 -21.58
CA ASP B 247 -14.75 -46.20 -21.33
C ASP B 247 -13.80 -46.07 -22.51
N TRP B 248 -12.72 -46.85 -22.51
CA TRP B 248 -11.72 -46.78 -23.59
C TRP B 248 -11.04 -45.41 -23.62
N THR B 249 -11.79 -44.37 -23.28
CA THR B 249 -11.29 -43.00 -23.35
C THR B 249 -10.24 -42.75 -22.27
N ILE B 250 -10.55 -43.16 -21.05
CA ILE B 250 -9.62 -42.99 -19.94
C ILE B 250 -8.33 -43.77 -20.19
N VAL B 251 -8.47 -45.01 -20.65
CA VAL B 251 -7.32 -45.85 -20.93
C VAL B 251 -6.64 -45.43 -22.23
N GLY B 252 -7.42 -45.37 -23.31
CA GLY B 252 -6.90 -45.04 -24.62
C GLY B 252 -6.28 -43.65 -24.71
N ILE B 253 -6.18 -42.97 -23.58
CA ILE B 253 -5.53 -41.67 -23.52
C ILE B 253 -4.55 -41.58 -22.36
N VAL B 254 -5.04 -41.81 -21.15
CA VAL B 254 -4.17 -41.80 -19.97
C VAL B 254 -3.01 -42.76 -20.18
N SER B 255 -3.31 -43.92 -20.74
CA SER B 255 -2.29 -44.90 -21.07
C SER B 255 -1.43 -44.40 -22.24
N VAL B 256 -2.09 -43.81 -23.24
CA VAL B 256 -1.40 -43.28 -24.41
C VAL B 256 -0.38 -42.21 -24.01
N LEU B 257 -0.70 -41.45 -22.97
CA LEU B 257 0.17 -40.38 -22.50
C LEU B 257 1.20 -40.90 -21.50
N THR B 258 0.85 -41.96 -20.79
CA THR B 258 1.77 -42.62 -19.87
C THR B 258 2.83 -43.38 -20.66
N LEU B 259 2.38 -44.12 -21.68
CA LEU B 259 3.27 -44.87 -22.54
C LEU B 259 4.03 -43.93 -23.47
N ALA B 260 3.55 -42.69 -23.59
CA ALA B 260 4.23 -41.67 -24.37
C ALA B 260 5.25 -40.95 -23.51
N PHE B 261 5.03 -40.97 -22.20
CA PHE B 261 5.96 -40.36 -21.25
C PHE B 261 7.05 -41.35 -20.86
N ILE B 262 6.67 -42.61 -20.75
CA ILE B 262 7.59 -43.66 -20.36
C ILE B 262 8.66 -43.86 -21.44
N PHE B 263 8.44 -43.24 -22.59
CA PHE B 263 9.38 -43.31 -23.70
C PHE B 263 10.30 -42.09 -23.75
N SER B 264 9.78 -40.94 -23.34
CA SER B 264 10.56 -39.70 -23.33
C SER B 264 11.37 -39.56 -22.05
N ALA B 265 11.37 -40.60 -21.23
CA ALA B 265 12.13 -40.61 -19.98
C ALA B 265 13.29 -41.60 -20.03
N ILE B 266 13.07 -42.71 -20.74
CA ILE B 266 14.10 -43.75 -20.86
C ILE B 266 15.35 -43.27 -21.59
N SER B 267 15.18 -42.88 -22.85
CA SER B 267 16.31 -42.43 -23.67
C SER B 267 17.10 -41.31 -22.97
N GLY B 268 18.29 -41.64 -22.52
CA GLY B 268 19.14 -40.67 -21.84
C GLY B 268 19.41 -39.44 -22.69
N VAL B 269 20.00 -39.65 -23.86
CA VAL B 269 20.30 -38.56 -24.77
C VAL B 269 19.04 -37.99 -25.40
N GLY B 270 18.02 -37.79 -24.59
CA GLY B 270 16.75 -37.27 -25.06
C GLY B 270 16.32 -36.01 -24.32
N LYS B 271 16.31 -36.09 -22.99
CA LYS B 271 15.93 -34.95 -22.16
C LYS B 271 14.64 -34.28 -22.66
N GLY B 272 13.51 -34.93 -22.42
CA GLY B 272 12.23 -34.41 -22.84
C GLY B 272 11.81 -33.18 -22.07
N ILE B 273 12.41 -32.99 -20.90
CA ILE B 273 12.07 -31.85 -20.04
C ILE B 273 12.55 -30.52 -20.64
N GLN B 274 13.71 -30.55 -21.28
CA GLN B 274 14.27 -29.34 -21.86
C GLN B 274 13.68 -29.03 -23.24
N TYR B 275 13.02 -30.02 -23.85
CA TYR B 275 12.43 -29.82 -25.16
C TYR B 275 10.93 -29.54 -25.10
N LEU B 276 10.16 -30.52 -24.65
CA LEU B 276 8.71 -30.41 -24.62
C LEU B 276 8.23 -29.12 -23.95
N SER B 277 8.92 -28.72 -22.88
CA SER B 277 8.60 -27.47 -22.22
C SER B 277 8.71 -26.32 -23.22
N ASN B 278 9.83 -26.25 -23.92
CA ASN B 278 10.02 -25.23 -24.95
C ASN B 278 8.92 -25.29 -26.01
N ALA B 279 8.63 -26.48 -26.50
CA ALA B 279 7.53 -26.66 -27.44
C ALA B 279 6.23 -26.19 -26.80
N ASN B 280 6.02 -26.59 -25.55
CA ASN B 280 4.85 -26.19 -24.79
C ASN B 280 4.63 -24.67 -24.78
N MET B 281 5.69 -23.92 -24.50
CA MET B 281 5.61 -22.47 -24.53
C MET B 281 5.21 -21.99 -25.92
N VAL B 282 5.63 -22.72 -26.95
CA VAL B 282 5.33 -22.32 -28.33
C VAL B 282 3.86 -22.55 -28.67
N LEU B 283 3.33 -23.68 -28.23
CA LEU B 283 1.91 -24.00 -28.43
C LEU B 283 1.03 -23.02 -27.68
N ALA B 284 1.28 -22.89 -26.38
CA ALA B 284 0.51 -21.98 -25.53
C ALA B 284 0.60 -20.55 -26.04
N ALA B 285 1.80 -20.12 -26.42
CA ALA B 285 1.98 -18.80 -27.01
C ALA B 285 1.12 -18.66 -28.26
N LEU B 286 1.20 -19.64 -29.14
CA LEU B 286 0.41 -19.63 -30.36
C LEU B 286 -1.08 -19.48 -30.04
N LEU B 287 -1.60 -20.41 -29.25
CA LEU B 287 -2.99 -20.39 -28.81
C LEU B 287 -3.38 -19.02 -28.25
N ALA B 288 -2.64 -18.55 -27.26
CA ALA B 288 -2.89 -17.26 -26.64
C ALA B 288 -2.94 -16.15 -27.69
N ILE B 289 -1.90 -16.06 -28.50
CA ILE B 289 -1.83 -15.01 -29.52
C ILE B 289 -3.02 -15.08 -30.47
N PHE B 290 -3.46 -16.30 -30.76
CA PHE B 290 -4.65 -16.50 -31.59
C PHE B 290 -5.83 -15.70 -31.05
N VAL B 291 -6.38 -16.14 -29.91
CA VAL B 291 -7.51 -15.45 -29.30
C VAL B 291 -7.23 -13.95 -29.16
N PHE B 292 -6.03 -13.60 -28.69
CA PHE B 292 -5.69 -12.21 -28.42
C PHE B 292 -5.93 -11.29 -29.60
N VAL B 293 -5.76 -11.82 -30.80
CA VAL B 293 -5.92 -11.01 -32.01
C VAL B 293 -7.31 -11.15 -32.64
N VAL B 294 -7.76 -12.40 -32.81
CA VAL B 294 -9.08 -12.65 -33.38
C VAL B 294 -10.18 -12.16 -32.46
N GLY B 295 -10.00 -12.40 -31.16
CA GLY B 295 -10.98 -12.02 -30.16
C GLY B 295 -11.00 -10.53 -29.88
N PRO B 296 -11.52 -10.14 -28.72
CA PRO B 296 -11.66 -8.74 -28.30
C PRO B 296 -10.32 -8.18 -27.88
N THR B 297 -9.45 -7.92 -28.85
CA THR B 297 -8.09 -7.49 -28.56
C THR B 297 -8.05 -6.38 -27.52
N VAL B 298 -8.63 -5.23 -27.84
CA VAL B 298 -8.61 -4.10 -26.93
C VAL B 298 -9.06 -4.47 -25.53
N SER B 299 -10.19 -5.15 -25.41
CA SER B 299 -10.65 -5.58 -24.10
C SER B 299 -9.50 -6.22 -23.35
N ILE B 300 -8.92 -7.28 -23.90
CA ILE B 300 -7.73 -7.90 -23.31
C ILE B 300 -6.72 -6.81 -22.96
N LEU B 301 -6.52 -5.90 -23.90
CA LEU B 301 -5.49 -4.88 -23.77
C LEU B 301 -5.84 -3.85 -22.70
N ASN B 302 -7.13 -3.61 -22.49
CA ASN B 302 -7.55 -2.70 -21.44
C ASN B 302 -7.53 -3.39 -20.08
N LEU B 303 -7.47 -4.72 -20.12
CA LEU B 303 -7.52 -5.54 -18.92
C LEU B 303 -6.15 -5.69 -18.27
N LEU B 304 -5.10 -5.29 -18.97
CA LEU B 304 -3.75 -5.37 -18.41
C LEU B 304 -3.56 -4.39 -17.26
N PRO B 305 -3.71 -3.09 -17.54
CA PRO B 305 -3.65 -2.17 -16.39
C PRO B 305 -4.81 -2.48 -15.45
N GLY B 306 -5.94 -2.90 -16.02
CA GLY B 306 -7.14 -3.16 -15.25
C GLY B 306 -6.92 -4.24 -14.22
N SER B 307 -6.26 -5.31 -14.65
CA SER B 307 -5.93 -6.41 -13.75
C SER B 307 -4.95 -5.98 -12.67
N ILE B 308 -3.76 -5.54 -13.08
CA ILE B 308 -2.75 -5.14 -12.10
C ILE B 308 -3.30 -4.18 -11.05
N GLY B 309 -3.67 -2.97 -11.47
CA GLY B 309 -4.23 -1.98 -10.56
C GLY B 309 -5.22 -2.57 -9.58
N ASN B 310 -6.19 -3.31 -10.11
CA ASN B 310 -7.19 -3.95 -9.26
C ASN B 310 -6.52 -4.90 -8.28
N TYR B 311 -5.66 -5.77 -8.79
CA TYR B 311 -4.94 -6.73 -7.95
C TYR B 311 -4.27 -6.01 -6.80
N LEU B 312 -3.54 -4.95 -7.12
CA LEU B 312 -2.89 -4.18 -6.07
C LEU B 312 -3.92 -3.62 -5.10
N SER B 313 -5.08 -3.21 -5.60
CA SER B 313 -6.06 -2.61 -4.73
C SER B 313 -6.73 -3.67 -3.86
N ASN B 314 -7.33 -4.68 -4.48
CA ASN B 314 -8.00 -5.72 -3.71
C ASN B 314 -7.07 -6.74 -3.06
N PHE B 315 -5.82 -6.36 -2.79
CA PHE B 315 -4.85 -7.33 -2.28
C PHE B 315 -4.99 -7.63 -0.79
N PHE B 316 -5.07 -6.59 0.03
CA PHE B 316 -5.09 -6.78 1.47
C PHE B 316 -6.45 -7.22 2.01
N GLN B 317 -7.50 -7.03 1.24
CA GLN B 317 -8.81 -7.54 1.65
C GLN B 317 -8.88 -9.03 1.36
N MET B 318 -8.65 -9.41 0.10
CA MET B 318 -8.72 -10.81 -0.30
C MET B 318 -7.52 -11.56 0.26
N ALA B 319 -6.62 -10.82 0.90
CA ALA B 319 -5.53 -11.45 1.63
C ALA B 319 -6.04 -11.84 3.01
N GLY B 320 -7.01 -11.07 3.50
CA GLY B 320 -7.59 -11.31 4.80
C GLY B 320 -9.04 -11.76 4.72
N ARG B 321 -9.42 -12.39 3.61
CA ARG B 321 -10.77 -12.91 3.47
C ARG B 321 -10.92 -14.15 4.34
N THR B 322 -11.11 -13.94 5.64
CA THR B 322 -11.26 -15.03 6.58
C THR B 322 -12.67 -15.61 6.52
N ALA B 323 -12.83 -16.84 7.02
CA ALA B 323 -14.12 -17.51 7.03
C ALA B 323 -15.09 -16.84 8.00
N MET B 324 -14.64 -15.76 8.63
CA MET B 324 -15.50 -14.98 9.51
C MET B 324 -16.19 -13.87 8.74
N SER B 325 -15.68 -13.59 7.55
CA SER B 325 -16.28 -12.61 6.67
C SER B 325 -16.99 -13.34 5.54
N ALA B 326 -18.11 -12.80 5.06
CA ALA B 326 -18.72 -11.62 5.66
C ALA B 326 -19.98 -12.05 6.37
N ASP B 327 -20.07 -11.73 7.66
CA ASP B 327 -21.19 -12.18 8.48
C ASP B 327 -21.15 -13.70 8.65
N GLY B 328 -20.04 -14.33 8.26
CA GLY B 328 -19.85 -15.76 8.44
C GLY B 328 -20.17 -16.57 7.20
N THR B 329 -20.43 -15.89 6.09
CA THR B 329 -20.91 -16.54 4.88
C THR B 329 -19.83 -17.25 4.06
N ALA B 330 -18.67 -16.62 3.93
CA ALA B 330 -17.65 -17.09 2.99
C ALA B 330 -17.07 -18.45 3.35
N GLY B 331 -17.54 -19.02 4.46
CA GLY B 331 -17.08 -20.32 4.88
C GLY B 331 -16.88 -21.25 3.70
N GLU B 332 -17.96 -21.52 2.97
CA GLU B 332 -17.93 -22.48 1.88
C GLU B 332 -17.06 -22.04 0.70
N TRP B 333 -17.33 -20.85 0.18
CA TRP B 333 -16.58 -20.32 -0.97
C TRP B 333 -15.08 -20.44 -0.77
N LEU B 334 -14.61 -20.10 0.43
CA LEU B 334 -13.19 -20.13 0.73
C LEU B 334 -12.65 -21.53 0.56
N GLY B 335 -13.19 -22.47 1.32
CA GLY B 335 -12.77 -23.85 1.25
C GLY B 335 -12.81 -24.39 -0.17
N SER B 336 -13.94 -24.18 -0.83
CA SER B 336 -14.10 -24.63 -2.21
C SER B 336 -13.14 -23.90 -3.16
N TRP B 337 -12.64 -22.75 -2.74
CA TRP B 337 -11.74 -21.93 -3.57
C TRP B 337 -10.39 -21.65 -2.92
N THR B 338 -10.18 -20.39 -2.55
CA THR B 338 -8.90 -19.95 -1.99
C THR B 338 -8.22 -21.02 -1.15
N ILE B 339 -8.93 -21.50 -0.13
CA ILE B 339 -8.34 -22.47 0.80
C ILE B 339 -7.85 -23.72 0.09
N PHE B 340 -8.77 -24.39 -0.57
CA PHE B 340 -8.44 -25.56 -1.38
C PHE B 340 -7.27 -25.20 -2.28
N TYR B 341 -7.34 -24.02 -2.86
CA TYR B 341 -6.28 -23.53 -3.73
C TYR B 341 -4.92 -23.53 -3.03
N TRP B 342 -4.92 -23.21 -1.74
CA TRP B 342 -3.67 -23.18 -0.97
C TRP B 342 -3.24 -24.59 -0.60
N ALA B 343 -4.12 -25.30 0.09
CA ALA B 343 -3.85 -26.69 0.48
C ALA B 343 -3.35 -27.51 -0.70
N TRP B 344 -3.91 -27.23 -1.87
CA TRP B 344 -3.49 -27.86 -3.10
C TRP B 344 -2.09 -27.44 -3.47
N TRP B 345 -1.87 -26.13 -3.50
CA TRP B 345 -0.56 -25.58 -3.80
C TRP B 345 0.50 -26.20 -2.91
N ILE B 346 0.29 -26.08 -1.59
CA ILE B 346 1.29 -26.52 -0.62
C ILE B 346 1.80 -27.91 -0.97
N SER B 347 0.94 -28.70 -1.62
CA SER B 347 1.30 -30.04 -2.04
C SER B 347 2.43 -30.04 -3.06
N TRP B 348 2.26 -29.26 -4.13
CA TRP B 348 3.21 -29.24 -5.23
C TRP B 348 4.49 -28.45 -4.93
N SER B 349 4.67 -28.03 -3.68
CA SER B 349 5.86 -27.29 -3.31
C SER B 349 7.17 -28.09 -3.43
N PRO B 350 7.18 -29.36 -2.96
CA PRO B 350 8.38 -30.18 -3.14
C PRO B 350 8.78 -30.24 -4.61
N PHE B 351 7.95 -30.86 -5.44
CA PHE B 351 8.24 -31.03 -6.85
C PHE B 351 8.62 -29.71 -7.54
N VAL B 352 7.70 -28.75 -7.54
CA VAL B 352 7.93 -27.48 -8.23
C VAL B 352 9.11 -26.72 -7.64
N GLY B 353 9.24 -26.78 -6.32
CA GLY B 353 10.33 -26.10 -5.63
C GLY B 353 11.68 -26.70 -6.00
N MET B 354 11.78 -28.03 -5.88
CA MET B 354 12.98 -28.75 -6.25
C MET B 354 13.40 -28.40 -7.68
N PHE B 355 12.42 -28.33 -8.57
CA PHE B 355 12.68 -28.06 -9.98
C PHE B 355 13.23 -26.65 -10.19
N LEU B 356 12.90 -25.74 -9.27
CA LEU B 356 13.40 -24.38 -9.32
C LEU B 356 14.86 -24.34 -8.90
N ALA B 357 15.41 -25.51 -8.60
CA ALA B 357 16.80 -25.63 -8.19
C ALA B 357 17.57 -26.57 -9.11
N ARG B 358 16.95 -27.68 -9.49
CA ARG B 358 17.58 -28.68 -10.34
C ARG B 358 17.93 -28.09 -11.71
N ILE B 359 17.50 -26.86 -11.95
CA ILE B 359 17.82 -26.20 -13.21
C ILE B 359 18.27 -24.76 -12.97
N SER B 360 19.04 -24.56 -11.90
CA SER B 360 19.59 -23.26 -11.56
C SER B 360 20.83 -23.41 -10.69
N ARG B 361 21.89 -22.68 -11.02
CA ARG B 361 23.14 -22.76 -10.27
C ARG B 361 24.07 -21.60 -10.58
N GLY B 362 24.23 -20.70 -9.63
CA GLY B 362 25.17 -19.61 -9.77
C GLY B 362 24.54 -18.23 -9.76
N ARG B 363 23.24 -18.17 -10.02
CA ARG B 363 22.54 -16.89 -10.06
C ARG B 363 21.95 -16.54 -8.70
N SER B 364 22.35 -15.38 -8.17
CA SER B 364 21.97 -14.94 -6.83
C SER B 364 20.49 -15.16 -6.53
N ILE B 365 20.18 -15.38 -5.25
CA ILE B 365 18.81 -15.61 -4.81
C ILE B 365 17.91 -14.48 -5.27
N ARG B 366 18.42 -13.25 -5.24
CA ARG B 366 17.65 -12.07 -5.60
C ARG B 366 17.23 -12.13 -7.07
N GLU B 367 18.18 -12.44 -7.94
CA GLU B 367 17.90 -12.60 -9.35
C GLU B 367 17.12 -13.90 -9.59
N PHE B 368 16.68 -14.51 -8.49
CA PHE B 368 15.90 -15.74 -8.56
C PHE B 368 14.52 -15.56 -7.90
N ILE B 369 14.51 -14.94 -6.74
CA ILE B 369 13.26 -14.66 -6.03
C ILE B 369 12.29 -13.97 -6.97
N LEU B 370 12.70 -12.83 -7.51
CA LEU B 370 11.87 -12.12 -8.47
C LEU B 370 11.79 -12.89 -9.78
N GLY B 371 12.75 -13.78 -9.99
CA GLY B 371 12.72 -14.63 -11.17
C GLY B 371 11.47 -15.49 -11.15
N VAL B 372 11.11 -15.98 -9.98
CA VAL B 372 9.94 -16.85 -9.83
C VAL B 372 8.75 -16.05 -9.28
N LEU B 373 8.81 -14.73 -9.41
CA LEU B 373 7.74 -13.86 -8.95
C LEU B 373 7.26 -12.92 -10.05
N LEU B 374 8.02 -11.86 -10.30
CA LEU B 374 7.69 -10.93 -11.36
C LEU B 374 7.35 -11.64 -12.67
N VAL B 375 8.06 -12.72 -12.97
CA VAL B 375 7.94 -13.38 -14.27
C VAL B 375 6.73 -14.30 -14.39
N PRO B 376 6.58 -15.25 -13.45
CA PRO B 376 5.38 -16.10 -13.47
C PRO B 376 4.12 -15.24 -13.40
N ALA B 377 4.16 -14.19 -12.58
CA ALA B 377 3.06 -13.25 -12.50
C ALA B 377 2.69 -12.77 -13.90
N GLY B 378 3.67 -12.23 -14.61
CA GLY B 378 3.45 -11.72 -15.94
C GLY B 378 2.64 -12.66 -16.81
N VAL B 379 3.16 -13.87 -17.00
CA VAL B 379 2.50 -14.84 -17.88
C VAL B 379 1.09 -15.19 -17.44
N SER B 380 0.92 -15.50 -16.16
CA SER B 380 -0.40 -15.85 -15.64
C SER B 380 -1.39 -14.70 -15.87
N THR B 381 -1.02 -13.52 -15.39
CA THR B 381 -1.86 -12.35 -15.57
C THR B 381 -2.31 -12.23 -17.01
N VAL B 382 -1.34 -12.22 -17.93
CA VAL B 382 -1.61 -12.10 -19.36
C VAL B 382 -2.53 -13.22 -19.85
N TRP B 383 -2.20 -14.45 -19.50
CA TRP B 383 -3.01 -15.61 -19.86
C TRP B 383 -4.48 -15.41 -19.51
N PHE B 384 -4.75 -15.28 -18.22
CA PHE B 384 -6.11 -15.01 -17.75
C PHE B 384 -6.73 -13.82 -18.48
N SER B 385 -6.02 -12.70 -18.51
CA SER B 385 -6.53 -11.50 -19.18
C SER B 385 -7.03 -11.82 -20.59
N ILE B 386 -6.19 -12.49 -21.37
CA ILE B 386 -6.58 -12.93 -22.71
C ILE B 386 -7.85 -13.78 -22.67
N PHE B 387 -7.72 -14.99 -22.13
CA PHE B 387 -8.82 -15.93 -22.09
C PHE B 387 -9.94 -15.45 -21.16
N GLY B 388 -9.74 -15.65 -19.86
CA GLY B 388 -10.70 -15.19 -18.88
C GLY B 388 -11.35 -13.86 -19.24
N GLY B 389 -10.54 -12.90 -19.68
CA GLY B 389 -11.05 -11.59 -20.07
C GLY B 389 -11.99 -11.68 -21.25
N THR B 390 -11.55 -12.36 -22.31
CA THR B 390 -12.38 -12.60 -23.48
C THR B 390 -13.71 -13.22 -23.09
N ALA B 391 -13.66 -14.21 -22.20
CA ALA B 391 -14.87 -14.87 -21.73
C ALA B 391 -15.85 -13.86 -21.15
N ILE B 392 -15.33 -12.92 -20.37
CA ILE B 392 -16.15 -11.86 -19.80
C ILE B 392 -16.68 -10.96 -20.90
N VAL B 393 -15.82 -10.65 -21.87
CA VAL B 393 -16.23 -9.84 -23.01
C VAL B 393 -17.40 -10.51 -23.72
N PHE B 394 -17.32 -11.83 -23.87
CA PHE B 394 -18.41 -12.61 -24.42
C PHE B 394 -19.64 -12.52 -23.53
N GLU B 395 -19.45 -12.88 -22.25
CA GLU B 395 -20.51 -12.84 -21.26
C GLU B 395 -21.30 -11.51 -21.31
N GLN B 396 -20.59 -10.39 -21.41
CA GLN B 396 -21.22 -9.08 -21.49
C GLN B 396 -22.02 -8.90 -22.78
N ASN B 397 -21.42 -9.21 -23.92
CA ASN B 397 -22.07 -9.00 -25.21
C ASN B 397 -23.28 -9.89 -25.46
N GLY B 398 -23.56 -10.78 -24.51
CA GLY B 398 -24.72 -11.65 -24.61
C GLY B 398 -24.45 -13.00 -25.24
N GLU B 399 -23.30 -13.14 -25.89
CA GLU B 399 -22.92 -14.41 -26.48
C GLU B 399 -22.09 -15.23 -25.50
N SER B 400 -22.74 -15.77 -24.47
CA SER B 400 -22.01 -16.51 -23.44
C SER B 400 -21.45 -17.83 -23.94
N ILE B 401 -20.63 -18.45 -23.10
CA ILE B 401 -19.98 -19.71 -23.43
C ILE B 401 -19.95 -20.57 -22.18
N TRP B 402 -20.76 -20.19 -21.20
CA TRP B 402 -20.82 -20.92 -19.94
C TRP B 402 -21.55 -22.26 -20.10
N GLY B 403 -22.61 -22.25 -20.90
CA GLY B 403 -23.41 -23.42 -21.22
C GLY B 403 -23.28 -24.62 -20.31
N ASP B 404 -24.35 -24.93 -19.58
CA ASP B 404 -24.42 -26.09 -18.70
C ASP B 404 -23.48 -25.99 -17.50
N GLY B 405 -22.39 -25.25 -17.66
CA GLY B 405 -21.53 -24.90 -16.55
C GLY B 405 -20.53 -25.96 -16.10
N ALA B 406 -19.92 -26.63 -17.06
CA ALA B 406 -18.84 -27.57 -16.76
C ALA B 406 -17.50 -26.90 -17.04
N ALA B 407 -16.63 -26.86 -16.03
CA ALA B 407 -15.32 -26.22 -16.18
C ALA B 407 -14.57 -26.77 -17.38
N GLU B 408 -14.81 -28.05 -17.68
CA GLU B 408 -14.04 -28.77 -18.70
C GLU B 408 -14.55 -28.53 -20.12
N GLU B 409 -15.69 -27.85 -20.26
CA GLU B 409 -16.28 -27.63 -21.57
C GLU B 409 -16.15 -26.19 -22.02
N GLN B 410 -15.77 -25.32 -21.10
CA GLN B 410 -15.77 -23.88 -21.38
C GLN B 410 -14.60 -23.39 -22.25
N LEU B 411 -13.39 -23.85 -21.94
CA LEU B 411 -12.24 -23.47 -22.74
C LEU B 411 -12.55 -23.63 -24.23
N PHE B 412 -13.13 -24.77 -24.59
CA PHE B 412 -13.43 -25.08 -25.98
C PHE B 412 -14.62 -24.29 -26.50
N GLY B 413 -15.60 -24.06 -25.63
CA GLY B 413 -16.74 -23.23 -26.00
C GLY B 413 -16.26 -21.87 -26.50
N LEU B 414 -15.45 -21.22 -25.68
CA LEU B 414 -14.85 -19.94 -26.05
C LEU B 414 -14.09 -20.09 -27.36
N LEU B 415 -13.31 -21.16 -27.48
CA LEU B 415 -12.50 -21.38 -28.66
C LEU B 415 -13.32 -21.53 -29.95
N HIS B 416 -14.20 -22.53 -29.98
CA HIS B 416 -15.02 -22.78 -31.16
C HIS B 416 -15.86 -21.57 -31.55
N ALA B 417 -15.89 -20.58 -30.66
CA ALA B 417 -16.65 -19.36 -30.89
C ALA B 417 -15.87 -18.40 -31.78
N LEU B 418 -14.67 -18.81 -32.17
CA LEU B 418 -13.78 -17.96 -32.98
C LEU B 418 -13.38 -18.63 -34.29
N PRO B 419 -13.27 -17.82 -35.36
CA PRO B 419 -12.77 -18.29 -36.66
C PRO B 419 -11.52 -19.14 -36.52
N GLY B 420 -11.58 -20.36 -37.03
CA GLY B 420 -10.48 -21.30 -36.88
C GLY B 420 -10.53 -21.93 -35.50
N GLY B 421 -11.75 -22.11 -34.99
CA GLY B 421 -11.96 -22.64 -33.67
C GLY B 421 -11.57 -24.11 -33.53
N GLN B 422 -12.28 -24.98 -34.24
CA GLN B 422 -12.01 -26.41 -34.20
C GLN B 422 -10.53 -26.67 -34.40
N ILE B 423 -9.94 -25.96 -35.37
CA ILE B 423 -8.52 -26.08 -35.64
C ILE B 423 -7.71 -25.81 -34.37
N MET B 424 -7.73 -24.56 -33.91
CA MET B 424 -7.00 -24.18 -32.71
C MET B 424 -7.40 -25.11 -31.56
N GLY B 425 -8.60 -25.67 -31.67
CA GLY B 425 -9.08 -26.62 -30.68
C GLY B 425 -8.19 -27.84 -30.64
N ILE B 426 -7.81 -28.34 -31.81
CA ILE B 426 -6.97 -29.53 -31.90
C ILE B 426 -5.64 -29.30 -31.19
N ILE B 427 -5.02 -28.15 -31.44
CA ILE B 427 -3.74 -27.85 -30.82
C ILE B 427 -3.93 -27.56 -29.34
N ALA B 428 -5.08 -26.99 -28.99
CA ALA B 428 -5.44 -26.80 -27.59
C ALA B 428 -5.51 -28.16 -26.90
N MET B 429 -6.10 -29.13 -27.59
CA MET B 429 -6.13 -30.50 -27.11
C MET B 429 -4.71 -31.01 -26.93
N ILE B 430 -3.89 -30.84 -27.97
CA ILE B 430 -2.50 -31.25 -27.94
C ILE B 430 -1.78 -30.65 -26.74
N LEU B 431 -2.05 -29.37 -26.48
CA LEU B 431 -1.42 -28.68 -25.36
C LEU B 431 -1.61 -29.48 -24.08
N LEU B 432 -2.84 -29.91 -23.82
CA LEU B 432 -3.14 -30.69 -22.64
C LEU B 432 -2.26 -31.93 -22.59
N GLY B 433 -1.90 -32.44 -23.77
CA GLY B 433 -1.01 -33.59 -23.89
C GLY B 433 0.45 -33.22 -23.71
N THR B 434 0.84 -32.07 -24.27
CA THR B 434 2.18 -31.54 -24.06
C THR B 434 2.26 -31.09 -22.61
N PHE B 435 3.48 -30.79 -22.16
CA PHE B 435 3.74 -30.48 -20.75
C PHE B 435 3.27 -31.58 -19.80
N PHE B 436 2.22 -32.31 -20.20
CA PHE B 436 1.72 -33.40 -19.39
C PHE B 436 2.81 -34.44 -19.17
N ILE B 437 3.32 -34.99 -20.26
CA ILE B 437 4.41 -35.96 -20.19
C ILE B 437 5.59 -35.37 -19.42
N THR B 438 5.78 -34.06 -19.55
CA THR B 438 6.86 -33.39 -18.84
C THR B 438 6.48 -33.19 -17.37
N SER B 439 5.31 -32.60 -17.14
CA SER B 439 4.84 -32.37 -15.78
C SER B 439 4.77 -33.67 -14.99
N ALA B 440 4.74 -34.79 -15.71
CA ALA B 440 4.67 -36.11 -15.09
C ALA B 440 6.07 -36.70 -14.93
N ASP B 441 6.86 -36.65 -16.00
CA ASP B 441 8.21 -37.18 -15.97
C ASP B 441 9.09 -36.30 -15.09
N SER B 442 8.93 -35.00 -15.24
CA SER B 442 9.69 -34.05 -14.43
C SER B 442 9.21 -34.14 -12.99
N ALA B 443 7.97 -34.59 -12.81
CA ALA B 443 7.43 -34.82 -11.49
C ALA B 443 8.03 -36.10 -10.92
N SER B 444 8.34 -37.04 -11.81
CA SER B 444 8.92 -38.31 -11.39
C SER B 444 10.43 -38.18 -11.23
N THR B 445 11.06 -37.35 -12.04
CA THR B 445 12.50 -37.12 -11.94
C THR B 445 12.86 -36.66 -10.53
N VAL B 446 12.20 -35.60 -10.08
CA VAL B 446 12.43 -35.09 -8.73
C VAL B 446 12.18 -36.18 -7.69
N MET B 447 11.28 -37.11 -8.01
CA MET B 447 11.00 -38.23 -7.13
C MET B 447 12.21 -39.15 -7.05
N GLY B 448 12.72 -39.55 -8.21
CA GLY B 448 13.89 -40.40 -8.27
C GLY B 448 15.11 -39.77 -7.63
N THR B 449 15.13 -38.44 -7.60
CA THR B 449 16.25 -37.71 -7.01
C THR B 449 16.08 -37.55 -5.51
N MET B 450 14.83 -37.61 -5.04
CA MET B 450 14.56 -37.49 -3.61
C MET B 450 14.40 -38.87 -2.96
N SER B 451 14.54 -39.91 -3.77
CA SER B 451 14.43 -41.28 -3.29
C SER B 451 15.81 -41.92 -3.11
N GLN B 452 16.78 -41.42 -3.86
CA GLN B 452 18.15 -41.93 -3.80
C GLN B 452 19.05 -40.98 -3.03
N HIS B 453 18.79 -40.85 -1.73
CA HIS B 453 19.61 -40.01 -0.85
C HIS B 453 19.90 -38.64 -1.45
N GLY B 454 18.88 -38.05 -2.09
CA GLY B 454 19.00 -36.71 -2.63
C GLY B 454 20.09 -36.55 -3.68
N GLN B 455 20.09 -37.43 -4.68
CA GLN B 455 21.05 -37.34 -5.76
C GLN B 455 20.46 -36.62 -6.98
N LEU B 456 21.19 -35.63 -7.49
CA LEU B 456 20.74 -34.86 -8.64
C LEU B 456 20.41 -35.79 -9.81
N GLU B 457 21.32 -36.70 -10.10
CA GLU B 457 21.12 -37.69 -11.15
C GLU B 457 20.56 -38.98 -10.53
N ALA B 458 19.50 -39.51 -11.12
CA ALA B 458 18.86 -40.71 -10.60
C ALA B 458 18.69 -41.77 -11.69
N ASN B 459 18.59 -43.03 -11.26
CA ASN B 459 18.45 -44.15 -12.18
C ASN B 459 17.19 -44.03 -13.04
N LYS B 460 17.31 -44.42 -14.30
CA LYS B 460 16.19 -44.33 -15.24
C LYS B 460 15.04 -45.28 -14.91
N TRP B 461 15.26 -46.16 -13.95
CA TRP B 461 14.24 -47.15 -13.60
C TRP B 461 13.28 -46.67 -12.52
N VAL B 462 13.83 -46.07 -11.46
CA VAL B 462 13.02 -45.62 -10.34
C VAL B 462 12.10 -44.45 -10.71
N THR B 463 12.55 -43.61 -11.64
CA THR B 463 11.78 -42.45 -12.05
C THR B 463 10.51 -42.83 -12.80
N ALA B 464 10.66 -43.52 -13.92
CA ALA B 464 9.53 -43.92 -14.75
C ALA B 464 8.61 -44.89 -14.01
N ALA B 465 9.18 -45.65 -13.09
CA ALA B 465 8.41 -46.63 -12.32
C ALA B 465 7.37 -45.94 -11.44
N TRP B 466 7.73 -44.78 -10.90
CA TRP B 466 6.83 -44.02 -10.04
C TRP B 466 5.86 -43.17 -10.85
N GLY B 467 6.22 -42.91 -12.10
CA GLY B 467 5.36 -42.16 -13.00
C GLY B 467 4.18 -42.99 -13.45
N VAL B 468 4.26 -44.30 -13.22
CA VAL B 468 3.20 -45.22 -13.59
C VAL B 468 2.61 -45.90 -12.37
N ALA B 469 3.21 -45.66 -11.21
CA ALA B 469 2.75 -46.25 -9.97
C ALA B 469 1.31 -45.86 -9.70
N THR B 470 0.91 -44.71 -10.22
CA THR B 470 -0.46 -44.23 -10.06
C THR B 470 -1.39 -44.89 -11.06
N ALA B 471 -0.84 -45.28 -12.21
CA ALA B 471 -1.62 -45.93 -13.25
C ALA B 471 -2.23 -47.22 -12.73
N ALA B 472 -1.47 -47.94 -11.91
CA ALA B 472 -1.95 -49.19 -11.32
C ALA B 472 -3.20 -48.96 -10.49
N ILE B 473 -3.39 -47.73 -10.03
CA ILE B 473 -4.58 -47.38 -9.25
C ILE B 473 -5.66 -46.81 -10.16
N GLY B 474 -5.24 -46.04 -11.17
CA GLY B 474 -6.18 -45.43 -12.09
C GLY B 474 -7.03 -46.45 -12.81
N LEU B 475 -6.45 -47.61 -13.07
CA LEU B 475 -7.16 -48.69 -13.76
C LEU B 475 -8.02 -49.52 -12.80
N THR B 476 -7.70 -49.44 -11.52
CA THR B 476 -8.47 -50.14 -10.50
C THR B 476 -9.60 -49.26 -9.97
N LEU B 477 -9.40 -47.95 -10.01
CA LEU B 477 -10.40 -47.01 -9.56
C LEU B 477 -11.59 -46.96 -10.53
N LEU B 478 -11.44 -47.57 -11.69
CA LEU B 478 -12.50 -47.58 -12.69
C LEU B 478 -13.13 -48.97 -12.85
N LEU B 479 -12.42 -50.01 -12.41
CA LEU B 479 -12.93 -51.37 -12.55
C LEU B 479 -14.05 -51.67 -11.56
N SER B 480 -14.41 -50.67 -10.76
CA SER B 480 -15.50 -50.82 -9.80
C SER B 480 -16.83 -51.01 -10.54
N GLY B 481 -16.87 -50.52 -11.78
CA GLY B 481 -18.08 -50.58 -12.58
C GLY B 481 -18.56 -49.20 -12.96
N GLY B 482 -18.78 -48.98 -14.25
CA GLY B 482 -19.22 -47.68 -14.73
C GLY B 482 -18.20 -46.61 -14.40
N ASP B 483 -18.65 -45.58 -13.68
CA ASP B 483 -17.76 -44.49 -13.28
C ASP B 483 -18.25 -43.70 -12.08
N ASN B 484 -17.36 -43.51 -11.11
CA ASN B 484 -17.65 -42.78 -9.89
C ASN B 484 -16.60 -43.11 -8.83
N ALA B 485 -15.41 -42.53 -8.98
CA ALA B 485 -14.30 -42.86 -8.10
C ALA B 485 -13.26 -41.76 -7.97
N LEU B 486 -12.66 -41.36 -9.08
CA LEU B 486 -11.61 -40.34 -9.09
C LEU B 486 -11.90 -39.16 -8.18
N SER B 487 -13.18 -38.88 -7.97
CA SER B 487 -13.60 -37.76 -7.13
C SER B 487 -12.84 -37.73 -5.82
N ASN B 488 -12.54 -38.91 -5.29
CA ASN B 488 -11.80 -39.04 -4.05
C ASN B 488 -10.50 -38.24 -4.09
N LEU B 489 -9.55 -38.75 -4.87
CA LEU B 489 -8.23 -38.13 -5.00
C LEU B 489 -8.30 -36.60 -5.11
N GLN B 490 -9.32 -36.12 -5.82
CA GLN B 490 -9.53 -34.68 -5.98
C GLN B 490 -9.48 -33.98 -4.63
N ASN B 491 -10.26 -34.50 -3.68
CA ASN B 491 -10.31 -33.94 -2.34
C ASN B 491 -9.17 -34.44 -1.44
N VAL B 492 -8.61 -35.61 -1.79
CA VAL B 492 -7.53 -36.19 -1.02
C VAL B 492 -6.24 -35.39 -1.20
N THR B 493 -6.19 -34.62 -2.28
CA THR B 493 -5.04 -33.76 -2.56
C THR B 493 -4.85 -32.75 -1.43
N ILE B 494 -5.97 -32.22 -0.94
CA ILE B 494 -5.92 -31.24 0.14
C ILE B 494 -5.21 -31.80 1.36
N VAL B 495 -5.79 -32.83 1.96
CA VAL B 495 -5.24 -33.43 3.16
C VAL B 495 -3.96 -34.22 2.87
N ALA B 496 -3.70 -34.45 1.59
CA ALA B 496 -2.51 -35.20 1.18
C ALA B 496 -1.24 -34.47 1.57
N ALA B 497 -1.38 -33.17 1.85
CA ALA B 497 -0.24 -32.34 2.22
C ALA B 497 -0.63 -31.33 3.28
N THR B 498 -1.76 -31.58 3.95
CA THR B 498 -2.20 -30.71 5.03
C THR B 498 -1.07 -30.42 6.03
N PRO B 499 -0.41 -31.48 6.54
CA PRO B 499 0.69 -31.25 7.46
C PRO B 499 1.84 -30.50 6.78
N PHE B 500 2.02 -30.75 5.48
CA PHE B 500 3.14 -30.17 4.74
C PHE B 500 3.11 -28.65 4.71
N LEU B 501 2.02 -28.07 5.22
CA LEU B 501 1.93 -26.62 5.38
C LEU B 501 3.02 -26.17 6.34
N PHE B 502 3.04 -26.78 7.52
CA PHE B 502 3.99 -26.44 8.56
C PHE B 502 5.42 -26.75 8.10
N VAL B 503 5.56 -27.74 7.23
CA VAL B 503 6.85 -28.08 6.65
C VAL B 503 7.40 -26.87 5.92
N VAL B 504 6.52 -25.95 5.54
CA VAL B 504 6.94 -24.70 4.91
C VAL B 504 7.29 -23.65 5.97
N ILE B 505 6.40 -23.43 6.92
CA ILE B 505 6.64 -22.47 7.99
C ILE B 505 8.01 -22.66 8.62
N GLY B 506 8.30 -23.89 9.03
CA GLY B 506 9.59 -24.21 9.61
C GLY B 506 10.71 -24.01 8.62
N LEU B 507 10.44 -24.36 7.37
CA LEU B 507 11.41 -24.17 6.30
C LEU B 507 11.70 -22.68 6.12
N MET B 508 10.77 -21.85 6.59
CA MET B 508 10.92 -20.40 6.54
C MET B 508 11.92 -19.93 7.61
N PHE B 509 11.93 -20.63 8.73
CA PHE B 509 12.88 -20.33 9.81
C PHE B 509 14.21 -21.00 9.54
N ALA B 510 14.15 -22.20 8.94
CA ALA B 510 15.35 -22.93 8.59
C ALA B 510 16.09 -22.23 7.45
N LEU B 511 15.52 -21.15 6.95
CA LEU B 511 16.13 -20.39 5.87
C LEU B 511 16.59 -19.03 6.37
N VAL B 512 16.05 -18.60 7.52
CA VAL B 512 16.47 -17.36 8.13
C VAL B 512 17.55 -17.59 9.20
N LYS B 513 17.37 -18.64 10.00
CA LYS B 513 18.35 -19.00 11.02
C LYS B 513 19.42 -19.89 10.44
N ASP B 514 19.54 -19.88 9.11
CA ASP B 514 20.56 -20.65 8.42
C ASP B 514 21.50 -19.72 7.65
N LEU B 515 20.92 -18.72 7.00
CA LEU B 515 21.70 -17.75 6.25
C LEU B 515 22.48 -16.86 7.21
N SER B 516 21.97 -16.72 8.43
CA SER B 516 22.68 -15.97 9.46
C SER B 516 23.87 -16.77 9.99
N ASN B 517 24.01 -18.00 9.50
CA ASN B 517 25.20 -18.81 9.74
C ASN B 517 25.96 -19.02 8.45
N ASP B 518 25.85 -18.04 7.55
CA ASP B 518 26.58 -18.06 6.30
C ASP B 518 27.87 -17.27 6.46
N VAL B 519 28.68 -17.21 5.41
CA VAL B 519 30.01 -16.61 5.47
C VAL B 519 30.02 -15.16 5.94
N ILE B 520 29.10 -14.35 5.44
CA ILE B 520 29.10 -12.91 5.71
C ILE B 520 28.63 -12.55 7.12
N TYR B 521 27.71 -13.33 7.66
CA TYR B 521 27.16 -13.03 8.98
C TYR B 521 27.94 -13.70 10.10
N LEU B 522 28.61 -14.81 9.78
CA LEU B 522 29.36 -15.56 10.78
C LEU B 522 30.69 -14.88 11.10
N GLU B 523 31.19 -14.07 10.17
CA GLU B 523 32.44 -13.34 10.39
C GLU B 523 32.23 -12.18 11.36
N TYR B 524 31.08 -11.53 11.25
CA TYR B 524 30.72 -10.45 12.16
C TYR B 524 30.16 -11.03 13.46
N ARG B 525 29.61 -12.24 13.36
CA ARG B 525 29.11 -12.96 14.52
C ARG B 525 30.28 -13.32 15.44
N GLU B 526 31.22 -14.07 14.91
CA GLU B 526 32.41 -14.45 15.67
C GLU B 526 33.48 -13.38 15.52
N GLN B 527 33.19 -12.19 16.06
CA GLN B 527 34.13 -11.08 16.03
C GLN B 527 34.15 -10.39 17.39
N GLN B 528 33.67 -9.15 17.44
CA GLN B 528 33.59 -8.43 18.69
C GLN B 528 32.45 -8.96 19.54
N ARG B 529 31.40 -9.45 18.88
CA ARG B 529 30.24 -9.99 19.57
C ARG B 529 30.36 -11.50 19.77
N SER C 28 21.19 30.41 -35.25
CA SER C 28 21.03 29.41 -36.31
C SER C 28 19.78 28.57 -36.07
N LEU C 29 18.64 29.09 -36.52
CA LEU C 29 17.36 28.39 -36.36
C LEU C 29 17.36 27.05 -37.10
N ASN C 30 16.65 26.09 -36.53
CA ASN C 30 16.52 24.78 -37.15
C ASN C 30 15.26 24.75 -38.02
N TRP C 31 15.43 25.02 -39.31
CA TRP C 31 14.29 25.07 -40.22
C TRP C 31 13.78 23.68 -40.57
N SER C 32 14.66 22.69 -40.52
CA SER C 32 14.28 21.30 -40.73
C SER C 32 13.31 20.86 -39.65
N VAL C 33 13.02 21.76 -38.72
CA VAL C 33 12.15 21.46 -37.58
C VAL C 33 11.08 22.52 -37.39
N ILE C 34 11.41 23.77 -37.72
CA ILE C 34 10.47 24.86 -37.54
C ILE C 34 9.28 24.73 -38.48
N VAL C 35 9.55 24.73 -39.78
CA VAL C 35 8.48 24.70 -40.77
C VAL C 35 7.67 23.40 -40.77
N PRO C 36 8.32 22.24 -40.62
CA PRO C 36 7.52 21.01 -40.63
C PRO C 36 6.47 21.05 -39.52
N ALA C 37 6.73 21.85 -38.49
CA ALA C 37 5.80 22.03 -37.38
C ALA C 37 4.72 23.00 -37.81
N LEU C 38 5.14 24.12 -38.39
CA LEU C 38 4.21 25.14 -38.87
C LEU C 38 3.27 24.59 -39.95
N VAL C 39 3.71 23.52 -40.61
CA VAL C 39 2.90 22.87 -41.62
C VAL C 39 1.65 22.24 -41.00
N ILE C 40 1.80 21.70 -39.79
CA ILE C 40 0.69 21.07 -39.09
C ILE C 40 -0.09 22.10 -38.27
N VAL C 41 0.59 23.12 -37.78
CA VAL C 41 -0.07 24.15 -37.00
C VAL C 41 -1.02 24.95 -37.88
N LEU C 42 -0.63 25.16 -39.13
CA LEU C 42 -1.46 25.88 -40.08
C LEU C 42 -2.55 24.98 -40.63
N ALA C 43 -2.17 23.75 -41.00
CA ALA C 43 -3.14 22.79 -41.50
C ALA C 43 -4.42 22.86 -40.68
N THR C 44 -4.27 22.95 -39.37
CA THR C 44 -5.43 23.04 -38.49
C THR C 44 -6.19 24.35 -38.67
N VAL C 45 -5.51 25.48 -38.48
CA VAL C 45 -6.17 26.79 -38.60
C VAL C 45 -6.81 26.99 -39.97
N VAL C 46 -6.14 26.51 -41.01
CA VAL C 46 -6.68 26.57 -42.37
C VAL C 46 -7.89 25.66 -42.51
N TRP C 47 -7.65 24.35 -42.46
CA TRP C 47 -8.69 23.35 -42.72
C TRP C 47 -9.75 23.30 -41.62
N GLY C 48 -9.49 23.99 -40.52
CA GLY C 48 -10.35 23.90 -39.35
C GLY C 48 -11.28 25.08 -39.12
N ILE C 49 -10.95 26.24 -39.66
CA ILE C 49 -11.84 27.41 -39.55
C ILE C 49 -12.17 28.04 -40.90
N GLY C 50 -11.15 28.29 -41.71
CA GLY C 50 -11.32 28.93 -42.99
C GLY C 50 -12.20 28.14 -43.94
N PHE C 51 -11.76 26.93 -44.28
CA PHE C 51 -12.50 26.08 -45.21
C PHE C 51 -13.16 24.89 -44.51
N LYS C 52 -14.42 24.64 -44.88
CA LYS C 52 -15.17 23.50 -44.39
C LYS C 52 -15.62 23.65 -42.94
N ASP C 53 -14.68 23.55 -42.01
CA ASP C 53 -14.99 23.66 -40.59
C ASP C 53 -15.68 22.40 -40.07
N SER C 54 -16.78 22.02 -40.69
CA SER C 54 -17.50 20.83 -40.30
C SER C 54 -16.64 19.58 -40.52
N PHE C 55 -15.54 19.77 -41.25
CA PHE C 55 -14.64 18.67 -41.58
C PHE C 55 -13.59 18.41 -40.49
N THR C 56 -13.25 19.43 -39.72
CA THR C 56 -12.32 19.24 -38.60
C THR C 56 -12.95 18.29 -37.59
N ASN C 57 -14.27 18.39 -37.42
CA ASN C 57 -14.99 17.51 -36.52
C ASN C 57 -15.07 16.07 -37.01
N PHE C 58 -14.43 15.80 -38.15
CA PHE C 58 -14.29 14.44 -38.65
C PHE C 58 -13.06 13.80 -38.02
N ALA C 59 -11.99 14.57 -37.90
CA ALA C 59 -10.79 14.09 -37.22
C ALA C 59 -11.06 13.94 -35.73
N SER C 60 -12.09 14.62 -35.24
CA SER C 60 -12.50 14.50 -33.85
C SER C 60 -13.35 13.24 -33.64
N SER C 61 -13.38 12.40 -34.67
CA SER C 61 -13.90 11.05 -34.52
C SER C 61 -12.72 10.12 -34.47
N ALA C 62 -11.57 10.62 -34.93
CA ALA C 62 -10.30 9.91 -34.77
C ALA C 62 -9.90 9.98 -33.30
N LEU C 63 -10.53 10.87 -32.56
CA LEU C 63 -10.40 10.87 -31.11
C LEU C 63 -10.87 9.53 -30.57
N SER C 64 -12.16 9.26 -30.73
CA SER C 64 -12.74 8.01 -30.27
C SER C 64 -11.97 6.82 -30.84
N ALA C 65 -11.34 7.04 -31.99
CA ALA C 65 -10.46 6.03 -32.57
C ALA C 65 -9.31 5.74 -31.62
N VAL C 66 -8.63 6.79 -31.18
CA VAL C 66 -7.44 6.62 -30.35
C VAL C 66 -7.71 6.15 -28.93
N VAL C 67 -8.76 6.68 -28.30
CA VAL C 67 -9.05 6.27 -26.93
C VAL C 67 -9.54 4.83 -26.92
N ASP C 68 -10.22 4.43 -27.99
CA ASP C 68 -10.73 3.08 -28.07
C ASP C 68 -9.62 2.02 -28.00
N ASN C 69 -8.56 2.22 -28.80
CA ASN C 69 -7.51 1.19 -28.90
C ASN C 69 -6.13 1.59 -28.38
N LEU C 70 -5.86 2.89 -28.32
CA LEU C 70 -4.60 3.35 -27.74
C LEU C 70 -4.91 3.86 -26.34
N GLY C 71 -6.17 3.69 -25.94
CA GLY C 71 -6.64 4.16 -24.65
C GLY C 71 -5.92 3.51 -23.49
N TRP C 72 -5.85 2.18 -23.49
CA TRP C 72 -5.24 1.43 -22.40
C TRP C 72 -3.80 1.88 -22.12
N ALA C 73 -3.08 2.24 -23.18
CA ALA C 73 -1.70 2.71 -23.06
C ALA C 73 -1.58 3.88 -22.06
N PHE C 74 -2.32 4.95 -22.33
CA PHE C 74 -2.39 6.09 -21.42
C PHE C 74 -2.62 5.64 -19.98
N ILE C 75 -3.55 4.71 -19.79
CA ILE C 75 -3.84 4.24 -18.45
C ILE C 75 -2.65 3.53 -17.82
N LEU C 76 -2.02 2.62 -18.58
CA LEU C 76 -0.98 1.80 -17.99
C LEU C 76 0.31 2.58 -17.79
N PHE C 77 0.87 3.08 -18.88
CA PHE C 77 2.10 3.84 -18.82
C PHE C 77 1.91 5.09 -17.97
N GLY C 78 0.65 5.48 -17.78
CA GLY C 78 0.33 6.53 -16.84
C GLY C 78 0.85 6.16 -15.47
N THR C 79 0.32 5.07 -14.92
CA THR C 79 0.74 4.63 -13.59
C THR C 79 2.17 4.12 -13.63
N VAL C 80 2.63 3.69 -14.80
CA VAL C 80 4.01 3.25 -14.96
C VAL C 80 4.96 4.41 -14.71
N PHE C 81 4.64 5.57 -15.28
CA PHE C 81 5.45 6.76 -15.09
C PHE C 81 5.57 7.14 -13.61
N VAL C 82 4.60 6.74 -12.80
CA VAL C 82 4.64 7.12 -11.40
C VAL C 82 5.50 6.18 -10.59
N PHE C 83 5.48 4.88 -10.94
CA PHE C 83 6.39 3.96 -10.29
C PHE C 83 7.81 4.19 -10.77
N PHE C 84 8.01 3.98 -12.06
CA PHE C 84 9.31 4.21 -12.67
C PHE C 84 10.06 5.34 -11.96
N ILE C 85 9.46 6.52 -11.92
CA ILE C 85 10.17 7.68 -11.40
C ILE C 85 10.53 7.54 -9.91
N VAL C 86 9.58 7.03 -9.11
CA VAL C 86 9.84 6.82 -7.69
C VAL C 86 10.97 5.84 -7.46
N VAL C 87 11.00 4.75 -8.24
CA VAL C 87 12.07 3.77 -8.12
C VAL C 87 13.45 4.28 -8.59
N ILE C 88 13.52 5.07 -9.64
CA ILE C 88 14.83 5.62 -10.02
C ILE C 88 15.28 6.63 -8.96
N ALA C 89 14.31 7.31 -8.37
CA ALA C 89 14.60 8.25 -7.28
C ALA C 89 14.97 7.48 -6.01
N ALA C 90 14.37 6.31 -5.84
CA ALA C 90 14.65 5.46 -4.70
C ALA C 90 16.00 4.78 -4.85
N SER C 91 16.47 4.67 -6.09
CA SER C 91 17.68 3.91 -6.38
C SER C 91 18.95 4.69 -6.09
N LYS C 92 20.08 4.09 -6.44
CA LYS C 92 21.39 4.69 -6.26
C LYS C 92 21.55 5.88 -7.19
N PHE C 93 20.81 5.86 -8.29
CA PHE C 93 20.82 6.99 -9.22
C PHE C 93 20.52 8.29 -8.50
N GLY C 94 19.49 8.26 -7.65
CA GLY C 94 19.07 9.46 -6.94
C GLY C 94 20.20 10.34 -6.45
N THR C 95 21.33 9.73 -6.09
CA THR C 95 22.44 10.49 -5.52
C THR C 95 23.21 11.29 -6.57
N ILE C 96 23.24 10.80 -7.80
CA ILE C 96 23.88 11.52 -8.91
C ILE C 96 23.50 12.98 -8.93
N ARG C 97 24.50 13.84 -8.93
CA ARG C 97 24.26 15.28 -8.98
C ARG C 97 24.03 15.75 -10.41
N LEU C 98 22.89 16.41 -10.65
CA LEU C 98 22.56 16.92 -11.98
C LEU C 98 23.40 18.15 -12.31
N GLY C 99 24.48 17.91 -13.07
CA GLY C 99 25.50 18.90 -13.34
C GLY C 99 26.83 18.23 -13.11
N ARG C 100 27.92 19.00 -13.08
CA ARG C 100 29.23 18.42 -12.82
C ARG C 100 29.24 17.76 -11.44
N ILE C 101 30.23 16.90 -11.21
CA ILE C 101 30.29 16.13 -9.96
C ILE C 101 30.28 17.01 -8.70
N ASP C 102 29.44 16.62 -7.73
CA ASP C 102 29.29 17.34 -6.49
C ASP C 102 29.03 18.82 -6.73
N GLU C 103 28.24 19.13 -7.75
CA GLU C 103 27.84 20.50 -8.01
C GLU C 103 26.71 20.93 -7.08
N ALA C 104 26.75 22.17 -6.60
CA ALA C 104 25.70 22.64 -5.72
C ALA C 104 24.61 23.35 -6.50
N PRO C 105 23.37 23.31 -5.99
CA PRO C 105 22.23 24.04 -6.57
C PRO C 105 22.53 25.52 -6.73
N GLU C 106 21.76 26.20 -7.57
CA GLU C 106 21.97 27.63 -7.82
C GLU C 106 21.11 28.51 -6.91
N PHE C 107 20.03 27.96 -6.38
CA PHE C 107 19.14 28.68 -5.47
C PHE C 107 18.94 27.86 -4.20
N ARG C 108 18.45 28.50 -3.13
CA ARG C 108 18.15 27.79 -1.89
C ARG C 108 16.99 26.82 -2.06
N THR C 109 16.89 25.83 -1.16
CA THR C 109 15.77 24.90 -1.24
C THR C 109 14.49 25.71 -1.28
N VAL C 110 14.40 26.70 -0.40
CA VAL C 110 13.22 27.53 -0.29
C VAL C 110 12.88 28.22 -1.60
N SER C 111 13.89 28.82 -2.23
CA SER C 111 13.69 29.50 -3.52
C SER C 111 13.38 28.52 -4.63
N TRP C 112 13.99 27.35 -4.58
CA TRP C 112 13.75 26.30 -5.58
C TRP C 112 12.33 25.77 -5.48
N ILE C 113 11.83 25.67 -4.25
CA ILE C 113 10.44 25.27 -4.01
C ILE C 113 9.50 26.44 -4.33
N SER C 114 9.93 27.64 -3.93
CA SER C 114 9.15 28.85 -4.19
C SER C 114 8.93 29.06 -5.69
N MET C 115 9.60 28.25 -6.51
CA MET C 115 9.45 28.36 -7.95
C MET C 115 8.59 27.24 -8.51
N MET C 116 8.55 26.12 -7.79
CA MET C 116 7.70 24.99 -8.17
C MET C 116 6.23 25.31 -7.91
N PHE C 117 5.96 26.14 -6.92
CA PHE C 117 4.60 26.58 -6.63
C PHE C 117 4.02 27.32 -7.83
N ALA C 118 4.79 28.24 -8.39
CA ALA C 118 4.36 28.98 -9.57
C ALA C 118 4.24 28.04 -10.76
N ALA C 119 4.81 26.85 -10.63
CA ALA C 119 4.73 25.85 -11.69
C ALA C 119 3.44 25.05 -11.58
N GLY C 120 2.86 25.05 -10.38
CA GLY C 120 1.63 24.30 -10.12
C GLY C 120 0.43 25.21 -9.92
N MET C 121 0.20 26.11 -10.87
CA MET C 121 -0.86 27.10 -10.79
C MET C 121 -1.03 27.78 -12.14
N GLY C 122 -2.28 28.09 -12.49
CA GLY C 122 -2.57 28.72 -13.76
C GLY C 122 -3.93 28.33 -14.28
N ILE C 123 -4.34 28.93 -15.38
CA ILE C 123 -5.64 28.66 -16.01
C ILE C 123 -6.24 27.32 -15.61
N ASP C 124 -5.48 26.24 -15.83
CA ASP C 124 -5.94 24.90 -15.49
C ASP C 124 -6.80 24.88 -14.23
N LEU C 125 -6.18 25.14 -13.09
CA LEU C 125 -6.88 25.08 -11.81
C LEU C 125 -8.02 26.09 -11.73
N MET C 126 -7.84 27.24 -12.37
CA MET C 126 -8.91 28.22 -12.43
C MET C 126 -10.17 27.57 -13.00
N PHE C 127 -10.03 26.98 -14.18
CA PHE C 127 -11.14 26.34 -14.87
C PHE C 127 -11.71 25.18 -14.07
N TYR C 128 -10.92 24.12 -13.94
CA TYR C 128 -11.37 22.88 -13.33
C TYR C 128 -11.34 22.87 -11.80
N GLY C 129 -11.03 24.01 -11.19
CA GLY C 129 -10.93 24.08 -9.74
C GLY C 129 -12.20 23.66 -9.03
N THR C 130 -13.30 24.30 -9.41
CA THR C 130 -14.59 24.10 -8.76
C THR C 130 -15.43 23.02 -9.42
N THR C 131 -15.51 23.07 -10.75
CA THR C 131 -16.35 22.15 -11.50
C THR C 131 -15.93 20.70 -11.37
N GLU C 132 -14.61 20.46 -11.36
CA GLU C 132 -14.05 19.11 -11.34
C GLU C 132 -14.57 18.23 -10.21
N PRO C 133 -14.31 18.60 -8.95
CA PRO C 133 -14.77 17.74 -7.86
C PRO C 133 -16.29 17.79 -7.72
N LEU C 134 -16.90 18.88 -8.17
CA LEU C 134 -18.35 19.03 -8.10
C LEU C 134 -19.03 18.03 -9.01
N THR C 135 -18.64 18.01 -10.28
CA THR C 135 -19.14 17.03 -11.23
C THR C 135 -19.10 15.64 -10.60
N PHE C 136 -17.97 15.30 -10.00
CA PHE C 136 -17.81 13.98 -9.39
C PHE C 136 -18.75 13.79 -8.20
N TYR C 137 -19.08 14.87 -7.49
CA TYR C 137 -20.05 14.78 -6.42
C TYR C 137 -21.45 14.69 -7.00
N ARG C 138 -21.71 15.56 -7.98
CA ARG C 138 -23.00 15.61 -8.66
C ARG C 138 -23.37 14.25 -9.23
N ASN C 139 -22.52 13.73 -10.12
CA ASN C 139 -22.84 12.53 -10.87
C ASN C 139 -22.24 11.25 -10.28
N GLY C 140 -21.15 11.38 -9.53
CA GLY C 140 -20.48 10.21 -8.98
C GLY C 140 -19.52 9.61 -9.99
N VAL C 141 -18.62 8.75 -9.53
CA VAL C 141 -17.60 8.18 -10.39
C VAL C 141 -17.86 6.71 -10.72
N PRO C 142 -17.75 6.34 -11.99
CA PRO C 142 -18.05 4.99 -12.47
C PRO C 142 -17.46 3.91 -11.58
N GLY C 143 -18.27 3.39 -10.66
CA GLY C 143 -17.80 2.39 -9.74
C GLY C 143 -18.24 2.71 -8.33
N HIS C 144 -18.98 3.82 -8.21
CA HIS C 144 -19.50 4.27 -6.93
C HIS C 144 -20.82 4.98 -7.17
N ASP C 145 -21.53 5.31 -6.10
CA ASP C 145 -22.75 6.09 -6.22
C ASP C 145 -22.42 7.56 -6.38
N GLU C 146 -23.43 8.35 -6.73
CA GLU C 146 -23.26 9.80 -6.76
C GLU C 146 -23.23 10.32 -5.33
N HIS C 147 -23.00 11.62 -5.17
CA HIS C 147 -22.88 12.22 -3.84
C HIS C 147 -21.92 11.38 -2.99
N ASN C 148 -20.63 11.48 -3.28
CA ASN C 148 -19.60 10.73 -2.60
C ASN C 148 -18.34 11.58 -2.48
N VAL C 149 -18.15 12.21 -1.33
CA VAL C 149 -17.03 13.14 -1.16
C VAL C 149 -15.67 12.46 -1.31
N GLY C 150 -15.45 11.41 -0.52
CA GLY C 150 -14.19 10.70 -0.53
C GLY C 150 -13.70 10.36 -1.92
N VAL C 151 -14.53 9.65 -2.67
CA VAL C 151 -14.22 9.28 -4.05
C VAL C 151 -14.03 10.52 -4.90
N ALA C 152 -15.12 11.27 -5.07
CA ALA C 152 -15.12 12.47 -5.89
C ALA C 152 -13.82 13.24 -5.76
N MET C 153 -13.38 13.41 -4.51
CA MET C 153 -12.18 14.18 -4.22
C MET C 153 -10.91 13.45 -4.66
N SER C 154 -10.82 12.18 -4.30
CA SER C 154 -9.64 11.37 -4.54
C SER C 154 -9.40 11.11 -6.02
N THR C 155 -10.43 11.38 -6.84
CA THR C 155 -10.33 11.24 -8.28
C THR C 155 -9.63 12.45 -8.88
N THR C 156 -9.98 13.63 -8.37
CA THR C 156 -9.39 14.86 -8.85
C THR C 156 -7.90 14.84 -8.50
N MET C 157 -7.60 14.43 -7.28
CA MET C 157 -6.21 14.24 -6.86
C MET C 157 -5.50 13.37 -7.88
N PHE C 158 -6.03 12.17 -8.07
CA PHE C 158 -5.52 11.20 -9.03
C PHE C 158 -5.05 11.88 -10.31
N HIS C 159 -5.85 12.81 -10.79
CA HIS C 159 -5.56 13.51 -12.04
C HIS C 159 -4.45 14.54 -11.87
N TRP C 160 -4.43 15.20 -10.72
CA TRP C 160 -3.65 16.43 -10.56
C TRP C 160 -2.41 16.36 -9.67
N THR C 161 -2.27 15.29 -8.90
CA THR C 161 -1.10 15.16 -8.02
C THR C 161 -0.03 14.24 -8.61
N LEU C 162 0.25 13.15 -7.93
CA LEU C 162 1.31 12.24 -8.34
C LEU C 162 1.40 12.01 -9.85
N HIS C 163 0.31 11.55 -10.45
CA HIS C 163 0.39 11.06 -11.83
C HIS C 163 0.98 12.02 -12.85
N PRO C 164 0.38 13.22 -13.00
CA PRO C 164 0.93 14.12 -14.01
C PRO C 164 2.36 14.49 -13.70
N TRP C 165 2.61 14.91 -12.46
CA TRP C 165 3.95 15.33 -12.07
C TRP C 165 5.03 14.25 -12.25
N ALA C 166 4.61 12.98 -12.20
CA ALA C 166 5.52 11.87 -12.49
C ALA C 166 6.04 12.02 -13.91
N ILE C 167 5.13 12.26 -14.84
CA ILE C 167 5.48 12.60 -16.22
C ILE C 167 6.47 13.77 -16.26
N TYR C 168 6.03 14.93 -15.78
CA TYR C 168 6.86 16.11 -15.80
C TYR C 168 8.27 15.81 -15.30
N ALA C 169 8.37 14.89 -14.34
CA ALA C 169 9.67 14.51 -13.82
C ALA C 169 10.47 13.70 -14.83
N ILE C 170 9.83 12.75 -15.50
CA ILE C 170 10.52 11.95 -16.51
C ILE C 170 11.19 12.85 -17.53
N VAL C 171 10.40 13.73 -18.14
CA VAL C 171 10.92 14.66 -19.14
C VAL C 171 11.88 15.67 -18.52
N GLY C 172 11.53 16.17 -17.35
CA GLY C 172 12.38 17.11 -16.64
C GLY C 172 13.76 16.56 -16.34
N LEU C 173 13.80 15.38 -15.73
CA LEU C 173 15.05 14.72 -15.39
C LEU C 173 15.86 14.44 -16.65
N ALA C 174 15.18 13.95 -17.67
CA ALA C 174 15.83 13.62 -18.94
C ALA C 174 16.55 14.83 -19.53
N ILE C 175 15.88 15.99 -19.53
CA ILE C 175 16.49 17.22 -20.02
C ILE C 175 17.55 17.74 -19.05
N ALA C 176 17.18 17.87 -17.79
CA ALA C 176 18.08 18.40 -16.77
C ALA C 176 19.34 17.55 -16.63
N TYR C 177 19.27 16.30 -17.05
CA TYR C 177 20.41 15.41 -16.97
C TYR C 177 21.34 15.57 -18.17
N SER C 178 20.79 15.41 -19.36
CA SER C 178 21.59 15.46 -20.58
C SER C 178 22.31 16.80 -20.74
N THR C 179 21.65 17.89 -20.35
CA THR C 179 22.25 19.22 -20.49
C THR C 179 23.33 19.49 -19.45
N PHE C 180 22.99 19.30 -18.18
CA PHE C 180 23.88 19.64 -17.07
C PHE C 180 24.97 18.61 -16.83
N ARG C 181 24.61 17.33 -16.88
CA ARG C 181 25.58 16.27 -16.70
C ARG C 181 26.30 15.96 -17.99
N VAL C 182 25.76 14.99 -18.73
CA VAL C 182 26.37 14.50 -19.96
C VAL C 182 26.98 15.62 -20.79
N GLY C 183 26.31 16.77 -20.83
CA GLY C 183 26.76 17.88 -21.65
C GLY C 183 26.24 17.71 -23.06
N ARG C 184 24.97 18.06 -23.25
CA ARG C 184 24.33 17.98 -24.55
C ARG C 184 23.47 19.21 -24.79
N LYS C 185 22.94 19.33 -26.00
CA LYS C 185 22.05 20.41 -26.34
C LYS C 185 20.74 20.26 -25.58
N GLN C 186 20.07 21.38 -25.32
CA GLN C 186 18.79 21.34 -24.61
C GLN C 186 17.65 20.96 -25.56
N LEU C 187 17.69 19.72 -26.02
CA LEU C 187 16.68 19.20 -26.93
C LEU C 187 16.23 17.82 -26.50
N LEU C 188 14.92 17.58 -26.55
CA LEU C 188 14.39 16.29 -26.18
C LEU C 188 15.14 15.15 -26.87
N SER C 189 15.55 15.39 -28.11
CA SER C 189 16.26 14.37 -28.87
C SER C 189 17.62 14.08 -28.23
N SER C 190 18.24 15.11 -27.66
CA SER C 190 19.54 14.97 -27.00
C SER C 190 19.42 14.13 -25.74
N ALA C 191 18.21 13.66 -25.46
CA ALA C 191 17.99 12.79 -24.31
C ALA C 191 17.90 11.34 -24.77
N PHE C 192 17.76 11.15 -26.08
CA PHE C 192 17.65 9.84 -26.68
C PHE C 192 18.97 9.35 -27.25
N VAL C 193 19.97 10.22 -27.21
CA VAL C 193 21.32 9.86 -27.65
C VAL C 193 21.77 8.44 -27.26
N PRO C 194 21.43 7.99 -26.05
CA PRO C 194 21.87 6.65 -25.62
C PRO C 194 21.21 5.53 -26.41
N LEU C 195 20.05 5.80 -27.01
CA LEU C 195 19.36 4.79 -27.78
C LEU C 195 19.57 4.97 -29.29
N ILE C 196 19.79 6.21 -29.70
CA ILE C 196 19.71 6.57 -31.11
C ILE C 196 20.97 7.28 -31.62
N GLY C 197 21.17 7.23 -32.94
CA GLY C 197 22.18 8.04 -33.58
C GLY C 197 21.94 9.49 -33.17
N GLU C 198 22.94 10.16 -32.61
CA GLU C 198 24.32 9.68 -32.50
C GLU C 198 24.97 9.70 -33.88
N LYS C 199 26.27 9.92 -33.92
CA LYS C 199 26.96 10.18 -35.18
C LYS C 199 26.25 11.36 -35.85
N GLY C 200 25.71 12.24 -35.02
CA GLY C 200 24.91 13.36 -35.50
C GLY C 200 23.44 13.14 -35.15
N ALA C 201 23.16 13.07 -33.85
CA ALA C 201 21.83 12.76 -33.37
C ALA C 201 20.75 13.67 -33.95
N GLU C 202 19.95 13.12 -34.86
CA GLU C 202 18.77 13.77 -35.42
C GLU C 202 18.55 13.36 -36.88
N GLY C 203 18.85 12.09 -37.18
CA GLY C 203 18.60 11.56 -38.50
C GLY C 203 17.11 11.42 -38.76
N TRP C 204 16.67 10.21 -39.06
CA TRP C 204 15.25 9.93 -39.24
C TRP C 204 14.47 10.39 -38.01
N LEU C 205 14.97 10.02 -36.83
CA LEU C 205 14.36 10.42 -35.58
C LEU C 205 14.73 11.86 -35.27
N GLY C 206 15.22 12.10 -34.05
CA GLY C 206 15.72 13.41 -33.65
C GLY C 206 14.85 14.57 -34.12
N LYS C 207 15.08 15.00 -35.36
CA LYS C 207 14.22 15.98 -36.00
C LYS C 207 12.76 15.63 -35.75
N LEU C 208 12.42 14.37 -35.96
CA LEU C 208 11.08 13.88 -35.71
C LEU C 208 10.70 14.05 -34.24
N ILE C 209 11.52 13.51 -33.35
CA ILE C 209 11.24 13.60 -31.92
C ILE C 209 10.99 15.03 -31.50
N ASP C 210 11.80 15.96 -32.00
CA ASP C 210 11.64 17.37 -31.69
C ASP C 210 10.37 17.92 -32.33
N ILE C 211 10.12 17.53 -33.58
CA ILE C 211 8.94 18.00 -34.31
C ILE C 211 7.68 17.61 -33.55
N LEU C 212 7.74 16.49 -32.84
CA LEU C 212 6.62 16.03 -32.03
C LEU C 212 6.48 16.86 -30.76
N ALA C 213 7.61 17.15 -30.12
CA ALA C 213 7.64 18.02 -28.94
C ALA C 213 6.97 19.34 -29.28
N ILE C 214 7.44 19.99 -30.33
CA ILE C 214 6.91 21.28 -30.73
C ILE C 214 5.40 21.25 -30.82
N ILE C 215 4.90 20.39 -31.71
CA ILE C 215 3.46 20.28 -31.95
C ILE C 215 2.68 20.06 -30.66
N ALA C 216 3.09 19.07 -29.88
CA ALA C 216 2.42 18.75 -28.62
C ALA C 216 2.29 19.98 -27.73
N THR C 217 3.40 20.71 -27.57
CA THR C 217 3.42 21.85 -26.67
C THR C 217 2.43 22.92 -27.12
N VAL C 218 2.28 23.08 -28.43
CA VAL C 218 1.38 24.07 -28.99
C VAL C 218 -0.06 23.77 -28.56
N PHE C 219 -0.52 22.55 -28.82
CA PHE C 219 -1.87 22.14 -28.46
C PHE C 219 -2.04 22.04 -26.95
N GLY C 220 -0.95 21.70 -26.26
CA GLY C 220 -0.96 21.68 -24.81
C GLY C 220 -1.41 23.03 -24.31
N THR C 221 -0.53 24.02 -24.44
CA THR C 221 -0.84 25.39 -24.03
C THR C 221 -2.13 25.89 -24.66
N ALA C 222 -2.42 25.42 -25.87
CA ALA C 222 -3.65 25.78 -26.57
C ALA C 222 -4.87 25.61 -25.67
N CYS C 223 -4.99 24.43 -25.06
CA CYS C 223 -6.09 24.16 -24.13
C CYS C 223 -6.14 25.22 -23.04
N SER C 224 -4.99 25.44 -22.39
CA SER C 224 -4.91 26.41 -21.31
C SER C 224 -5.35 27.78 -21.78
N LEU C 225 -4.84 28.20 -22.92
CA LEU C 225 -5.27 29.45 -23.53
C LEU C 225 -6.75 29.35 -23.88
N GLY C 226 -7.12 28.23 -24.48
CA GLY C 226 -8.47 28.00 -24.95
C GLY C 226 -9.53 28.07 -23.87
N LEU C 227 -9.57 27.06 -23.02
CA LEU C 227 -10.54 27.02 -21.93
C LEU C 227 -10.29 28.16 -20.95
N GLY C 228 -9.11 28.77 -21.06
CA GLY C 228 -8.78 29.93 -20.25
C GLY C 228 -9.48 31.16 -20.79
N ALA C 229 -9.57 31.21 -22.12
CA ALA C 229 -10.23 32.31 -22.80
C ALA C 229 -11.71 32.39 -22.45
N LEU C 230 -12.43 31.33 -22.81
CA LEU C 230 -13.89 31.32 -22.64
C LEU C 230 -14.33 31.30 -21.18
N GLN C 231 -13.38 31.16 -20.27
CA GLN C 231 -13.68 31.29 -18.84
C GLN C 231 -13.65 32.77 -18.47
N ILE C 232 -13.03 33.58 -19.33
CA ILE C 232 -13.06 35.03 -19.19
C ILE C 232 -14.38 35.55 -19.76
N GLY C 233 -14.75 35.06 -20.94
CA GLY C 233 -15.99 35.45 -21.57
C GLY C 233 -17.17 35.18 -20.66
N ALA C 234 -17.20 33.97 -20.10
CA ALA C 234 -18.25 33.60 -19.16
C ALA C 234 -18.16 34.45 -17.90
N GLY C 235 -16.96 34.95 -17.63
CA GLY C 235 -16.71 35.76 -16.46
C GLY C 235 -17.16 37.20 -16.63
N LEU C 236 -17.19 37.65 -17.88
CA LEU C 236 -17.66 39.00 -18.18
C LEU C 236 -19.16 39.10 -17.91
N SER C 237 -19.81 37.94 -17.81
CA SER C 237 -21.21 37.89 -17.40
C SER C 237 -21.33 38.04 -15.89
N ALA C 238 -20.33 38.69 -15.30
CA ALA C 238 -20.37 39.06 -13.89
C ALA C 238 -20.31 40.58 -13.78
N ALA C 239 -19.78 41.21 -14.83
CA ALA C 239 -19.74 42.66 -14.91
C ALA C 239 -20.78 43.16 -15.89
N ASN C 240 -20.48 43.05 -17.18
CA ASN C 240 -21.41 43.50 -18.22
C ASN C 240 -22.25 42.38 -18.80
N ILE C 241 -23.56 42.64 -18.93
CA ILE C 241 -24.49 41.66 -19.48
C ILE C 241 -25.33 42.26 -20.61
N ASP C 244 -25.80 36.72 -24.27
CA ASP C 244 -24.82 36.79 -23.20
C ASP C 244 -23.48 36.15 -23.59
N PRO C 245 -23.52 34.89 -24.05
CA PRO C 245 -22.30 34.23 -24.50
C PRO C 245 -22.06 34.47 -25.99
N SER C 246 -21.59 35.67 -26.34
CA SER C 246 -21.35 36.01 -27.75
C SER C 246 -20.28 35.12 -28.36
N ASP C 247 -20.01 35.32 -29.64
CA ASP C 247 -19.05 34.51 -30.35
C ASP C 247 -17.81 35.31 -30.74
N TRP C 248 -18.03 36.52 -31.23
CA TRP C 248 -16.93 37.41 -31.59
C TRP C 248 -16.21 37.86 -30.32
N THR C 249 -16.79 37.55 -29.17
CA THR C 249 -16.19 37.89 -27.89
C THR C 249 -14.92 37.08 -27.66
N ILE C 250 -14.98 35.79 -27.99
CA ILE C 250 -13.82 34.92 -27.84
C ILE C 250 -12.63 35.46 -28.62
N VAL C 251 -12.87 35.81 -29.88
CA VAL C 251 -11.81 36.39 -30.71
C VAL C 251 -11.30 37.67 -30.05
N GLY C 252 -12.18 38.33 -29.32
CA GLY C 252 -11.81 39.55 -28.62
C GLY C 252 -10.88 39.29 -27.44
N ILE C 253 -11.32 38.43 -26.53
CA ILE C 253 -10.55 38.11 -25.32
C ILE C 253 -9.17 37.58 -25.67
N VAL C 254 -9.12 36.69 -26.66
CA VAL C 254 -7.86 36.13 -27.12
C VAL C 254 -6.95 37.21 -27.70
N SER C 255 -7.44 37.87 -28.74
CA SER C 255 -6.65 38.88 -29.45
C SER C 255 -6.19 40.03 -28.54
N VAL C 256 -7.06 40.44 -27.63
CA VAL C 256 -6.72 41.47 -26.65
C VAL C 256 -5.51 41.05 -25.82
N LEU C 257 -5.44 39.77 -25.48
CA LEU C 257 -4.35 39.26 -24.66
C LEU C 257 -3.17 38.77 -25.49
N THR C 258 -3.47 38.25 -26.68
CA THR C 258 -2.40 37.79 -27.57
C THR C 258 -1.65 38.99 -28.14
N LEU C 259 -2.12 40.18 -27.84
CA LEU C 259 -1.41 41.39 -28.21
C LEU C 259 -0.53 41.80 -27.04
N ALA C 260 -1.09 41.73 -25.84
CA ALA C 260 -0.36 42.01 -24.62
C ALA C 260 0.83 41.08 -24.47
N PHE C 261 0.70 39.88 -25.03
CA PHE C 261 1.79 38.91 -25.00
C PHE C 261 2.95 39.36 -25.88
N ILE C 262 2.63 39.86 -27.08
CA ILE C 262 3.63 40.39 -27.98
C ILE C 262 4.23 41.67 -27.38
N PHE C 263 3.37 42.46 -26.74
CA PHE C 263 3.82 43.66 -26.03
C PHE C 263 4.85 43.26 -24.98
N SER C 264 4.42 42.47 -24.01
CA SER C 264 5.29 41.99 -22.95
C SER C 264 6.14 40.83 -23.46
N ALA C 265 6.70 40.99 -24.66
CA ALA C 265 7.62 40.01 -25.21
C ALA C 265 8.91 40.73 -25.62
N ILE C 266 9.26 41.77 -24.87
CA ILE C 266 10.40 42.61 -25.20
C ILE C 266 11.40 42.73 -24.04
N SER C 267 10.95 42.39 -22.84
CA SER C 267 11.82 42.46 -21.67
C SER C 267 12.48 41.12 -21.36
N LYS C 271 10.20 39.33 -20.16
CA LYS C 271 10.80 38.77 -18.95
C LYS C 271 10.83 39.78 -17.81
N GLY C 272 9.70 40.39 -17.49
CA GLY C 272 8.44 40.15 -18.19
C GLY C 272 7.60 39.06 -17.53
N ILE C 273 7.95 37.82 -17.82
CA ILE C 273 7.24 36.68 -17.25
C ILE C 273 7.45 36.62 -15.74
N GLN C 274 8.56 37.20 -15.27
CA GLN C 274 8.89 37.17 -13.86
C GLN C 274 8.14 38.25 -13.07
N TYR C 275 7.86 39.37 -13.73
CA TYR C 275 7.08 40.42 -13.10
C TYR C 275 5.71 39.87 -12.72
N LEU C 276 4.95 39.46 -13.72
CA LEU C 276 3.62 38.90 -13.51
C LEU C 276 3.69 37.55 -12.81
N SER C 277 4.83 36.88 -12.90
CA SER C 277 4.99 35.56 -12.29
C SER C 277 4.47 35.56 -10.86
N ASN C 278 4.65 36.69 -10.18
CA ASN C 278 4.17 36.84 -8.81
C ASN C 278 2.83 37.56 -8.79
N ALA C 279 2.61 38.41 -9.78
CA ALA C 279 1.35 39.12 -9.94
C ALA C 279 0.23 38.10 -10.02
N ASN C 280 0.55 36.93 -10.53
CA ASN C 280 -0.39 35.83 -10.61
C ASN C 280 -0.57 35.21 -9.24
N MET C 281 0.54 34.89 -8.59
CA MET C 281 0.51 34.19 -7.31
C MET C 281 -0.22 34.98 -6.23
N VAL C 282 -0.12 36.30 -6.26
CA VAL C 282 -0.78 37.12 -5.26
C VAL C 282 -2.29 37.12 -5.47
N LEU C 283 -2.72 37.29 -6.71
CA LEU C 283 -4.13 37.20 -7.04
C LEU C 283 -4.67 35.82 -6.65
N ALA C 284 -3.95 34.77 -7.06
CA ALA C 284 -4.32 33.41 -6.69
C ALA C 284 -4.30 33.23 -5.18
N ALA C 285 -3.53 34.07 -4.50
CA ALA C 285 -3.48 34.04 -3.04
C ALA C 285 -4.74 34.65 -2.46
N LEU C 286 -5.18 35.77 -3.03
CA LEU C 286 -6.42 36.40 -2.61
C LEU C 286 -7.60 35.43 -2.73
N LEU C 287 -7.84 34.94 -3.94
CA LEU C 287 -8.96 34.04 -4.19
C LEU C 287 -9.05 32.92 -3.18
N ALA C 288 -7.92 32.25 -2.94
CA ALA C 288 -7.88 31.14 -1.98
C ALA C 288 -8.21 31.60 -0.56
N ILE C 289 -7.27 32.30 0.07
CA ILE C 289 -7.46 32.78 1.44
C ILE C 289 -8.89 33.25 1.65
N PHE C 290 -9.34 34.14 0.78
CA PHE C 290 -10.70 34.65 0.82
C PHE C 290 -11.71 33.53 1.04
N VAL C 291 -11.78 32.61 0.09
CA VAL C 291 -12.75 31.52 0.14
C VAL C 291 -12.50 30.54 1.28
N PHE C 292 -11.30 30.59 1.86
CA PHE C 292 -11.01 29.73 3.01
C PHE C 292 -11.80 30.18 4.23
N VAL C 293 -11.82 31.50 4.46
CA VAL C 293 -12.45 32.06 5.64
C VAL C 293 -13.94 32.32 5.45
N VAL C 294 -14.31 32.98 4.37
CA VAL C 294 -15.72 33.23 4.09
C VAL C 294 -16.45 31.90 3.92
N GLY C 295 -15.88 31.01 3.13
CA GLY C 295 -16.46 29.69 2.91
C GLY C 295 -16.47 28.85 4.17
N PRO C 296 -16.97 27.61 4.06
CA PRO C 296 -17.09 26.70 5.21
C PRO C 296 -15.72 26.24 5.69
N THR C 297 -15.01 27.15 6.35
CA THR C 297 -13.63 26.90 6.74
C THR C 297 -13.41 25.47 7.21
N VAL C 298 -14.07 25.08 8.30
CA VAL C 298 -13.81 23.75 8.88
C VAL C 298 -14.08 22.59 7.91
N SER C 299 -15.03 22.76 7.01
CA SER C 299 -15.22 21.78 5.94
C SER C 299 -13.93 21.72 5.13
N ILE C 300 -13.58 22.85 4.50
CA ILE C 300 -12.36 22.97 3.72
C ILE C 300 -11.14 22.44 4.47
N LEU C 301 -11.09 22.67 5.78
CA LEU C 301 -10.00 22.15 6.59
C LEU C 301 -10.14 20.64 6.79
N ASN C 302 -11.37 20.15 6.78
CA ASN C 302 -11.59 18.71 6.89
C ASN C 302 -11.18 17.98 5.62
N LEU C 303 -11.29 18.68 4.49
CA LEU C 303 -10.95 18.09 3.19
C LEU C 303 -9.47 17.80 3.01
N LEU C 304 -8.60 18.50 3.74
CA LEU C 304 -7.17 18.24 3.63
C LEU C 304 -6.81 16.85 4.11
N PRO C 305 -6.94 16.58 5.42
CA PRO C 305 -6.60 15.23 5.89
C PRO C 305 -7.45 14.19 5.18
N GLY C 306 -8.66 14.60 4.80
CA GLY C 306 -9.61 13.69 4.18
C GLY C 306 -9.26 13.32 2.75
N SER C 307 -8.89 14.32 1.95
CA SER C 307 -8.63 14.09 0.53
C SER C 307 -7.17 13.73 0.25
N ILE C 308 -6.43 13.38 1.31
CA ILE C 308 -5.11 12.80 1.16
C ILE C 308 -5.23 11.32 1.44
N GLY C 309 -6.29 10.95 2.17
CA GLY C 309 -6.49 9.58 2.58
C GLY C 309 -7.22 8.78 1.52
N ASN C 310 -8.32 9.33 1.04
CA ASN C 310 -9.05 8.68 -0.04
C ASN C 310 -8.18 8.59 -1.29
N TYR C 311 -7.28 9.55 -1.45
CA TYR C 311 -6.36 9.49 -2.57
C TYR C 311 -5.54 8.21 -2.49
N LEU C 312 -4.79 8.08 -1.40
CA LEU C 312 -4.02 6.87 -1.16
C LEU C 312 -4.91 5.63 -1.19
N SER C 313 -5.99 5.66 -0.40
CA SER C 313 -6.90 4.52 -0.33
C SER C 313 -7.35 4.07 -1.71
N ASN C 314 -7.85 5.00 -2.51
CA ASN C 314 -8.38 4.69 -3.83
C ASN C 314 -7.33 4.58 -4.94
N PHE C 315 -6.11 5.02 -4.65
CA PHE C 315 -5.08 5.14 -5.70
C PHE C 315 -5.09 3.98 -6.66
N PHE C 316 -4.70 2.80 -6.17
CA PHE C 316 -4.68 1.60 -7.01
C PHE C 316 -6.04 1.31 -7.66
N GLN C 317 -7.11 1.48 -6.88
CA GLN C 317 -8.45 1.20 -7.38
C GLN C 317 -8.73 2.01 -8.64
N MET C 318 -8.39 3.30 -8.58
CA MET C 318 -8.55 4.19 -9.74
C MET C 318 -7.38 4.07 -10.73
N ALA C 319 -6.31 3.41 -10.30
CA ALA C 319 -5.18 3.18 -11.18
C ALA C 319 -5.57 2.17 -12.23
N GLY C 320 -6.53 1.32 -11.90
CA GLY C 320 -6.97 0.26 -12.79
C GLY C 320 -8.29 0.50 -13.51
N ARG C 321 -8.87 1.68 -13.33
CA ARG C 321 -10.11 2.02 -14.03
C ARG C 321 -9.87 2.08 -15.56
N THR C 322 -10.40 1.10 -16.28
CA THR C 322 -10.32 1.11 -17.73
C THR C 322 -11.71 1.03 -18.33
N ALA C 323 -11.80 0.63 -19.59
CA ALA C 323 -13.10 0.55 -20.25
C ALA C 323 -13.75 -0.81 -20.09
N MET C 324 -13.27 -1.59 -19.12
CA MET C 324 -13.92 -2.84 -18.76
C MET C 324 -14.69 -2.64 -17.47
N SER C 325 -14.09 -1.96 -16.52
CA SER C 325 -14.81 -1.50 -15.35
C SER C 325 -15.42 -0.16 -15.72
N ALA C 326 -16.66 0.10 -15.29
CA ALA C 326 -17.44 -0.83 -14.50
C ALA C 326 -18.45 -1.53 -15.39
N ASP C 327 -18.27 -2.84 -15.55
CA ASP C 327 -19.01 -3.62 -16.53
C ASP C 327 -19.09 -2.82 -17.83
N GLY C 328 -17.98 -2.82 -18.57
CA GLY C 328 -17.86 -2.13 -19.84
C GLY C 328 -18.71 -0.88 -19.95
N THR C 329 -18.49 0.07 -19.05
CA THR C 329 -19.27 1.31 -19.04
C THR C 329 -18.41 2.57 -18.88
N ALA C 330 -17.36 2.45 -18.08
CA ALA C 330 -16.51 3.60 -17.76
C ALA C 330 -15.71 4.07 -18.96
N GLY C 331 -15.89 3.41 -20.09
CA GLY C 331 -15.21 3.80 -21.31
C GLY C 331 -15.46 5.26 -21.63
N GLU C 332 -16.71 5.69 -21.49
CA GLU C 332 -17.11 7.05 -21.81
C GLU C 332 -16.53 8.04 -20.81
N TRP C 333 -16.67 7.71 -19.53
CA TRP C 333 -16.19 8.57 -18.46
C TRP C 333 -14.70 8.86 -18.62
N LEU C 334 -13.93 7.83 -18.95
CA LEU C 334 -12.50 7.97 -19.16
C LEU C 334 -12.20 8.96 -20.26
N GLY C 335 -12.92 8.85 -21.37
CA GLY C 335 -12.70 9.73 -22.49
C GLY C 335 -12.87 11.20 -22.14
N SER C 336 -13.85 11.47 -21.28
CA SER C 336 -14.19 12.85 -20.95
C SER C 336 -13.36 13.39 -19.79
N TRP C 337 -12.69 12.50 -19.06
CA TRP C 337 -11.96 12.89 -17.85
C TRP C 337 -10.56 12.29 -17.75
N THR C 338 -10.49 11.09 -17.21
CA THR C 338 -9.20 10.52 -16.85
C THR C 338 -8.23 10.43 -18.03
N ILE C 339 -8.74 10.13 -19.22
CA ILE C 339 -7.86 9.99 -20.36
C ILE C 339 -7.57 11.34 -21.01
N PHE C 340 -8.47 12.30 -20.85
CA PHE C 340 -8.18 13.64 -21.32
C PHE C 340 -6.94 14.12 -20.61
N TYR C 341 -7.09 14.36 -19.31
CA TYR C 341 -5.99 14.82 -18.48
C TYR C 341 -4.65 14.19 -18.89
N TRP C 342 -4.62 12.87 -19.01
CA TRP C 342 -3.38 12.14 -19.30
C TRP C 342 -2.73 12.63 -20.57
N ALA C 343 -3.54 12.76 -21.62
CA ALA C 343 -3.07 13.29 -22.89
C ALA C 343 -2.53 14.71 -22.67
N TRP C 344 -3.39 15.57 -22.13
CA TRP C 344 -3.04 16.95 -21.87
C TRP C 344 -1.66 17.04 -21.22
N TRP C 345 -1.54 16.48 -20.02
CA TRP C 345 -0.27 16.48 -19.28
C TRP C 345 0.92 16.12 -20.17
N ILE C 346 0.79 15.04 -20.92
CA ILE C 346 1.87 14.60 -21.81
C ILE C 346 2.22 15.70 -22.81
N SER C 347 1.19 16.31 -23.41
CA SER C 347 1.39 17.35 -24.40
C SER C 347 1.91 18.65 -23.76
N TRP C 348 2.19 18.59 -22.47
CA TRP C 348 2.71 19.75 -21.75
C TRP C 348 4.08 19.46 -21.18
N SER C 349 4.39 18.17 -21.02
CA SER C 349 5.68 17.73 -20.46
C SER C 349 6.90 18.37 -21.12
N PRO C 350 6.85 18.61 -22.44
CA PRO C 350 7.99 19.29 -23.07
C PRO C 350 8.21 20.69 -22.52
N PHE C 351 7.13 21.35 -22.10
CA PHE C 351 7.24 22.70 -21.53
C PHE C 351 7.65 22.65 -20.07
N VAL C 352 6.79 22.11 -19.23
CA VAL C 352 7.09 21.96 -17.81
C VAL C 352 8.43 21.27 -17.61
N GLY C 353 8.70 20.26 -18.45
CA GLY C 353 9.92 19.48 -18.37
C GLY C 353 11.18 20.31 -18.45
N MET C 354 11.20 21.30 -19.34
CA MET C 354 12.34 22.20 -19.46
C MET C 354 12.41 23.15 -18.27
N PHE C 355 11.27 23.71 -17.90
CA PHE C 355 11.18 24.60 -16.74
C PHE C 355 11.90 24.02 -15.52
N LEU C 356 11.36 22.92 -15.00
CA LEU C 356 11.93 22.25 -13.85
C LEU C 356 13.39 21.88 -14.06
N ALA C 357 13.71 21.43 -15.27
CA ALA C 357 15.10 21.16 -15.63
C ALA C 357 15.94 22.42 -15.38
N ARG C 358 15.62 23.46 -16.13
CA ARG C 358 16.35 24.72 -16.10
C ARG C 358 16.56 25.24 -14.68
N ILE C 359 15.53 25.13 -13.85
CA ILE C 359 15.60 25.57 -12.46
C ILE C 359 16.49 24.67 -11.60
N SER C 360 16.35 23.36 -11.78
CA SER C 360 16.89 22.38 -10.83
C SER C 360 18.39 22.10 -10.94
N ARG C 361 19.05 22.69 -11.91
CA ARG C 361 20.50 22.51 -12.05
C ARG C 361 21.15 22.51 -10.68
N GLY C 362 21.98 21.50 -10.43
CA GLY C 362 22.65 21.38 -9.13
C GLY C 362 22.05 20.32 -8.23
N ARG C 363 20.71 20.25 -8.19
CA ARG C 363 20.01 19.29 -7.34
C ARG C 363 20.41 17.86 -7.65
N SER C 364 20.23 16.96 -6.68
CA SER C 364 20.46 15.54 -6.92
C SER C 364 19.21 14.93 -7.53
N ILE C 365 19.42 13.90 -8.34
CA ILE C 365 18.31 13.19 -8.98
C ILE C 365 17.15 12.92 -8.02
N ARG C 366 17.46 12.52 -6.78
CA ARG C 366 16.44 12.21 -5.80
C ARG C 366 15.76 13.48 -5.30
N GLU C 367 16.55 14.35 -4.69
CA GLU C 367 16.06 15.65 -4.24
C GLU C 367 15.16 16.27 -5.29
N PHE C 368 15.51 16.08 -6.55
CA PHE C 368 14.76 16.66 -7.65
C PHE C 368 13.46 15.92 -7.95
N ILE C 369 13.46 14.61 -7.75
CA ILE C 369 12.23 13.84 -7.95
C ILE C 369 11.23 14.04 -6.81
N LEU C 370 11.62 13.70 -5.59
CA LEU C 370 10.72 13.85 -4.45
C LEU C 370 10.25 15.29 -4.36
N GLY C 371 11.17 16.20 -4.64
CA GLY C 371 10.80 17.60 -4.74
C GLY C 371 9.68 17.83 -5.74
N VAL C 372 9.86 17.33 -6.97
CA VAL C 372 8.91 17.60 -8.04
C VAL C 372 7.53 16.98 -7.83
N LEU C 373 7.48 15.88 -7.08
CA LEU C 373 6.20 15.23 -6.81
C LEU C 373 5.42 15.96 -5.72
N LEU C 374 5.96 15.94 -4.49
CA LEU C 374 5.25 16.45 -3.32
C LEU C 374 5.00 17.97 -3.29
N VAL C 375 5.89 18.76 -3.88
CA VAL C 375 5.72 20.21 -3.83
C VAL C 375 4.45 20.72 -4.54
N PRO C 376 4.43 20.65 -5.88
CA PRO C 376 3.23 21.14 -6.57
C PRO C 376 1.97 20.43 -6.07
N ALA C 377 2.13 19.19 -5.64
CA ALA C 377 0.99 18.36 -5.21
C ALA C 377 0.25 18.94 -4.01
N GLY C 378 1.01 19.53 -3.08
CA GLY C 378 0.42 20.14 -1.91
C GLY C 378 -0.54 21.25 -2.29
N VAL C 379 -0.14 22.06 -3.26
CA VAL C 379 -0.94 23.18 -3.74
C VAL C 379 -2.18 22.70 -4.51
N SER C 380 -2.00 21.65 -5.31
CA SER C 380 -3.11 21.08 -6.06
C SER C 380 -4.06 20.36 -5.11
N THR C 381 -3.59 20.10 -3.90
CA THR C 381 -4.42 19.43 -2.89
C THR C 381 -5.24 20.44 -2.09
N VAL C 382 -4.60 21.53 -1.71
CA VAL C 382 -5.30 22.62 -1.06
C VAL C 382 -6.30 23.27 -2.03
N TRP C 383 -5.82 23.60 -3.23
CA TRP C 383 -6.62 24.38 -4.18
C TRP C 383 -7.97 23.74 -4.49
N PHE C 384 -7.99 22.43 -4.71
CA PHE C 384 -9.22 21.71 -4.99
C PHE C 384 -10.05 21.54 -3.73
N SER C 385 -9.37 21.58 -2.58
CA SER C 385 -10.04 21.45 -1.30
C SER C 385 -10.81 22.73 -0.99
N ILE C 386 -10.26 23.85 -1.40
CA ILE C 386 -10.89 25.16 -1.20
C ILE C 386 -12.06 25.39 -2.16
N PHE C 387 -11.72 25.66 -3.42
CA PHE C 387 -12.71 25.96 -4.45
C PHE C 387 -13.76 24.86 -4.60
N GLY C 388 -13.43 23.84 -5.37
CA GLY C 388 -14.34 22.73 -5.60
C GLY C 388 -14.73 22.01 -4.32
N GLY C 389 -14.14 22.42 -3.21
CA GLY C 389 -14.45 21.82 -1.92
C GLY C 389 -15.67 22.44 -1.28
N THR C 390 -15.90 23.72 -1.56
CA THR C 390 -17.09 24.40 -1.10
C THR C 390 -18.26 24.02 -2.00
N ALA C 391 -17.97 23.89 -3.29
CA ALA C 391 -18.98 23.52 -4.26
C ALA C 391 -19.71 22.26 -3.81
N ILE C 392 -19.02 21.42 -3.05
CA ILE C 392 -19.62 20.20 -2.52
C ILE C 392 -20.48 20.51 -1.31
N VAL C 393 -19.98 21.38 -0.44
CA VAL C 393 -20.71 21.79 0.75
C VAL C 393 -21.98 22.52 0.33
N PHE C 394 -21.85 23.41 -0.64
CA PHE C 394 -22.99 24.12 -1.20
C PHE C 394 -24.06 23.15 -1.69
N GLU C 395 -23.66 22.19 -2.52
CA GLU C 395 -24.59 21.22 -3.07
C GLU C 395 -25.18 20.33 -2.00
N GLN C 396 -24.78 20.56 -0.75
CA GLN C 396 -25.30 19.78 0.37
C GLN C 396 -26.29 20.59 1.20
N ASN C 397 -26.29 21.90 0.99
CA ASN C 397 -27.21 22.79 1.67
C ASN C 397 -28.30 23.29 0.73
N GLY C 398 -28.19 22.91 -0.55
CA GLY C 398 -29.17 23.27 -1.55
C GLY C 398 -28.69 24.37 -2.47
N GLU C 399 -27.74 25.15 -1.99
CA GLU C 399 -27.25 26.32 -2.72
C GLU C 399 -26.94 26.03 -4.19
N SER C 400 -26.15 24.99 -4.43
CA SER C 400 -25.85 24.52 -5.78
C SER C 400 -25.47 25.63 -6.76
N ILE C 401 -24.19 25.72 -7.07
CA ILE C 401 -23.71 26.73 -8.01
C ILE C 401 -23.67 26.17 -9.42
N TRP C 402 -24.37 25.05 -9.63
CA TRP C 402 -24.27 24.30 -10.88
C TRP C 402 -24.47 25.17 -12.12
N GLY C 403 -25.20 26.27 -11.97
CA GLY C 403 -25.40 27.22 -13.05
C GLY C 403 -25.56 26.59 -14.42
N ASP C 404 -26.69 25.94 -14.64
CA ASP C 404 -27.05 25.33 -15.94
C ASP C 404 -26.14 24.18 -16.39
N GLY C 405 -25.07 23.92 -15.64
CA GLY C 405 -24.23 22.76 -15.90
C GLY C 405 -22.95 23.01 -16.68
N ALA C 406 -22.65 24.27 -16.96
CA ALA C 406 -21.45 24.62 -17.69
C ALA C 406 -20.33 25.06 -16.75
N ALA C 407 -19.20 24.36 -16.80
CA ALA C 407 -18.08 24.62 -15.91
C ALA C 407 -17.50 26.03 -16.07
N GLU C 408 -17.53 26.53 -17.30
CA GLU C 408 -16.94 27.82 -17.64
C GLU C 408 -17.50 28.98 -16.83
N GLU C 409 -18.62 28.75 -16.16
CA GLU C 409 -19.23 29.78 -15.32
C GLU C 409 -19.25 29.34 -13.87
N GLN C 410 -19.11 28.03 -13.65
CA GLN C 410 -19.11 27.46 -12.31
C GLN C 410 -18.35 28.31 -11.31
N LEU C 411 -17.15 28.73 -11.69
CA LEU C 411 -16.26 29.45 -10.77
C LEU C 411 -16.90 30.72 -10.23
N PHE C 412 -17.19 31.66 -11.13
CA PHE C 412 -17.77 32.93 -10.75
C PHE C 412 -19.07 32.73 -9.97
N GLY C 413 -19.91 31.83 -10.47
CA GLY C 413 -21.13 31.47 -9.77
C GLY C 413 -20.87 31.07 -8.33
N LEU C 414 -19.76 30.38 -8.11
CA LEU C 414 -19.36 29.98 -6.77
C LEU C 414 -19.09 31.21 -5.88
N LEU C 415 -18.38 32.18 -6.46
CA LEU C 415 -17.98 33.37 -5.71
C LEU C 415 -19.16 34.31 -5.46
N HIS C 416 -20.07 34.38 -6.41
CA HIS C 416 -21.25 35.24 -6.30
C HIS C 416 -22.14 34.85 -5.13
N ALA C 417 -21.94 33.64 -4.61
CA ALA C 417 -22.69 33.17 -3.46
C ALA C 417 -21.95 33.48 -2.16
N LEU C 418 -20.97 34.38 -2.25
CA LEU C 418 -20.20 34.81 -1.09
C LEU C 418 -20.09 36.33 -1.04
N PRO C 419 -20.14 36.90 0.17
CA PRO C 419 -20.08 38.35 0.39
C PRO C 419 -18.89 39.02 -0.31
N GLY C 420 -19.19 40.07 -1.08
CA GLY C 420 -18.16 40.78 -1.81
C GLY C 420 -17.51 39.90 -2.86
N GLY C 421 -18.29 38.95 -3.37
CA GLY C 421 -17.78 37.99 -4.33
C GLY C 421 -17.77 38.52 -5.75
N GLN C 422 -18.37 39.68 -5.95
CA GLN C 422 -18.45 40.27 -7.28
C GLN C 422 -17.13 40.96 -7.66
N ILE C 423 -16.43 41.49 -6.66
CA ILE C 423 -15.11 42.06 -6.89
C ILE C 423 -14.11 40.94 -7.14
N MET C 424 -14.30 39.84 -6.43
CA MET C 424 -13.45 38.67 -6.57
C MET C 424 -13.50 38.12 -8.00
N GLY C 425 -14.71 38.06 -8.55
CA GLY C 425 -14.91 37.63 -9.91
C GLY C 425 -14.14 38.51 -10.89
N ILE C 426 -14.17 39.81 -10.64
CA ILE C 426 -13.40 40.76 -11.45
C ILE C 426 -11.93 40.42 -11.35
N ILE C 427 -11.46 40.16 -10.13
CA ILE C 427 -10.08 39.77 -9.92
C ILE C 427 -9.76 38.53 -10.75
N ALA C 428 -10.58 37.48 -10.58
CA ALA C 428 -10.38 36.23 -11.30
C ALA C 428 -10.15 36.46 -12.79
N MET C 429 -10.99 37.29 -13.41
CA MET C 429 -10.85 37.60 -14.81
C MET C 429 -9.49 38.20 -15.13
N ILE C 430 -9.10 39.23 -14.38
CA ILE C 430 -7.80 39.87 -14.58
C ILE C 430 -6.70 38.86 -14.28
N LEU C 431 -7.04 37.83 -13.49
CA LEU C 431 -6.08 36.80 -13.14
C LEU C 431 -5.88 35.83 -14.31
N LEU C 432 -6.98 35.30 -14.82
CA LEU C 432 -6.92 34.44 -16.00
C LEU C 432 -6.32 35.20 -17.18
N GLY C 433 -6.33 36.53 -17.07
CA GLY C 433 -5.73 37.36 -18.09
C GLY C 433 -4.22 37.34 -17.95
N THR C 434 -3.73 37.72 -16.79
CA THR C 434 -2.30 37.69 -16.52
C THR C 434 -1.74 36.29 -16.75
N PHE C 435 -2.58 35.28 -16.51
CA PHE C 435 -2.20 33.90 -16.76
C PHE C 435 -2.02 33.62 -18.24
N PHE C 436 -2.99 34.05 -19.04
CA PHE C 436 -2.94 33.86 -20.49
C PHE C 436 -1.57 34.26 -21.05
N ILE C 437 -1.07 35.41 -20.63
CA ILE C 437 0.21 35.93 -21.13
C ILE C 437 1.41 35.15 -20.59
N THR C 438 1.53 35.09 -19.27
CA THR C 438 2.68 34.41 -18.65
C THR C 438 2.76 32.96 -19.09
N SER C 439 1.61 32.31 -19.18
CA SER C 439 1.55 30.92 -19.62
C SER C 439 2.02 30.82 -21.05
N ALA C 440 1.72 31.85 -21.84
CA ALA C 440 2.12 31.88 -23.26
C ALA C 440 3.60 32.20 -23.43
N ASP C 441 4.12 33.06 -22.55
CA ASP C 441 5.55 33.41 -22.59
C ASP C 441 6.43 32.19 -22.43
N SER C 442 6.38 31.60 -21.24
CA SER C 442 7.16 30.40 -20.93
C SER C 442 7.03 29.33 -22.02
N ALA C 443 5.80 29.12 -22.48
CA ALA C 443 5.55 28.17 -23.56
C ALA C 443 6.34 28.54 -24.83
N SER C 444 6.09 29.73 -25.36
CA SER C 444 6.76 30.18 -26.57
C SER C 444 8.28 30.16 -26.42
N THR C 445 8.77 30.52 -25.24
CA THR C 445 10.21 30.53 -25.01
C THR C 445 10.78 29.12 -25.16
N VAL C 446 10.17 28.17 -24.47
CA VAL C 446 10.57 26.78 -24.56
C VAL C 446 10.48 26.29 -26.00
N MET C 447 9.31 26.46 -26.60
CA MET C 447 9.08 26.06 -27.98
C MET C 447 10.08 26.73 -28.91
N GLY C 448 10.55 27.90 -28.48
CA GLY C 448 11.58 28.60 -29.24
C GLY C 448 12.93 27.96 -29.02
N THR C 449 13.30 27.75 -27.76
CA THR C 449 14.56 27.14 -27.42
C THR C 449 14.78 25.83 -28.18
N MET C 450 13.70 25.07 -28.38
CA MET C 450 13.83 23.80 -29.07
C MET C 450 13.52 23.89 -30.56
N SER C 451 13.15 25.08 -31.02
CA SER C 451 12.96 25.30 -32.44
C SER C 451 14.26 25.79 -33.08
N GLN C 452 15.27 26.05 -32.26
CA GLN C 452 16.57 26.48 -32.75
C GLN C 452 17.77 25.89 -32.00
N HIS C 453 17.88 24.57 -32.02
CA HIS C 453 19.08 23.87 -31.54
C HIS C 453 19.34 24.01 -30.05
N GLY C 454 18.28 24.11 -29.26
CA GLY C 454 18.38 24.11 -27.81
C GLY C 454 19.11 25.30 -27.22
N GLN C 455 19.12 26.41 -27.94
CA GLN C 455 19.76 27.62 -27.44
C GLN C 455 19.03 28.15 -26.20
N LEU C 456 19.72 28.14 -25.06
CA LEU C 456 19.16 28.71 -23.84
C LEU C 456 18.81 30.17 -24.10
N GLU C 457 19.73 30.87 -24.76
CA GLU C 457 19.47 32.25 -25.18
C GLU C 457 18.34 32.27 -26.20
N ALA C 458 17.15 32.65 -25.73
CA ALA C 458 15.97 32.64 -26.57
C ALA C 458 15.90 33.86 -27.48
N ASN C 459 15.60 33.64 -28.75
CA ASN C 459 15.41 34.72 -29.70
C ASN C 459 14.04 35.37 -29.50
N LYS C 460 14.07 36.64 -29.09
CA LYS C 460 12.84 37.36 -28.74
C LYS C 460 11.78 37.29 -29.84
N TRP C 461 12.22 37.20 -31.08
CA TRP C 461 11.31 37.19 -32.22
C TRP C 461 10.59 35.86 -32.40
N VAL C 462 11.35 34.77 -32.42
CA VAL C 462 10.80 33.44 -32.63
C VAL C 462 9.83 33.06 -31.51
N THR C 463 10.04 33.65 -30.33
CA THR C 463 9.17 33.42 -29.19
C THR C 463 7.75 33.88 -29.48
N ALA C 464 7.58 35.16 -29.77
CA ALA C 464 6.28 35.74 -30.08
C ALA C 464 5.61 34.99 -31.24
N ALA C 465 6.43 34.55 -32.19
CA ALA C 465 5.94 33.79 -33.33
C ALA C 465 5.20 32.54 -32.85
N TRP C 466 5.81 31.81 -31.93
CA TRP C 466 5.20 30.60 -31.38
C TRP C 466 4.00 30.92 -30.49
N GLY C 467 3.93 32.13 -29.96
CA GLY C 467 2.79 32.55 -29.17
C GLY C 467 1.56 32.77 -30.03
N VAL C 468 1.72 33.56 -31.09
CA VAL C 468 0.61 33.85 -31.99
C VAL C 468 0.16 32.59 -32.72
N ALA C 469 1.11 31.77 -33.13
CA ALA C 469 0.79 30.51 -33.80
C ALA C 469 0.10 29.56 -32.83
N THR C 470 0.39 29.72 -31.55
CA THR C 470 -0.22 28.89 -30.51
C THR C 470 -1.59 29.42 -30.11
N ALA C 471 -1.63 30.66 -29.65
CA ALA C 471 -2.89 31.32 -29.34
C ALA C 471 -3.84 31.10 -30.51
N ALA C 472 -3.30 31.13 -31.72
CA ALA C 472 -4.07 30.90 -32.93
C ALA C 472 -4.89 29.62 -32.81
N ILE C 473 -4.20 28.48 -32.71
CA ILE C 473 -4.88 27.21 -32.61
C ILE C 473 -5.68 27.11 -31.31
N GLY C 474 -5.33 27.96 -30.34
CA GLY C 474 -6.07 28.04 -29.10
C GLY C 474 -7.42 28.69 -29.36
N LEU C 475 -7.49 29.43 -30.47
CA LEU C 475 -8.73 30.06 -30.91
C LEU C 475 -9.43 29.17 -31.94
N THR C 476 -8.64 28.63 -32.87
CA THR C 476 -9.17 27.76 -33.93
C THR C 476 -9.99 26.62 -33.35
N LEU C 477 -9.66 26.21 -32.13
CA LEU C 477 -10.40 25.15 -31.45
C LEU C 477 -11.68 25.70 -30.81
N LEU C 478 -11.55 26.84 -30.14
CA LEU C 478 -12.68 27.46 -29.46
C LEU C 478 -13.82 27.77 -30.42
N LEU C 479 -13.49 28.28 -31.60
CA LEU C 479 -14.50 28.67 -32.57
C LEU C 479 -15.17 27.46 -33.21
N SER C 480 -14.37 26.57 -33.77
CA SER C 480 -14.88 25.41 -34.49
C SER C 480 -15.48 24.36 -33.53
N GLY C 481 -16.75 24.54 -33.20
CA GLY C 481 -17.44 23.66 -32.29
C GLY C 481 -18.76 24.24 -31.81
N GLY C 482 -18.77 25.56 -31.61
CA GLY C 482 -19.97 26.27 -31.20
C GLY C 482 -20.31 26.07 -29.74
N ASP C 483 -21.48 25.51 -29.48
CA ASP C 483 -21.95 25.29 -28.12
C ASP C 483 -21.04 24.33 -27.35
N ASN C 484 -20.45 23.38 -28.07
CA ASN C 484 -19.53 22.44 -27.46
C ASN C 484 -18.08 22.73 -27.83
N ALA C 485 -17.73 24.01 -27.84
CA ALA C 485 -16.37 24.45 -28.15
C ALA C 485 -15.36 23.72 -27.27
N LEU C 486 -15.70 23.59 -25.99
CA LEU C 486 -14.85 22.89 -25.03
C LEU C 486 -14.45 21.51 -25.55
N SER C 487 -15.39 20.83 -26.18
CA SER C 487 -15.22 19.44 -26.60
C SER C 487 -14.07 19.25 -27.59
N ASN C 488 -14.12 19.94 -28.72
CA ASN C 488 -13.09 19.81 -29.75
C ASN C 488 -11.71 20.22 -29.24
N LEU C 489 -11.71 21.14 -28.29
CA LEU C 489 -10.48 21.58 -27.64
C LEU C 489 -9.77 20.39 -27.02
N GLN C 490 -10.55 19.54 -26.35
CA GLN C 490 -10.00 18.41 -25.62
C GLN C 490 -9.75 17.19 -26.50
N ASN C 491 -10.42 17.13 -27.65
CA ASN C 491 -10.29 15.97 -28.54
C ASN C 491 -9.04 16.01 -29.42
N VAL C 492 -8.74 17.20 -29.96
CA VAL C 492 -7.57 17.34 -30.80
C VAL C 492 -6.29 17.29 -29.97
N THR C 493 -6.25 18.06 -28.88
CA THR C 493 -5.09 18.02 -27.99
C THR C 493 -4.80 16.59 -27.55
N ILE C 494 -5.85 15.77 -27.49
CA ILE C 494 -5.67 14.35 -27.19
C ILE C 494 -5.02 13.65 -28.37
N VAL C 495 -5.45 14.02 -29.58
CA VAL C 495 -4.89 13.44 -30.80
C VAL C 495 -3.41 13.76 -30.94
N ALA C 496 -3.08 15.05 -30.97
CA ALA C 496 -1.68 15.48 -31.12
C ALA C 496 -0.81 15.06 -29.93
N ALA C 497 -1.45 14.67 -28.84
CA ALA C 497 -0.74 14.21 -27.66
C ALA C 497 -0.30 12.76 -27.82
N THR C 498 -1.19 11.94 -28.37
CA THR C 498 -0.94 10.50 -28.47
C THR C 498 0.43 10.15 -29.04
N PRO C 499 0.86 10.86 -30.11
CA PRO C 499 2.17 10.51 -30.68
C PRO C 499 3.24 10.59 -29.62
N PHE C 500 3.28 11.75 -28.95
CA PHE C 500 4.28 11.99 -27.94
C PHE C 500 4.23 10.93 -26.84
N LEU C 501 3.03 10.48 -26.49
CA LEU C 501 2.92 9.47 -25.45
C LEU C 501 4.08 8.49 -25.56
N PHE C 502 4.21 7.89 -26.74
CA PHE C 502 5.26 6.92 -27.01
C PHE C 502 6.66 7.50 -26.77
N VAL C 503 6.89 8.71 -27.29
CA VAL C 503 8.14 9.41 -27.03
C VAL C 503 8.48 9.31 -25.54
N VAL C 504 7.67 9.96 -24.71
CA VAL C 504 7.90 9.94 -23.27
C VAL C 504 8.12 8.51 -22.75
N ILE C 505 7.31 7.56 -23.21
CA ILE C 505 7.51 6.17 -22.81
C ILE C 505 8.97 5.77 -23.09
N GLY C 506 9.43 6.00 -24.33
CA GLY C 506 10.78 5.63 -24.71
C GLY C 506 11.83 6.40 -23.91
N LEU C 507 11.45 7.60 -23.48
CA LEU C 507 12.34 8.46 -22.73
C LEU C 507 12.67 7.83 -21.38
N MET C 508 11.99 6.75 -21.03
CA MET C 508 12.35 5.98 -19.85
C MET C 508 13.62 5.22 -20.15
N PHE C 509 13.57 4.45 -21.23
CA PHE C 509 14.70 3.61 -21.63
C PHE C 509 15.99 4.42 -21.84
N ALA C 510 15.89 5.53 -22.57
CA ALA C 510 17.06 6.34 -22.83
C ALA C 510 17.58 6.90 -21.52
N LEU C 511 16.70 6.99 -20.55
CA LEU C 511 17.01 7.63 -19.28
C LEU C 511 17.65 6.62 -18.34
N VAL C 512 17.36 5.33 -18.56
CA VAL C 512 17.94 4.30 -17.73
C VAL C 512 19.33 3.92 -18.24
N LYS C 513 19.49 3.85 -19.56
CA LYS C 513 20.79 3.55 -20.13
C LYS C 513 21.72 4.74 -19.94
N ASP C 514 21.12 5.93 -19.87
CA ASP C 514 21.89 7.14 -19.66
C ASP C 514 22.45 7.16 -18.25
N LEU C 515 21.71 6.53 -17.34
CA LEU C 515 22.06 6.54 -15.93
C LEU C 515 23.03 5.42 -15.58
N SER C 516 22.85 4.27 -16.22
CA SER C 516 23.67 3.11 -15.94
C SER C 516 25.10 3.29 -16.45
N ASN C 517 25.31 4.25 -17.34
CA ASN C 517 26.64 4.56 -17.85
C ASN C 517 27.28 5.74 -17.13
N ASP C 518 26.47 6.45 -16.35
CA ASP C 518 26.96 7.62 -15.61
C ASP C 518 28.09 7.23 -14.66
N VAL C 519 29.12 8.06 -14.62
CA VAL C 519 30.31 7.82 -13.80
C VAL C 519 29.95 7.32 -12.40
N ILE C 520 29.18 8.13 -11.68
CA ILE C 520 28.92 7.91 -10.25
C ILE C 520 28.26 6.56 -9.93
N TYR C 521 27.39 6.08 -10.82
CA TYR C 521 26.81 4.75 -10.63
C TYR C 521 27.77 3.66 -11.07
N LEU C 522 28.54 3.94 -12.10
CA LEU C 522 29.57 3.01 -12.57
C LEU C 522 30.67 2.89 -11.53
N GLU C 523 31.04 4.02 -10.95
CA GLU C 523 32.13 4.09 -9.97
C GLU C 523 31.74 3.45 -8.63
N TYR C 524 30.46 3.51 -8.31
CA TYR C 524 29.93 2.94 -7.06
C TYR C 524 29.87 1.42 -7.13
N ARG C 525 29.37 0.91 -8.24
CA ARG C 525 29.28 -0.53 -8.46
C ARG C 525 30.67 -1.16 -8.41
N GLU C 526 31.69 -0.34 -8.71
CA GLU C 526 33.08 -0.79 -8.66
C GLU C 526 33.58 -0.86 -7.22
N GLN C 527 32.91 -0.16 -6.32
CA GLN C 527 33.36 -0.03 -4.94
C GLN C 527 32.76 -1.10 -4.03
N GLN C 528 31.60 -1.63 -4.42
CA GLN C 528 30.97 -2.68 -3.62
C GLN C 528 31.46 -4.07 -4.03
N ARG C 529 31.72 -4.24 -5.32
CA ARG C 529 32.36 -5.45 -5.81
C ARG C 529 33.74 -5.51 -5.19
N PHE C 530 34.34 -4.34 -4.98
CA PHE C 530 35.61 -4.23 -4.29
C PHE C 530 35.43 -4.40 -2.79
N ASN C 531 34.36 -3.80 -2.25
CA ASN C 531 34.03 -3.96 -0.84
C ASN C 531 33.53 -5.37 -0.59
N ALA C 532 33.59 -6.19 -1.64
CA ALA C 532 33.24 -7.60 -1.55
C ALA C 532 34.50 -8.45 -1.72
N ARG C 533 35.32 -8.08 -2.69
CA ARG C 533 36.54 -8.82 -2.99
C ARG C 533 37.64 -8.57 -1.96
N LEU C 534 37.61 -7.39 -1.35
CA LEU C 534 38.59 -7.03 -0.32
C LEU C 534 38.43 -7.92 0.91
N ALA C 535 37.24 -8.52 1.05
CA ALA C 535 36.96 -9.41 2.16
C ALA C 535 36.78 -10.85 1.66
N ARG C 536 37.20 -11.11 0.44
CA ARG C 536 37.13 -12.45 -0.14
C ARG C 536 38.47 -13.17 -0.09
N GLU C 537 39.54 -12.41 0.11
CA GLU C 537 40.89 -12.98 0.11
C GLU C 537 41.63 -12.77 1.43
N ARG C 538 41.04 -12.02 2.34
CA ARG C 538 41.63 -11.82 3.67
C ARG C 538 41.19 -12.92 4.61
N ARG C 539 40.18 -13.68 4.21
CA ARG C 539 39.65 -14.77 5.02
C ARG C 539 40.29 -16.11 4.64
CL CL D . -15.70 -8.55 6.03
C48 PGT E . -0.75 0.52 4.61
C47 PGT E . -0.23 1.37 5.72
C46 PGT E . 0.50 0.69 6.83
C45 PGT E . 1.43 1.51 7.65
C44 PGT E . 2.49 2.29 6.92
C43 PGT E . 3.76 2.59 7.66
C42 PGT E . 4.66 3.66 7.12
C41 PGT E . 5.33 3.46 5.79
C40 PGT E . 6.80 3.11 5.79
C39 PGT E . 7.73 3.89 4.92
C38 PGT E . 9.20 3.54 4.93
C37 PGT E . 10.19 4.55 4.44
C36 PGT E . 11.62 4.41 4.88
C35 PGT E . 12.49 5.63 4.88
C34 PGT E . 13.97 5.45 5.14
C33 PGT E . 14.89 6.63 4.91
C32 PGT E . 16.22 6.37 4.25
C31 PGT E . 17.47 6.39 5.11
O31 PGT E . 17.38 5.96 6.29
O2 PGT E . 18.60 6.78 4.64
C2 PGT E . 19.72 6.80 5.45
C1 PGT E . 19.45 7.65 6.65
O3P PGT E . 19.92 8.94 6.62
P PGT E . 18.90 10.13 6.71
O1P PGT E . 19.28 11.03 7.86
O2P PGT E . 17.51 9.58 6.93
O4P PGT E . 18.93 10.95 5.38
C4 PGT E . 18.01 11.96 5.19
C5 PGT E . 17.91 12.48 3.78
O5 PGT E . 19.13 12.90 3.28
C6 PGT E . 16.99 13.63 3.76
O6 PGT E . 17.56 14.89 3.82
C3 PGT E . 20.92 7.35 4.73
O3 PGT E . 21.04 7.07 3.37
C11 PGT E . 21.50 7.97 2.57
O11 PGT E . 21.66 9.14 2.96
C12 PGT E . 21.63 7.64 1.10
C13 PGT E . 20.52 6.81 0.51
C14 PGT E . 19.09 7.13 0.93
C15 PGT E . 17.99 6.38 0.24
C16 PGT E . 16.61 7.04 0.13
C17 PGT E . 15.63 6.44 -0.85
C18 PGT E . 14.45 7.30 -1.28
C19 PGT E . 13.10 6.96 -0.72
C20 PGT E . 11.88 7.41 -1.48
C21 PGT E . 10.73 6.44 -1.55
C22 PGT E . 9.34 7.01 -1.48
C23 PGT E . 9.16 8.42 -1.94
C24 PGT E . 7.81 9.06 -1.81
C25 PGT E . 6.76 8.70 -2.83
C26 PGT E . 6.01 7.42 -2.57
C4 CHT F . 0.85 23.66 -14.89
C5 CHT F . 1.08 24.52 -16.14
C6 CHT F . 1.30 26.42 -14.67
C7 CHT F . 1.86 26.61 -17.00
C8 CHT F . 3.27 25.33 -15.51
O6 CHT F . -0.40 23.98 -14.29
N1 CHT F . 1.88 25.71 -15.83
CL CL G . 27.82 13.24 -8.54
#